data_7ZWM
#
_entry.id   7ZWM
#
_cell.length_a   108.583
_cell.length_b   158.451
_cell.length_c   186.163
_cell.angle_alpha   90.000
_cell.angle_beta   90.000
_cell.angle_gamma   90.000
#
_symmetry.space_group_name_H-M   'P 21 21 21'
#
loop_
_entity.id
_entity.type
_entity.pdbx_description
1 polymer 'Gametocyte surface protein P45/48'
2 polymer '32F3 heavy chain'
3 polymer '32F3 light chain'
4 polymer '10D8 heavy chain'
5 polymer '10D8 light chain'
6 branched beta-D-mannopyranose-(1-4)-2-acetamido-2-deoxy-beta-D-glucopyranose-(1-4)-2-acetamido-2-deoxy-beta-D-glucopyranose
7 branched beta-D-mannopyranose-(1-4)-2-acetamido-2-deoxy-beta-D-glucopyranose-(1-4)-[alpha-L-fucopyranose-(1-6)]2-acetamido-2-deoxy-beta-D-glucopyranose
8 non-polymer 2-acetamido-2-deoxy-beta-D-glucopyranose
#
loop_
_entity_poly.entity_id
_entity_poly.type
_entity_poly.pdbx_seq_one_letter_code
_entity_poly.pdbx_strand_id
1 'polypeptide(L)'
;MMLYISAKKAQVAFILYIVLVLRIISGNNDFCKPSSLNSEISGFIGYKCNFSNEGVHNLKPDMRERRSIFCTIHSYFIYD
KIRLIIPKKSSSPEFKILPEKCFQKVYTDYENRVETDISELGLIEYEIEENDTNPNYNERTITISPFSPKDIEFFCFCDN
TEKVISSIEGRSAMVHVRVLKYPHNILFTNLTNDLFTYLPKTYNESNFVSNVLEVELNDGELFVLACELINKKCFQEGKE
KALYKSNKIIYHKNLTIFKAPFYVTSKDVNTECTCKFKNNNYKIVLKPKYEKKVIHGCNFSSNVSSKHTFTDSLDISLVD
DSAHISCNVHLSEPKYNHLVGLNCPGDIIPDCFFQVYQPESEELEPSNIVYLDSQINIGDIEYYEDAEGDDKIKLFGIVG
SIPKTTSFTCICKKDKKSAYMTVTIDSA
;
A,F
2 'polypeptide(L)'
;DVKLVESGGGLVKLGGSLKLSCAASGFTFSSYYMSWVRQTPEKRLELVAAINNNGGSTYYPDTVKGRFTISRDNAKNTLN
LQMNSLKSEDTALYYCTRQHYGNLYFFDYWGQGTTLTVSSAKTTPPSVYPLAPGSAAQTNSMVTLGCLVKGYFPEPVTVT
WNSGSLSSGVHTFPAVLESDLYTLSSSVTVPSSPWPSETVTCNVAHPASSTKVDKKIVPRDCGCKPCICTVPEVSSVFIF
PPKPKDVLTITLTPKVTCVVVDISKDDPEVQFSWFVDDVEVHTAQTQPREEQFNSTFRSVSELPIMHQDWLNGKEFKCRV
NSAAFPAPIEKTISKTKGRPKAPQVYTIPPPKEQMAKDKVSLTCMITDFFPEDITVEWQWNGQPAENYKNTQPIMNTNGS
YFVYSKLNVQKSNWEAGNTFTCSVLHEGLHNHHTEKSLSHSPGK
;
B,G
3 'polypeptide(L)'
;QIVLSQSPAILSASPGEKVTMTCRASSSVTYIHWYQQKPGSSPKPWIQATSSLASGVPARFSGSGSGTSYSLSISRVEAE
DAATYYCQQWSSNPLTFGAGTKLELKRADAAPTVSIFPPSSEQLTSGGASVVCFLNNFYPKDINVKWKIDGSERQNGVLN
SWTDQDSKDSTYSMSSTLTLTKDEYERHNSYTCEATHKTSTSPIVKSFNRNEC
;
C,H
4 'polypeptide(L)'
;MNFGLSLIFLVLVLKGVQCEVMLVESGGDLVKPGGSLKVSCAASGFTFSNYAMSWVRQTPEKRLEWVATISSGASYTHYP
DSVKGRFTISRDNAKNTLYLQMSSLRSEDTAMYYCGRQVNRHDRALDAMDYWGQGTSVTVSPAKTTPPSVYPLAPGSAAQ
TNSMVTLGCLVKGYFPEPVTVTWNSGSLSSGVHTFPAVLQSDLYTLSSSVTVPSSTWPSETVTCNVAHPASSTKVDKKIV
PRDCGCKPCICTVPEVSSVFIFPPKPKDVLTITLTPKVTCVVVDISKDDPEVQFSWFVDDVEVHTAQTQPREEQFNSTFR
SVSELPIMHQDWLNGKEFKCRVNSAAFPAPIEKTISKTKGRPKAPQVYTIPPPKEQMAKDKVSLTCMITDFFPEDITVEW
QWNGQPAENYKNTQPIMDTDGSYFVYSKLNVQKSNWEAGNTFTCSVLHEGLHNHHTEKSLSHSPGK
;
D,I
5 'polypeptide(L)'
;MDSQAQVLMLLLLWVSGTCGDIVMSQSPSSLAVSVGEKVTMSCKSSQSLFYSSNQKNYLAWYQQKPGQSPKLLIYWASTR
ESGVPDRFTGSGSGTDFTLTISSVKAEDLAVYYCQQYYSYPPTFGGGTKLEIKRADAAPTVSIFPPSSEQLTSGGASVVC
FLNNFYPKDINVKWKIDGSERQNGVLNSWTDQDSKDSTYSMSSTLTLTKDEYERHNSYTCEATHKTSTSPIVKSFNRNEC
;
E,J
#
loop_
_chem_comp.id
_chem_comp.type
_chem_comp.name
_chem_comp.formula
BMA D-saccharide, beta linking beta-D-mannopyranose 'C6 H12 O6'
FUC L-saccharide, alpha linking alpha-L-fucopyranose 'C6 H12 O5'
NAG D-saccharide, beta linking 2-acetamido-2-deoxy-beta-D-glucopyranose 'C8 H15 N O6'
#
# COMPACT_ATOMS: atom_id res chain seq x y z
N TYR A 182 -30.64 -19.01 5.41
CA TYR A 182 -29.94 -20.26 5.71
C TYR A 182 -28.41 -20.12 5.57
N PRO A 183 -27.77 -19.48 6.53
CA PRO A 183 -26.32 -19.28 6.47
C PRO A 183 -25.56 -20.40 7.17
N HIS A 184 -24.24 -20.40 6.94
CA HIS A 184 -23.35 -21.36 7.54
C HIS A 184 -21.96 -20.73 7.62
N ASN A 185 -21.00 -21.52 8.09
CA ASN A 185 -19.59 -21.15 8.17
C ASN A 185 -19.34 -20.17 9.31
N ILE A 186 -20.20 -19.16 9.48
CA ILE A 186 -19.92 -18.11 10.48
C ILE A 186 -20.14 -18.64 11.90
N LEU A 187 -19.48 -17.98 12.86
CA LEU A 187 -19.56 -18.33 14.28
C LEU A 187 -19.90 -17.12 15.11
N PHE A 188 -20.92 -17.23 15.96
CA PHE A 188 -21.48 -16.10 16.69
C PHE A 188 -21.33 -16.34 18.18
N THR A 189 -20.85 -15.32 18.89
CA THR A 189 -20.51 -15.43 20.31
C THR A 189 -21.36 -14.44 21.08
N ASN A 190 -22.50 -14.92 21.58
CA ASN A 190 -23.44 -14.08 22.34
C ASN A 190 -22.93 -13.98 23.77
N LEU A 191 -22.24 -12.89 24.09
CA LEU A 191 -21.76 -12.60 25.43
C LEU A 191 -22.31 -11.28 25.94
N THR A 192 -23.58 -10.99 25.64
CA THR A 192 -24.22 -9.78 26.13
C THR A 192 -25.73 -10.05 26.20
N ASN A 193 -26.53 -8.98 26.26
CA ASN A 193 -27.98 -9.09 26.39
C ASN A 193 -28.71 -8.36 25.28
N ASP A 194 -28.54 -7.04 25.17
CA ASP A 194 -29.16 -6.25 24.10
C ASP A 194 -28.52 -4.87 24.07
N PRO A 200 -26.04 -19.97 11.37
CA PRO A 200 -25.01 -19.33 12.20
C PRO A 200 -24.65 -20.13 13.45
N LYS A 201 -23.49 -20.78 13.43
CA LYS A 201 -23.05 -21.55 14.59
C LYS A 201 -22.90 -20.62 15.78
N THR A 202 -23.66 -20.89 16.85
CA THR A 202 -23.65 -20.06 18.03
C THR A 202 -22.70 -20.64 19.07
N TYR A 203 -21.78 -19.81 19.54
CA TYR A 203 -20.83 -20.13 20.60
C TYR A 203 -21.13 -19.24 21.80
N ASN A 204 -21.24 -19.81 22.99
CA ASN A 204 -21.51 -19.00 24.18
C ASN A 204 -20.54 -19.39 25.29
N GLU A 205 -20.87 -18.98 26.52
CA GLU A 205 -19.98 -19.20 27.66
C GLU A 205 -19.72 -20.68 27.88
N SER A 206 -20.69 -21.54 27.56
CA SER A 206 -20.52 -22.96 27.79
C SER A 206 -19.36 -23.54 26.98
N ASN A 207 -19.04 -22.94 25.85
CA ASN A 207 -18.00 -23.47 24.98
C ASN A 207 -16.59 -23.11 25.44
N PHE A 208 -16.46 -22.27 26.47
CA PHE A 208 -15.15 -21.90 26.99
C PHE A 208 -14.59 -23.00 27.90
N VAL A 209 -13.27 -23.06 27.99
CA VAL A 209 -12.57 -23.94 28.92
C VAL A 209 -11.68 -23.07 29.79
N SER A 210 -11.98 -23.03 31.09
CA SER A 210 -11.29 -22.14 32.02
C SER A 210 -11.32 -20.69 31.51
N ASN A 211 -12.48 -20.27 31.02
CA ASN A 211 -12.72 -18.93 30.46
C ASN A 211 -11.89 -18.65 29.21
N VAL A 212 -11.47 -19.68 28.49
CA VAL A 212 -10.70 -19.52 27.25
C VAL A 212 -11.46 -20.18 26.11
N LEU A 213 -11.38 -19.57 24.93
CA LEU A 213 -12.01 -20.12 23.71
C LEU A 213 -10.94 -20.25 22.64
N GLU A 214 -10.41 -21.47 22.46
CA GLU A 214 -9.40 -21.73 21.43
C GLU A 214 -10.09 -22.04 20.11
N VAL A 215 -10.62 -20.98 19.51
CA VAL A 215 -11.39 -21.11 18.27
C VAL A 215 -10.42 -21.18 17.10
N GLU A 216 -10.66 -22.10 16.19
CA GLU A 216 -9.77 -22.42 15.09
C GLU A 216 -10.49 -22.08 13.79
N LEU A 217 -10.16 -20.92 13.22
CA LEU A 217 -10.83 -20.45 12.02
C LEU A 217 -10.24 -21.06 10.76
N ASN A 218 -11.06 -21.15 9.73
CA ASN A 218 -10.69 -21.73 8.45
C ASN A 218 -10.70 -20.66 7.36
N ASP A 219 -10.25 -21.06 6.18
CA ASP A 219 -10.18 -20.13 5.06
C ASP A 219 -11.56 -19.55 4.76
N GLY A 220 -11.60 -18.23 4.61
CA GLY A 220 -12.87 -17.57 4.30
C GLY A 220 -13.97 -17.90 5.28
N GLU A 221 -13.66 -17.87 6.58
CA GLU A 221 -14.63 -18.11 7.64
C GLU A 221 -14.75 -16.88 8.51
N LEU A 222 -15.98 -16.45 8.75
CA LEU A 222 -16.26 -15.18 9.41
C LEU A 222 -16.59 -15.43 10.87
N PHE A 223 -15.77 -14.89 11.77
CA PHE A 223 -16.01 -14.96 13.21
C PHE A 223 -16.69 -13.68 13.68
N VAL A 224 -17.72 -13.83 14.51
CA VAL A 224 -18.48 -12.71 15.04
C VAL A 224 -18.66 -12.90 16.53
N LEU A 225 -18.43 -11.83 17.30
CA LEU A 225 -18.67 -11.80 18.73
C LEU A 225 -19.44 -10.54 19.10
N ALA A 226 -20.23 -10.61 20.17
CA ALA A 226 -21.07 -9.49 20.60
C ALA A 226 -20.89 -9.32 22.12
N CYS A 227 -19.85 -8.59 22.50
CA CYS A 227 -19.58 -8.35 23.91
C CYS A 227 -18.73 -7.09 24.04
N GLU A 228 -18.72 -6.52 25.26
CA GLU A 228 -17.99 -5.29 25.56
C GLU A 228 -16.53 -5.65 25.84
N LEU A 229 -15.66 -5.40 24.87
CA LEU A 229 -14.26 -5.69 25.03
C LEU A 229 -13.65 -4.80 26.11
N ILE A 230 -12.55 -5.28 26.70
CA ILE A 230 -11.95 -4.58 27.83
C ILE A 230 -11.33 -3.25 27.38
N ASN A 231 -10.43 -3.32 26.41
CA ASN A 231 -9.70 -2.14 25.95
C ASN A 231 -10.18 -1.67 24.56
N LYS A 232 -11.43 -1.99 24.20
CA LYS A 232 -12.01 -1.59 22.92
C LYS A 232 -11.11 -1.97 21.74
N LYS A 233 -10.34 -3.05 21.89
CA LYS A 233 -9.35 -3.46 20.90
C LYS A 233 -8.83 -4.85 21.26
N CYS A 234 -8.39 -5.58 20.23
CA CYS A 234 -7.98 -6.96 20.44
C CYS A 234 -6.70 -7.32 19.70
N PHE A 235 -6.63 -6.99 18.41
CA PHE A 235 -5.81 -7.74 17.47
C PHE A 235 -4.34 -7.38 17.62
N GLN A 236 -3.56 -8.39 18.00
CA GLN A 236 -2.22 -8.23 18.50
C GLN A 236 -1.44 -9.48 18.14
N GLU A 237 -0.36 -9.74 18.88
CA GLU A 237 0.35 -11.01 18.85
C GLU A 237 0.36 -11.59 20.26
N GLY A 238 0.36 -12.92 20.34
CA GLY A 238 0.44 -13.60 21.61
C GLY A 238 1.34 -14.82 21.52
N LYS A 239 2.66 -14.58 21.50
CA LYS A 239 3.66 -15.61 21.24
C LYS A 239 3.46 -16.24 19.87
N LYS A 245 -2.75 -12.05 12.49
CA LYS A 245 -2.69 -11.04 11.43
C LYS A 245 -4.07 -10.86 10.79
N SER A 246 -4.67 -9.70 11.05
CA SER A 246 -6.06 -9.43 10.70
C SER A 246 -6.12 -8.68 9.38
N ASN A 247 -6.62 -9.36 8.33
CA ASN A 247 -6.87 -8.68 7.08
C ASN A 247 -8.00 -7.66 7.22
N LYS A 248 -9.17 -8.13 7.67
CA LYS A 248 -10.34 -7.28 7.83
C LYS A 248 -10.91 -7.48 9.23
N ILE A 249 -10.99 -6.40 10.01
CA ILE A 249 -11.64 -6.41 11.31
C ILE A 249 -12.48 -5.14 11.42
N ILE A 250 -13.77 -5.31 11.68
CA ILE A 250 -14.68 -4.18 11.85
C ILE A 250 -15.09 -4.15 13.31
N TYR A 251 -14.83 -3.03 13.97
CA TYR A 251 -15.18 -2.86 15.39
C TYR A 251 -16.43 -2.00 15.47
N HIS A 252 -17.50 -2.58 15.98
CA HIS A 252 -18.74 -1.85 16.23
C HIS A 252 -19.07 -1.89 17.71
N LYS A 253 -20.04 -1.08 18.11
CA LYS A 253 -20.37 -0.96 19.53
C LYS A 253 -20.93 -2.28 20.05
N ASN A 254 -20.20 -2.88 21.00
CA ASN A 254 -20.59 -4.15 21.61
C ASN A 254 -20.70 -5.26 20.56
N LEU A 255 -19.81 -5.24 19.57
CA LEU A 255 -19.84 -6.19 18.46
C LEU A 255 -18.58 -6.07 17.61
N THR A 256 -17.95 -7.20 17.29
CA THR A 256 -16.73 -7.20 16.51
C THR A 256 -16.80 -8.30 15.46
N ILE A 257 -16.54 -7.93 14.21
CA ILE A 257 -16.60 -8.84 13.06
C ILE A 257 -15.19 -9.05 12.55
N PHE A 258 -14.82 -10.30 12.32
CA PHE A 258 -13.49 -10.66 11.83
C PHE A 258 -13.62 -11.72 10.75
N LYS A 259 -12.97 -11.49 9.61
CA LYS A 259 -12.92 -12.45 8.52
C LYS A 259 -11.51 -13.04 8.44
N ALA A 260 -11.43 -14.37 8.42
CA ALA A 260 -10.15 -15.04 8.44
C ALA A 260 -9.44 -14.88 7.10
N PRO A 261 -8.17 -14.51 7.08
CA PRO A 261 -7.45 -14.33 5.82
C PRO A 261 -7.31 -15.65 5.06
N PHE A 262 -6.83 -15.53 3.81
CA PHE A 262 -6.71 -16.68 2.92
C PHE A 262 -5.28 -17.20 2.80
N TYR A 263 -4.28 -16.37 3.05
CA TYR A 263 -2.89 -16.80 2.99
C TYR A 263 -2.16 -16.33 4.22
N VAL A 264 -1.35 -17.21 4.80
CA VAL A 264 -0.50 -16.86 5.92
C VAL A 264 0.61 -17.90 6.00
N THR A 265 1.79 -17.46 6.46
CA THR A 265 2.92 -18.35 6.65
C THR A 265 3.27 -18.58 8.12
N SER A 266 2.70 -17.79 9.02
CA SER A 266 2.97 -17.95 10.43
C SER A 266 2.36 -19.24 10.96
N LYS A 267 3.14 -20.00 11.73
CA LYS A 267 2.65 -21.25 12.29
C LYS A 267 1.45 -21.02 13.19
N ASP A 268 1.60 -20.14 14.19
CA ASP A 268 0.59 -19.92 15.23
C ASP A 268 0.44 -18.42 15.48
N VAL A 269 -0.03 -17.70 14.46
CA VAL A 269 -0.33 -16.29 14.64
C VAL A 269 -1.73 -16.16 15.22
N ASN A 270 -1.83 -15.67 16.45
CA ASN A 270 -3.07 -15.68 17.21
C ASN A 270 -3.54 -14.27 17.51
N THR A 271 -4.82 -14.16 17.85
CA THR A 271 -5.45 -12.92 18.28
C THR A 271 -6.28 -13.19 19.53
N GLU A 272 -6.07 -12.40 20.57
CA GLU A 272 -6.63 -12.67 21.89
C GLU A 272 -7.58 -11.53 22.27
N CYS A 273 -8.81 -11.65 21.79
CA CYS A 273 -9.91 -10.77 22.20
C CYS A 273 -10.24 -11.05 23.65
N THR A 274 -9.79 -10.18 24.55
CA THR A 274 -10.11 -10.28 25.97
C THR A 274 -11.38 -9.50 26.26
N CYS A 275 -12.44 -10.20 26.63
CA CYS A 275 -13.76 -9.58 26.84
C CYS A 275 -14.22 -9.76 28.28
N LYS A 276 -15.39 -9.19 28.57
CA LYS A 276 -16.01 -9.28 29.89
C LYS A 276 -17.51 -9.45 29.73
N PHE A 277 -18.10 -10.24 30.63
CA PHE A 277 -19.54 -10.35 30.76
C PHE A 277 -19.87 -10.78 32.18
N LYS A 278 -20.93 -10.20 32.73
CA LYS A 278 -21.33 -10.40 34.13
C LYS A 278 -20.14 -9.95 34.98
N ASN A 279 -19.73 -10.72 35.98
CA ASN A 279 -18.51 -10.47 36.73
C ASN A 279 -17.41 -11.45 36.34
N ASN A 280 -17.32 -11.74 35.04
CA ASN A 280 -16.39 -12.71 34.51
C ASN A 280 -15.52 -12.08 33.43
N ASN A 281 -14.34 -12.66 33.21
CA ASN A 281 -13.38 -12.16 32.23
C ASN A 281 -12.98 -13.31 31.32
N TYR A 282 -13.45 -13.27 30.08
CA TYR A 282 -13.19 -14.31 29.08
C TYR A 282 -12.22 -13.81 28.02
N LYS A 283 -11.43 -14.74 27.48
CA LYS A 283 -10.50 -14.42 26.40
C LYS A 283 -10.75 -15.37 25.24
N ILE A 284 -10.68 -14.82 24.03
CA ILE A 284 -10.95 -15.56 22.80
C ILE A 284 -9.66 -15.58 21.99
N VAL A 285 -9.06 -16.75 21.85
CA VAL A 285 -7.84 -16.91 21.07
C VAL A 285 -8.24 -17.45 19.70
N LEU A 286 -8.13 -16.59 18.67
CA LEU A 286 -8.38 -16.99 17.30
C LEU A 286 -7.08 -17.41 16.63
N LYS A 287 -7.13 -18.50 15.86
CA LYS A 287 -5.94 -18.97 15.16
C LYS A 287 -6.33 -19.79 13.93
N PRO A 288 -5.69 -19.55 12.79
CA PRO A 288 -6.03 -20.30 11.58
C PRO A 288 -5.41 -21.69 11.56
N LYS A 289 -6.06 -22.58 10.83
CA LYS A 289 -5.55 -23.93 10.67
C LYS A 289 -4.30 -23.91 9.82
N TYR A 290 -3.21 -24.51 10.33
CA TYR A 290 -1.95 -24.48 9.61
C TYR A 290 -2.00 -25.37 8.38
N GLU A 291 -1.76 -24.79 7.21
CA GLU A 291 -1.77 -25.50 5.95
C GLU A 291 -0.71 -24.94 5.03
N LYS A 292 0.16 -25.82 4.52
CA LYS A 292 1.21 -25.44 3.57
C LYS A 292 0.60 -25.23 2.20
N LYS A 293 0.12 -24.01 1.95
CA LYS A 293 -0.39 -23.67 0.63
C LYS A 293 0.76 -23.50 -0.35
N VAL A 294 0.68 -24.20 -1.49
CA VAL A 294 1.75 -24.22 -2.47
C VAL A 294 1.39 -23.24 -3.58
N ILE A 295 2.22 -22.22 -3.76
CA ILE A 295 1.97 -21.19 -4.76
C ILE A 295 2.23 -21.76 -6.15
N HIS A 296 1.22 -21.69 -7.01
CA HIS A 296 1.34 -22.16 -8.39
C HIS A 296 2.03 -21.08 -9.22
N GLY A 297 3.36 -21.14 -9.26
CA GLY A 297 4.11 -20.16 -10.01
C GLY A 297 5.56 -20.58 -10.13
N CYS A 298 6.39 -19.60 -10.51
CA CYS A 298 7.81 -19.82 -10.76
C CYS A 298 8.63 -19.00 -9.79
N ASN A 299 9.53 -19.67 -9.05
CA ASN A 299 10.49 -19.00 -8.19
C ASN A 299 11.76 -18.73 -9.00
N PHE A 300 11.96 -17.47 -9.40
CA PHE A 300 13.14 -17.12 -10.16
C PHE A 300 14.37 -16.89 -9.29
N SER A 301 14.18 -16.71 -7.99
CA SER A 301 15.29 -16.45 -7.08
C SER A 301 16.07 -17.73 -6.80
N SER A 302 17.24 -17.56 -6.19
CA SER A 302 18.12 -18.68 -5.90
C SER A 302 18.13 -19.09 -4.44
N ASN A 303 17.85 -18.15 -3.53
CA ASN A 303 17.73 -18.47 -2.12
C ASN A 303 16.72 -19.58 -1.90
N VAL A 304 17.07 -20.54 -1.06
CA VAL A 304 16.21 -21.69 -0.78
C VAL A 304 15.60 -21.64 0.61
N SER A 305 15.93 -20.63 1.41
CA SER A 305 15.36 -20.48 2.75
C SER A 305 14.12 -19.58 2.76
N SER A 306 13.29 -19.67 1.72
CA SER A 306 12.12 -18.81 1.60
C SER A 306 10.97 -19.34 2.44
N LYS A 307 10.05 -18.43 2.77
CA LYS A 307 8.82 -18.77 3.49
C LYS A 307 7.71 -19.24 2.57
N HIS A 308 7.96 -19.29 1.26
CA HIS A 308 6.94 -19.61 0.28
C HIS A 308 7.41 -20.75 -0.60
N THR A 309 6.46 -21.55 -1.08
CA THR A 309 6.75 -22.73 -1.87
C THR A 309 6.10 -22.60 -3.24
N PHE A 310 6.89 -22.76 -4.29
CA PHE A 310 6.44 -22.59 -5.66
C PHE A 310 6.43 -23.93 -6.38
N THR A 311 5.40 -24.13 -7.21
CA THR A 311 5.27 -25.38 -7.95
C THR A 311 6.40 -25.54 -8.95
N ASP A 312 6.77 -24.46 -9.61
CA ASP A 312 7.84 -24.46 -10.59
C ASP A 312 8.87 -23.40 -10.20
N SER A 313 10.04 -23.46 -10.84
CA SER A 313 11.12 -22.54 -10.49
C SER A 313 12.13 -22.52 -11.63
N LEU A 314 12.80 -21.37 -11.76
CA LEU A 314 13.77 -21.15 -12.85
C LEU A 314 14.77 -20.09 -12.38
N ASP A 315 15.95 -20.52 -11.95
CA ASP A 315 16.96 -19.60 -11.42
C ASP A 315 17.40 -18.66 -12.54
N ILE A 316 16.91 -17.43 -12.49
CA ILE A 316 17.20 -16.46 -13.56
C ILE A 316 18.68 -16.14 -13.59
N SER A 317 19.36 -16.25 -12.44
CA SER A 317 20.79 -15.94 -12.40
C SER A 317 21.61 -16.85 -13.32
N LEU A 318 21.08 -18.05 -13.64
CA LEU A 318 21.77 -18.95 -14.56
C LEU A 318 21.47 -18.67 -16.02
N VAL A 319 20.41 -17.90 -16.30
CA VAL A 319 19.96 -17.69 -17.67
C VAL A 319 20.97 -16.85 -18.45
N ASP A 320 20.98 -17.05 -19.77
CA ASP A 320 21.80 -16.23 -20.67
C ASP A 320 21.51 -14.75 -20.46
N ASP A 321 22.57 -13.94 -20.55
CA ASP A 321 22.37 -12.51 -20.66
C ASP A 321 21.68 -12.20 -21.97
N SER A 322 20.87 -11.13 -21.96
CA SER A 322 20.14 -10.68 -23.16
C SER A 322 19.21 -11.76 -23.70
N ALA A 323 18.71 -12.62 -22.81
CA ALA A 323 17.81 -13.70 -23.18
C ALA A 323 16.43 -13.47 -22.60
N HIS A 324 15.49 -14.32 -23.01
CA HIS A 324 14.10 -14.22 -22.55
C HIS A 324 13.52 -15.64 -22.52
N ILE A 325 13.70 -16.31 -21.40
CA ILE A 325 13.29 -17.69 -21.20
C ILE A 325 11.93 -17.71 -20.51
N SER A 326 11.10 -18.68 -20.89
CA SER A 326 9.74 -18.79 -20.37
C SER A 326 9.66 -19.87 -19.30
N CYS A 327 8.71 -19.71 -18.39
CA CYS A 327 8.40 -20.67 -17.34
C CYS A 327 6.88 -20.79 -17.32
N ASN A 328 6.35 -21.83 -17.95
CA ASN A 328 4.93 -22.01 -18.12
C ASN A 328 4.29 -22.60 -16.87
N VAL A 329 3.02 -22.26 -16.66
CA VAL A 329 2.22 -22.71 -15.52
C VAL A 329 0.79 -22.89 -16.01
N HIS A 330 0.15 -23.99 -15.61
CA HIS A 330 -1.17 -24.33 -16.12
C HIS A 330 -2.08 -24.79 -14.99
N LEU A 331 -3.38 -24.56 -15.17
CA LEU A 331 -4.40 -24.98 -14.22
C LEU A 331 -5.63 -25.46 -14.98
N SER A 332 -6.27 -26.50 -14.47
CA SER A 332 -7.45 -27.06 -15.11
C SER A 332 -8.29 -27.82 -14.08
N GLU A 333 -8.72 -27.12 -13.03
CA GLU A 333 -9.61 -27.67 -12.02
C GLU A 333 -11.03 -27.16 -12.24
N PRO A 334 -12.07 -27.91 -11.80
CA PRO A 334 -13.45 -27.44 -11.96
C PRO A 334 -13.71 -26.22 -11.11
N LYS A 335 -13.30 -26.30 -9.84
CA LYS A 335 -13.33 -25.18 -8.93
C LYS A 335 -11.90 -24.87 -8.50
N TYR A 336 -11.63 -23.60 -8.23
CA TYR A 336 -10.30 -23.16 -7.87
C TYR A 336 -10.26 -22.63 -6.44
N ASN A 337 -9.09 -22.82 -5.83
CA ASN A 337 -8.75 -22.33 -4.49
C ASN A 337 -7.23 -22.28 -4.39
N HIS A 338 -6.59 -21.46 -5.23
CA HIS A 338 -5.17 -21.55 -5.45
C HIS A 338 -4.50 -20.19 -5.33
N LEU A 339 -3.19 -20.23 -5.15
CA LEU A 339 -2.34 -19.04 -5.10
C LEU A 339 -1.38 -19.10 -6.28
N VAL A 340 -1.40 -18.05 -7.11
CA VAL A 340 -0.56 -17.93 -8.28
C VAL A 340 0.31 -16.70 -8.11
N GLY A 341 1.62 -16.87 -8.23
CA GLY A 341 2.54 -15.77 -8.06
C GLY A 341 3.93 -16.14 -8.52
N LEU A 342 4.88 -15.26 -8.21
CA LEU A 342 6.26 -15.44 -8.60
C LEU A 342 7.17 -14.75 -7.58
N ASN A 343 8.42 -15.20 -7.52
CA ASN A 343 9.45 -14.62 -6.67
C ASN A 343 10.57 -14.12 -7.57
N CYS A 344 10.57 -12.81 -7.85
CA CYS A 344 11.53 -12.17 -8.74
C CYS A 344 12.58 -11.41 -7.95
N PRO A 345 13.87 -11.71 -8.15
CA PRO A 345 14.92 -10.97 -7.45
C PRO A 345 15.17 -9.57 -8.00
N GLY A 346 14.49 -9.19 -9.08
CA GLY A 346 14.65 -7.86 -9.66
C GLY A 346 13.33 -7.22 -10.05
N ASP A 347 13.39 -6.29 -11.00
CA ASP A 347 12.21 -5.55 -11.43
C ASP A 347 11.21 -6.48 -12.13
N ILE A 348 9.92 -6.18 -11.96
CA ILE A 348 8.84 -7.00 -12.49
C ILE A 348 8.03 -6.17 -13.48
N ILE A 349 7.42 -6.85 -14.44
CA ILE A 349 6.66 -6.19 -15.51
C ILE A 349 5.41 -7.00 -15.84
N PRO A 350 4.20 -6.41 -15.75
CA PRO A 350 4.00 -5.07 -15.21
C PRO A 350 3.81 -5.19 -13.70
N ASP A 351 3.00 -4.34 -13.08
CA ASP A 351 2.69 -4.53 -11.66
C ASP A 351 1.84 -5.78 -11.54
N CYS A 352 2.47 -6.91 -11.22
CA CYS A 352 1.74 -8.17 -11.07
C CYS A 352 1.34 -8.37 -9.61
N PHE A 353 0.15 -8.90 -9.43
CA PHE A 353 -0.66 -9.30 -10.56
C PHE A 353 -1.89 -8.45 -10.70
N PHE A 354 -1.83 -7.22 -10.16
CA PHE A 354 -2.93 -6.29 -10.41
C PHE A 354 -3.01 -5.95 -11.88
N GLN A 355 -1.87 -5.76 -12.53
CA GLN A 355 -1.78 -5.63 -13.98
C GLN A 355 -1.06 -6.86 -14.51
N VAL A 356 -1.44 -7.30 -15.70
CA VAL A 356 -0.82 -8.45 -16.34
C VAL A 356 -0.62 -8.18 -17.82
N TYR A 357 0.13 -9.07 -18.44
CA TYR A 357 0.54 -8.96 -19.83
C TYR A 357 -0.23 -9.97 -20.66
N GLN A 358 -0.94 -9.50 -21.69
CA GLN A 358 -1.75 -10.34 -22.56
C GLN A 358 -0.91 -11.47 -23.14
N PRO A 359 -1.53 -12.59 -23.47
CA PRO A 359 -0.79 -13.72 -24.04
C PRO A 359 -0.30 -13.42 -25.45
N GLU A 360 0.63 -14.26 -25.90
CA GLU A 360 1.28 -14.06 -27.19
C GLU A 360 0.30 -14.34 -28.32
N SER A 361 0.39 -13.54 -29.38
CA SER A 361 -0.45 -13.72 -30.55
C SER A 361 0.27 -14.59 -31.57
N GLU A 362 -0.47 -15.53 -32.16
CA GLU A 362 0.10 -16.36 -33.22
C GLU A 362 0.41 -15.53 -34.45
N GLU A 363 -0.56 -14.74 -34.91
CA GLU A 363 -0.33 -13.77 -35.97
C GLU A 363 0.43 -12.56 -35.40
N LEU A 364 0.74 -11.60 -36.27
CA LEU A 364 1.55 -10.45 -35.85
C LEU A 364 0.64 -9.38 -35.26
N GLU A 365 0.16 -9.67 -34.05
CA GLU A 365 -0.65 -8.73 -33.30
C GLU A 365 0.02 -8.36 -31.99
N PRO A 366 -0.14 -7.13 -31.52
CA PRO A 366 0.51 -6.72 -30.28
C PRO A 366 -0.20 -7.26 -29.04
N SER A 367 0.57 -7.45 -27.98
CA SER A 367 0.07 -7.85 -26.67
C SER A 367 0.21 -6.69 -25.69
N ASN A 368 -0.85 -6.43 -24.93
CA ASN A 368 -0.98 -5.23 -24.12
C ASN A 368 -1.05 -5.58 -22.64
N ILE A 369 -1.03 -4.54 -21.81
CA ILE A 369 -1.14 -4.66 -20.36
C ILE A 369 -2.59 -4.37 -19.97
N VAL A 370 -3.20 -5.30 -19.24
CA VAL A 370 -4.58 -5.20 -18.80
C VAL A 370 -4.62 -5.44 -17.30
N TYR A 371 -5.74 -5.04 -16.70
CA TYR A 371 -6.00 -5.33 -15.30
C TYR A 371 -6.51 -6.76 -15.15
N LEU A 372 -5.97 -7.49 -14.18
CA LEU A 372 -6.35 -8.88 -14.00
C LEU A 372 -7.85 -9.03 -13.76
N ASP A 373 -8.47 -8.03 -13.14
CA ASP A 373 -9.92 -8.06 -12.90
C ASP A 373 -10.68 -8.33 -14.20
N SER A 374 -10.34 -7.60 -15.26
CA SER A 374 -11.06 -7.77 -16.52
C SER A 374 -10.60 -9.03 -17.25
N GLN A 375 -9.33 -9.39 -17.11
CA GLN A 375 -8.77 -10.49 -17.90
C GLN A 375 -9.44 -11.81 -17.55
N ILE A 376 -9.42 -12.18 -16.27
CA ILE A 376 -10.04 -13.45 -15.87
C ILE A 376 -11.52 -13.31 -15.58
N ASN A 377 -12.02 -12.08 -15.47
CA ASN A 377 -13.45 -11.78 -15.46
C ASN A 377 -14.14 -12.37 -14.23
N ILE A 378 -13.53 -12.17 -13.06
CA ILE A 378 -14.15 -12.47 -11.78
C ILE A 378 -13.97 -11.26 -10.88
N GLY A 379 -14.67 -11.28 -9.75
CA GLY A 379 -14.65 -10.16 -8.84
C GLY A 379 -13.72 -10.34 -7.67
N ASP A 380 -13.86 -11.46 -6.96
CA ASP A 380 -13.10 -11.70 -5.75
C ASP A 380 -11.68 -12.13 -6.12
N ILE A 381 -10.79 -11.14 -6.25
CA ILE A 381 -9.37 -11.39 -6.48
C ILE A 381 -8.62 -10.80 -5.31
N GLU A 382 -8.08 -11.65 -4.44
CA GLU A 382 -7.20 -11.21 -3.38
C GLU A 382 -5.79 -11.03 -3.94
N TYR A 383 -5.09 -10.02 -3.43
CA TYR A 383 -3.72 -9.74 -3.83
C TYR A 383 -2.81 -9.73 -2.60
N TYR A 384 -1.57 -10.16 -2.80
CA TYR A 384 -0.61 -10.31 -1.71
C TYR A 384 0.76 -9.91 -2.21
N GLU A 385 1.55 -9.27 -1.34
CA GLU A 385 2.90 -8.86 -1.66
C GLU A 385 3.80 -9.19 -0.47
N ASP A 386 5.08 -9.41 -0.76
CA ASP A 386 6.05 -9.79 0.26
C ASP A 386 7.45 -9.55 -0.30
N ALA A 387 8.43 -9.49 0.60
CA ALA A 387 9.80 -9.19 0.22
C ALA A 387 10.76 -9.91 1.16
N GLU A 388 11.63 -10.75 0.59
CA GLU A 388 12.67 -11.47 1.32
C GLU A 388 14.02 -10.96 0.82
N GLY A 389 14.58 -9.99 1.53
CA GLY A 389 15.79 -9.33 1.08
C GLY A 389 15.55 -8.54 -0.18
N ASP A 390 16.23 -8.90 -1.26
CA ASP A 390 15.98 -8.28 -2.56
C ASP A 390 14.86 -8.94 -3.33
N ASP A 391 14.51 -10.18 -2.98
CA ASP A 391 13.49 -10.91 -3.72
C ASP A 391 12.11 -10.33 -3.45
N LYS A 392 11.48 -9.80 -4.48
CA LYS A 392 10.08 -9.40 -4.39
C LYS A 392 9.19 -10.56 -4.84
N ILE A 393 8.12 -10.80 -4.11
CA ILE A 393 7.23 -11.90 -4.41
C ILE A 393 5.80 -11.40 -4.33
N LYS A 394 5.12 -11.40 -5.47
CA LYS A 394 3.76 -10.89 -5.64
C LYS A 394 2.89 -12.02 -6.15
N LEU A 395 1.71 -12.18 -5.55
CA LEU A 395 0.81 -13.26 -5.93
C LEU A 395 -0.64 -12.83 -5.74
N PHE A 396 -1.54 -13.63 -6.30
CA PHE A 396 -2.97 -13.38 -6.24
C PHE A 396 -3.68 -14.69 -5.98
N GLY A 397 -4.85 -14.62 -5.35
CA GLY A 397 -5.65 -15.78 -5.01
C GLY A 397 -6.90 -15.86 -5.88
N ILE A 398 -7.29 -17.09 -6.21
CA ILE A 398 -8.43 -17.37 -7.07
C ILE A 398 -9.32 -18.40 -6.40
N VAL A 399 -10.61 -18.10 -6.29
CA VAL A 399 -11.59 -18.97 -5.65
C VAL A 399 -12.82 -19.06 -6.53
N GLY A 400 -13.22 -20.28 -6.86
CA GLY A 400 -14.38 -20.53 -7.69
C GLY A 400 -14.00 -21.08 -9.05
N SER A 401 -14.96 -21.02 -9.97
CA SER A 401 -14.78 -21.45 -11.35
C SER A 401 -14.80 -20.22 -12.26
N ILE A 402 -13.80 -20.12 -13.12
CA ILE A 402 -13.65 -18.96 -14.00
C ILE A 402 -14.65 -19.06 -15.14
N PRO A 403 -15.05 -17.94 -15.73
CA PRO A 403 -16.00 -17.98 -16.86
C PRO A 403 -15.42 -18.65 -18.09
N LYS A 404 -14.28 -18.16 -18.57
CA LYS A 404 -13.64 -18.69 -19.77
C LYS A 404 -12.17 -18.99 -19.50
N THR A 405 -11.66 -20.01 -20.18
CA THR A 405 -10.25 -20.39 -20.08
C THR A 405 -9.37 -19.22 -20.53
N THR A 406 -8.58 -18.67 -19.62
CA THR A 406 -7.81 -17.46 -19.86
C THR A 406 -6.33 -17.68 -19.53
N SER A 407 -5.48 -16.84 -20.14
CA SER A 407 -4.03 -16.94 -20.00
C SER A 407 -3.44 -15.56 -19.94
N PHE A 408 -2.28 -15.46 -19.29
CA PHE A 408 -1.59 -14.19 -19.15
C PHE A 408 -0.12 -14.47 -18.80
N THR A 409 0.66 -13.40 -18.74
CA THR A 409 2.10 -13.48 -18.59
C THR A 409 2.60 -12.38 -17.67
N CYS A 410 3.65 -12.67 -16.91
CA CYS A 410 4.33 -11.71 -16.07
C CYS A 410 5.84 -11.82 -16.29
N ILE A 411 6.51 -10.66 -16.39
CA ILE A 411 7.91 -10.61 -16.82
C ILE A 411 8.80 -10.19 -15.66
N CYS A 412 9.92 -10.89 -15.51
CA CYS A 412 10.87 -10.66 -14.43
C CYS A 412 12.27 -10.50 -15.01
N LYS A 413 12.89 -9.35 -14.77
CA LYS A 413 14.25 -9.08 -15.24
C LYS A 413 15.18 -8.81 -14.06
N LYS A 414 16.43 -9.25 -14.22
CA LYS A 414 17.50 -9.07 -13.24
C LYS A 414 18.79 -8.81 -14.00
N ASP A 415 19.33 -7.60 -13.86
CA ASP A 415 20.57 -7.19 -14.52
C ASP A 415 20.34 -7.34 -16.02
N LYS A 416 21.22 -8.02 -16.76
CA LYS A 416 21.03 -8.23 -18.18
C LYS A 416 20.20 -9.47 -18.48
N LYS A 417 19.80 -10.24 -17.47
CA LYS A 417 19.02 -11.45 -17.67
C LYS A 417 17.54 -11.16 -17.51
N SER A 418 16.71 -11.97 -18.15
CA SER A 418 15.27 -11.79 -18.12
C SER A 418 14.57 -13.13 -18.23
N ALA A 419 13.31 -13.13 -17.83
CA ALA A 419 12.46 -14.32 -17.87
C ALA A 419 11.01 -13.85 -17.85
N TYR A 420 10.10 -14.80 -18.05
CA TYR A 420 8.68 -14.49 -18.00
C TYR A 420 7.90 -15.76 -17.69
N MET A 421 6.88 -15.61 -16.86
CA MET A 421 6.00 -16.71 -16.44
C MET A 421 4.66 -16.60 -17.14
N THR A 422 4.26 -17.69 -17.81
CA THR A 422 3.01 -17.76 -18.54
C THR A 422 2.04 -18.64 -17.78
N VAL A 423 0.89 -18.08 -17.41
CA VAL A 423 -0.14 -18.78 -16.65
C VAL A 423 -1.32 -19.06 -17.57
N THR A 424 -2.00 -20.17 -17.30
CA THR A 424 -3.15 -20.59 -18.08
C THR A 424 -4.13 -21.31 -17.16
N ILE A 425 -5.33 -20.75 -17.02
CA ILE A 425 -6.38 -21.29 -16.16
C ILE A 425 -7.57 -21.67 -17.04
N ASP A 426 -8.16 -22.83 -16.75
CA ASP A 426 -9.20 -23.45 -17.57
C ASP A 426 -10.55 -23.36 -16.88
N SER A 427 -11.58 -23.11 -17.68
CA SER A 427 -12.97 -23.11 -17.23
C SER A 427 -13.66 -24.40 -17.68
N ALA A 428 -14.77 -24.70 -17.00
CA ALA A 428 -15.60 -25.87 -17.28
C ALA A 428 -14.78 -27.15 -17.35
N ASP B 1 28.35 -11.38 -27.90
CA ASP B 1 27.42 -10.25 -27.84
C ASP B 1 26.47 -10.26 -29.04
N VAL B 2 25.22 -9.87 -28.80
CA VAL B 2 24.24 -9.77 -29.87
C VAL B 2 24.73 -8.77 -30.91
N LYS B 3 24.54 -9.11 -32.19
CA LYS B 3 25.00 -8.28 -33.30
C LYS B 3 24.06 -8.40 -34.49
N LEU B 4 23.72 -7.26 -35.08
CA LEU B 4 22.87 -7.19 -36.27
C LEU B 4 23.55 -6.28 -37.28
N VAL B 5 23.78 -6.81 -38.49
CA VAL B 5 24.58 -6.13 -39.51
C VAL B 5 23.72 -5.98 -40.77
N GLU B 6 23.21 -4.78 -40.99
CA GLU B 6 22.51 -4.50 -42.24
C GLU B 6 23.50 -4.39 -43.39
N SER B 7 23.00 -4.60 -44.61
CA SER B 7 23.82 -4.55 -45.80
C SER B 7 22.93 -4.48 -47.03
N GLY B 8 23.52 -3.98 -48.12
CA GLY B 8 22.85 -3.94 -49.41
C GLY B 8 22.29 -2.60 -49.82
N GLY B 9 22.44 -1.57 -48.98
CA GLY B 9 21.86 -0.28 -49.31
C GLY B 9 22.69 0.50 -50.31
N GLY B 10 22.01 1.37 -51.04
CA GLY B 10 22.68 2.20 -52.04
C GLY B 10 21.72 3.15 -52.73
N LEU B 11 22.03 3.53 -53.96
CA LEU B 11 21.18 4.41 -54.75
C LEU B 11 20.37 3.59 -55.73
N VAL B 12 19.05 3.80 -55.72
CA VAL B 12 18.13 3.14 -56.64
C VAL B 12 17.35 4.22 -57.37
N LYS B 13 17.17 4.02 -58.68
CA LYS B 13 16.41 4.98 -59.45
C LYS B 13 14.92 4.82 -59.18
N LEU B 14 14.16 5.84 -59.55
CA LEU B 14 12.73 5.90 -59.25
C LEU B 14 12.01 4.68 -59.80
N GLY B 15 11.26 4.00 -58.94
CA GLY B 15 10.53 2.82 -59.32
C GLY B 15 11.31 1.53 -59.28
N GLY B 16 12.60 1.58 -58.98
CA GLY B 16 13.43 0.39 -58.99
C GLY B 16 13.15 -0.52 -57.82
N SER B 17 14.03 -1.51 -57.65
CA SER B 17 13.88 -2.53 -56.64
C SER B 17 15.24 -2.89 -56.07
N LEU B 18 15.26 -3.24 -54.78
CA LEU B 18 16.50 -3.53 -54.06
C LEU B 18 16.19 -4.41 -52.86
N LYS B 19 17.10 -5.34 -52.58
CA LYS B 19 17.00 -6.25 -51.45
C LYS B 19 18.06 -5.92 -50.42
N LEU B 20 17.63 -5.71 -49.17
CA LEU B 20 18.52 -5.48 -48.04
C LEU B 20 18.56 -6.71 -47.16
N SER B 21 19.75 -7.09 -46.72
CA SER B 21 19.93 -8.25 -45.87
C SER B 21 20.53 -7.83 -44.53
N CYS B 22 20.22 -8.62 -43.50
CA CYS B 22 20.70 -8.38 -42.14
C CYS B 22 21.27 -9.66 -41.57
N ALA B 23 22.51 -9.58 -41.10
CA ALA B 23 23.18 -10.72 -40.49
C ALA B 23 23.05 -10.63 -38.97
N ALA B 24 22.65 -11.73 -38.35
CA ALA B 24 22.48 -11.81 -36.91
C ALA B 24 23.51 -12.76 -36.31
N SER B 25 24.02 -12.40 -35.13
CA SER B 25 25.02 -13.22 -34.46
C SER B 25 24.92 -13.01 -32.95
N GLY B 26 25.20 -14.08 -32.21
CA GLY B 26 25.30 -14.01 -30.77
C GLY B 26 24.03 -14.24 -30.00
N PHE B 27 22.99 -14.80 -30.63
CA PHE B 27 21.76 -15.12 -29.93
C PHE B 27 20.96 -16.13 -30.76
N THR B 28 19.92 -16.68 -30.15
CA THR B 28 19.06 -17.66 -30.81
C THR B 28 18.12 -16.90 -31.73
N PHE B 29 18.56 -16.72 -32.98
CA PHE B 29 17.83 -15.94 -33.96
C PHE B 29 16.38 -16.39 -34.06
N SER B 30 16.13 -17.69 -33.90
CA SER B 30 14.81 -18.26 -34.14
C SER B 30 13.80 -17.90 -33.08
N SER B 31 14.21 -17.29 -31.97
CA SER B 31 13.30 -17.03 -30.86
C SER B 31 12.91 -15.56 -30.74
N TYR B 32 13.26 -14.73 -31.72
CA TYR B 32 13.05 -13.30 -31.62
C TYR B 32 12.31 -12.77 -32.84
N TYR B 33 11.38 -11.84 -32.60
CA TYR B 33 10.72 -11.10 -33.66
C TYR B 33 11.70 -10.11 -34.29
N MET B 34 11.90 -10.21 -35.61
CA MET B 34 12.75 -9.27 -36.33
C MET B 34 11.89 -8.22 -37.03
N SER B 35 12.50 -7.05 -37.28
CA SER B 35 11.78 -5.94 -37.86
C SER B 35 12.75 -4.98 -38.54
N TRP B 36 12.35 -4.44 -39.68
CA TRP B 36 13.08 -3.37 -40.36
C TRP B 36 12.43 -2.04 -40.02
N VAL B 37 13.22 -1.11 -39.50
CA VAL B 37 12.75 0.23 -39.13
C VAL B 37 13.68 1.25 -39.76
N ARG B 38 13.11 2.25 -40.41
CA ARG B 38 13.86 3.25 -41.16
C ARG B 38 13.72 4.62 -40.52
N GLN B 39 14.72 5.47 -40.77
CA GLN B 39 14.80 6.80 -40.19
C GLN B 39 14.87 7.82 -41.32
N THR B 40 13.87 8.70 -41.38
CA THR B 40 13.74 9.65 -42.48
C THR B 40 14.75 10.79 -42.31
N PRO B 41 14.93 11.64 -43.33
CA PRO B 41 15.80 12.80 -43.15
C PRO B 41 15.31 13.73 -42.06
N GLU B 42 14.00 13.80 -41.87
CA GLU B 42 13.38 14.50 -40.75
C GLU B 42 13.70 13.83 -39.41
N LYS B 43 14.50 12.76 -39.44
CA LYS B 43 14.97 12.08 -38.22
C LYS B 43 13.83 11.40 -37.47
N ARG B 44 12.77 11.04 -38.19
CA ARG B 44 11.68 10.28 -37.59
C ARG B 44 11.86 8.79 -37.89
N LEU B 45 11.41 7.97 -36.93
CA LEU B 45 11.52 6.51 -37.01
C LEU B 45 10.19 5.92 -37.45
N GLU B 46 10.25 5.00 -38.42
CA GLU B 46 9.07 4.36 -38.99
C GLU B 46 9.29 2.85 -39.11
N LEU B 47 8.32 2.08 -38.66
CA LEU B 47 8.36 0.62 -38.84
C LEU B 47 8.05 0.28 -40.29
N VAL B 48 8.98 -0.40 -40.95
CA VAL B 48 8.79 -0.79 -42.34
C VAL B 48 8.09 -2.13 -42.44
N ALA B 49 8.64 -3.14 -41.76
CA ALA B 49 8.07 -4.48 -41.81
C ALA B 49 8.54 -5.26 -40.60
N ALA B 50 7.77 -6.28 -40.23
CA ALA B 50 8.08 -7.11 -39.08
C ALA B 50 7.68 -8.54 -39.38
N ILE B 51 8.32 -9.47 -38.68
CA ILE B 51 8.12 -10.90 -38.89
C ILE B 51 8.19 -11.61 -37.54
N ASN B 52 7.52 -12.76 -37.45
CA ASN B 52 7.49 -13.49 -36.20
C ASN B 52 8.69 -14.44 -36.12
N ASN B 53 8.79 -15.11 -34.97
CA ASN B 53 9.98 -15.90 -34.66
C ASN B 53 10.14 -17.05 -35.65
N ASN B 54 9.04 -17.69 -36.04
CA ASN B 54 9.08 -18.82 -36.96
C ASN B 54 8.94 -18.40 -38.41
N GLY B 55 8.83 -17.10 -38.68
CA GLY B 55 8.73 -16.63 -40.04
C GLY B 55 7.37 -16.78 -40.68
N GLY B 56 6.38 -17.30 -39.95
CA GLY B 56 5.06 -17.52 -40.52
C GLY B 56 4.33 -16.25 -40.87
N SER B 57 3.87 -15.52 -39.86
CA SER B 57 3.07 -14.32 -40.08
C SER B 57 3.94 -13.07 -40.13
N THR B 58 3.48 -12.09 -40.89
CA THR B 58 4.21 -10.84 -41.12
C THR B 58 3.21 -9.69 -41.13
N TYR B 59 3.72 -8.47 -40.90
CA TYR B 59 2.90 -7.27 -41.01
C TYR B 59 3.67 -6.19 -41.76
N TYR B 60 2.92 -5.38 -42.52
CA TYR B 60 3.47 -4.27 -43.28
C TYR B 60 2.44 -3.15 -43.14
N PRO B 61 2.84 -1.97 -42.68
CA PRO B 61 1.91 -0.84 -42.67
C PRO B 61 1.50 -0.48 -44.09
N ASP B 62 0.29 0.08 -44.20
CA ASP B 62 -0.33 0.32 -45.51
C ASP B 62 0.57 1.14 -46.42
N THR B 63 1.47 1.93 -45.83
CA THR B 63 2.34 2.79 -46.63
C THR B 63 3.19 1.99 -47.59
N VAL B 64 3.63 0.80 -47.17
CA VAL B 64 4.50 -0.06 -47.97
C VAL B 64 3.90 -1.42 -48.26
N LYS B 65 2.68 -1.70 -47.80
CA LYS B 65 2.09 -3.02 -47.98
C LYS B 65 2.02 -3.36 -49.47
N GLY B 66 2.50 -4.55 -49.81
CA GLY B 66 2.53 -5.01 -51.19
C GLY B 66 3.81 -4.68 -51.92
N ARG B 67 4.37 -3.49 -51.66
CA ARG B 67 5.64 -3.11 -52.27
C ARG B 67 6.79 -3.92 -51.70
N PHE B 68 6.98 -3.87 -50.38
CA PHE B 68 8.11 -4.50 -49.73
C PHE B 68 7.73 -5.89 -49.23
N THR B 69 8.75 -6.71 -48.98
CA THR B 69 8.53 -8.10 -48.57
C THR B 69 9.67 -8.53 -47.64
N ILE B 70 9.34 -8.77 -46.38
CA ILE B 70 10.28 -9.24 -45.38
C ILE B 70 10.35 -10.77 -45.41
N SER B 71 11.48 -11.31 -44.96
CA SER B 71 11.74 -12.74 -45.02
C SER B 71 12.90 -13.05 -44.09
N ARG B 72 12.98 -14.30 -43.65
CA ARG B 72 14.05 -14.70 -42.74
C ARG B 72 14.46 -16.16 -42.99
N ASP B 73 15.76 -16.39 -42.97
CA ASP B 73 16.38 -17.71 -43.10
C ASP B 73 17.02 -18.02 -41.74
N ASN B 74 16.28 -18.74 -40.89
CA ASN B 74 16.78 -19.04 -39.55
C ASN B 74 17.98 -19.98 -39.59
N ALA B 75 18.11 -20.78 -40.65
CA ALA B 75 19.28 -21.63 -40.78
C ALA B 75 20.54 -20.81 -41.01
N LYS B 76 20.43 -19.70 -41.74
CA LYS B 76 21.57 -18.84 -42.03
C LYS B 76 21.64 -17.62 -41.13
N ASN B 77 20.71 -17.46 -40.19
CA ASN B 77 20.66 -16.29 -39.30
C ASN B 77 20.64 -14.99 -40.10
N THR B 78 19.70 -14.90 -41.05
CA THR B 78 19.60 -13.75 -41.93
C THR B 78 18.17 -13.26 -41.99
N LEU B 79 18.03 -11.95 -42.22
CA LEU B 79 16.75 -11.28 -42.41
C LEU B 79 16.83 -10.45 -43.68
N ASN B 80 15.91 -10.69 -44.60
CA ASN B 80 15.94 -10.04 -45.90
C ASN B 80 14.68 -9.21 -46.10
N LEU B 81 14.82 -8.10 -46.84
CA LEU B 81 13.71 -7.23 -47.18
C LEU B 81 13.81 -6.86 -48.65
N GLN B 82 12.95 -7.46 -49.47
CA GLN B 82 12.87 -7.15 -50.89
C GLN B 82 11.92 -5.98 -51.08
N MET B 83 12.47 -4.82 -51.41
CA MET B 83 11.71 -3.60 -51.63
C MET B 83 11.56 -3.38 -53.13
N ASN B 84 10.31 -3.27 -53.58
CA ASN B 84 10.01 -3.06 -55.00
C ASN B 84 9.21 -1.78 -55.17
N SER B 85 9.24 -1.25 -56.40
CA SER B 85 8.53 -0.03 -56.77
C SER B 85 8.89 1.14 -55.85
N LEU B 86 10.19 1.27 -55.56
CA LEU B 86 10.64 2.26 -54.60
C LEU B 86 10.32 3.67 -55.07
N LYS B 87 9.82 4.49 -54.15
CA LYS B 87 9.53 5.89 -54.40
C LYS B 87 10.53 6.76 -53.67
N SER B 88 10.56 8.03 -54.04
CA SER B 88 11.48 8.98 -53.41
C SER B 88 11.28 9.05 -51.91
N GLU B 89 10.04 8.87 -51.45
CA GLU B 89 9.76 8.93 -50.01
C GLU B 89 10.47 7.83 -49.24
N ASP B 90 10.83 6.72 -49.90
CA ASP B 90 11.49 5.62 -49.22
C ASP B 90 12.95 5.90 -48.90
N THR B 91 13.49 7.03 -49.36
CA THR B 91 14.86 7.42 -49.04
C THR B 91 15.04 7.53 -47.54
N ALA B 92 15.79 6.61 -46.94
CA ALA B 92 15.96 6.60 -45.49
C ALA B 92 17.09 5.66 -45.14
N LEU B 93 17.51 5.72 -43.87
CA LEU B 93 18.47 4.79 -43.30
C LEU B 93 17.72 3.67 -42.60
N TYR B 94 17.91 2.44 -43.06
CA TYR B 94 17.12 1.30 -42.64
C TYR B 94 17.86 0.51 -41.56
N TYR B 95 17.22 0.36 -40.41
CA TYR B 95 17.77 -0.38 -39.28
C TYR B 95 17.17 -1.78 -39.19
N CYS B 96 18.01 -2.72 -38.75
CA CYS B 96 17.59 -4.10 -38.49
C CYS B 96 17.55 -4.28 -36.98
N THR B 97 16.35 -4.44 -36.43
CA THR B 97 16.15 -4.47 -34.99
C THR B 97 15.28 -5.67 -34.59
N ARG B 98 15.39 -6.05 -33.32
CA ARG B 98 14.76 -7.26 -32.82
C ARG B 98 13.79 -6.96 -31.68
N GLN B 99 12.94 -7.95 -31.41
CA GLN B 99 11.95 -7.88 -30.35
C GLN B 99 11.70 -9.28 -29.82
N HIS B 100 11.07 -9.36 -28.65
CA HIS B 100 10.73 -10.63 -28.04
C HIS B 100 9.45 -10.46 -27.27
N TYR B 101 8.54 -11.44 -27.39
CA TYR B 101 7.30 -11.35 -26.61
C TYR B 101 7.59 -11.28 -25.12
N GLY B 102 8.66 -11.93 -24.68
CA GLY B 102 9.10 -11.93 -23.29
C GLY B 102 9.77 -10.67 -22.80
N ASN B 103 9.90 -9.63 -23.63
CA ASN B 103 10.38 -8.34 -23.14
C ASN B 103 9.44 -7.21 -23.57
N LEU B 104 8.15 -7.54 -23.68
CA LEU B 104 7.11 -6.57 -24.03
C LEU B 104 7.40 -5.91 -25.38
N TYR B 105 7.87 -6.71 -26.34
CA TYR B 105 8.21 -6.24 -27.68
C TYR B 105 9.06 -4.96 -27.61
N PHE B 106 10.19 -5.09 -26.92
CA PHE B 106 11.16 -4.02 -26.74
C PHE B 106 12.28 -4.17 -27.78
N PHE B 107 12.62 -3.08 -28.45
CA PHE B 107 13.73 -3.09 -29.41
C PHE B 107 15.04 -2.97 -28.63
N ASP B 108 15.53 -4.10 -28.13
CA ASP B 108 16.74 -4.04 -27.33
C ASP B 108 18.04 -4.09 -28.14
N TYR B 109 17.98 -4.38 -29.45
CA TYR B 109 19.18 -4.39 -30.27
C TYR B 109 18.90 -3.84 -31.65
N TRP B 110 19.78 -2.96 -32.13
CA TRP B 110 19.65 -2.33 -33.43
C TRP B 110 21.02 -2.34 -34.12
N GLY B 111 21.01 -2.57 -35.43
CA GLY B 111 22.22 -2.44 -36.21
C GLY B 111 22.54 -0.99 -36.49
N GLN B 112 23.70 -0.77 -37.13
CA GLN B 112 24.10 0.59 -37.45
C GLN B 112 23.36 1.16 -38.65
N GLY B 113 22.64 0.34 -39.40
CA GLY B 113 21.80 0.82 -40.48
C GLY B 113 22.51 0.80 -41.83
N THR B 114 21.71 0.71 -42.89
CA THR B 114 22.18 0.80 -44.26
C THR B 114 21.36 1.85 -44.99
N THR B 115 22.05 2.73 -45.73
CA THR B 115 21.43 3.94 -46.26
C THR B 115 20.85 3.68 -47.64
N LEU B 116 19.56 3.95 -47.80
CA LEU B 116 18.86 3.80 -49.07
C LEU B 116 18.56 5.19 -49.64
N THR B 117 18.90 5.39 -50.90
CA THR B 117 18.63 6.65 -51.58
C THR B 117 17.83 6.35 -52.85
N VAL B 118 16.62 6.90 -52.94
CA VAL B 118 15.74 6.67 -54.06
C VAL B 118 15.63 7.96 -54.85
N SER B 119 16.44 8.09 -55.90
CA SER B 119 16.44 9.28 -56.72
C SER B 119 16.88 8.93 -58.14
N SER B 120 16.46 9.75 -59.09
CA SER B 120 16.83 9.61 -60.49
C SER B 120 18.01 10.47 -60.89
N ALA B 121 18.48 11.35 -60.01
CA ALA B 121 19.58 12.24 -60.36
C ALA B 121 20.83 11.45 -60.70
N LYS B 122 21.60 11.97 -61.64
CA LYS B 122 22.80 11.29 -62.10
C LYS B 122 23.96 11.59 -61.16
N THR B 123 24.85 10.60 -61.04
CA THR B 123 26.03 10.74 -60.18
C THR B 123 26.95 11.83 -60.74
N THR B 124 27.20 12.85 -59.93
CA THR B 124 27.94 14.03 -60.34
C THR B 124 29.13 14.25 -59.41
N PRO B 125 30.33 14.48 -59.94
CA PRO B 125 31.50 14.69 -59.07
C PRO B 125 31.49 16.07 -58.46
N PRO B 126 32.24 16.29 -57.38
CA PRO B 126 32.23 17.59 -56.72
C PRO B 126 33.20 18.58 -57.37
N SER B 127 33.01 19.85 -57.03
CA SER B 127 33.90 20.93 -57.46
C SER B 127 34.38 21.68 -56.22
N VAL B 128 35.61 21.41 -55.80
CA VAL B 128 36.17 22.02 -54.60
C VAL B 128 36.63 23.44 -54.92
N TYR B 129 36.16 24.40 -54.12
CA TYR B 129 36.61 25.78 -54.23
C TYR B 129 37.21 26.22 -52.91
N PRO B 130 38.40 26.83 -52.92
CA PRO B 130 39.00 27.28 -51.67
C PRO B 130 38.36 28.56 -51.16
N LEU B 131 38.33 28.70 -49.84
CA LEU B 131 37.76 29.85 -49.16
C LEU B 131 38.87 30.50 -48.33
N ALA B 132 39.37 31.64 -48.81
CA ALA B 132 40.43 32.38 -48.17
C ALA B 132 40.05 33.85 -48.08
N PRO B 133 40.58 34.58 -47.08
CA PRO B 133 40.25 36.00 -46.81
C PRO B 133 40.11 36.88 -48.06
N SER B 141 45.18 36.81 -33.53
CA SER B 141 43.87 36.42 -34.02
C SER B 141 43.91 34.99 -34.56
N MET B 142 42.74 34.38 -34.66
CA MET B 142 42.60 33.02 -35.19
C MET B 142 41.93 33.11 -36.55
N VAL B 143 42.73 33.02 -37.61
CA VAL B 143 42.21 33.12 -38.97
C VAL B 143 41.37 31.89 -39.28
N THR B 144 40.20 32.11 -39.89
CA THR B 144 39.27 31.03 -40.24
C THR B 144 39.29 30.82 -41.74
N LEU B 145 39.68 29.63 -42.16
CA LEU B 145 39.70 29.23 -43.57
C LEU B 145 38.56 28.27 -43.86
N GLY B 146 38.27 28.10 -45.15
CA GLY B 146 37.13 27.31 -45.57
C GLY B 146 37.44 26.48 -46.81
N CYS B 147 36.46 25.65 -47.19
CA CYS B 147 36.59 24.69 -48.28
C CYS B 147 35.17 24.40 -48.76
N LEU B 148 34.80 24.99 -49.89
CA LEU B 148 33.46 24.82 -50.46
C LEU B 148 33.45 23.63 -51.39
N VAL B 149 32.57 22.66 -51.10
CA VAL B 149 32.32 21.51 -51.95
C VAL B 149 30.97 21.72 -52.62
N LYS B 150 30.96 21.79 -53.94
CA LYS B 150 29.78 22.24 -54.67
C LYS B 150 29.46 21.29 -55.82
N GLY B 151 28.16 21.06 -56.01
CA GLY B 151 27.64 20.34 -57.15
C GLY B 151 28.05 18.88 -57.27
N TYR B 152 27.75 18.07 -56.26
CA TYR B 152 28.04 16.65 -56.29
C TYR B 152 26.79 15.85 -55.95
N PHE B 153 26.81 14.58 -56.32
CA PHE B 153 25.72 13.66 -56.04
C PHE B 153 26.23 12.25 -56.21
N PRO B 154 25.88 11.31 -55.33
CA PRO B 154 25.07 11.58 -54.14
C PRO B 154 25.94 11.70 -52.89
N GLU B 155 25.29 11.81 -51.73
CA GLU B 155 25.99 11.69 -50.46
C GLU B 155 26.60 10.30 -50.38
N PRO B 156 27.79 10.13 -49.77
CA PRO B 156 28.59 10.99 -48.90
C PRO B 156 29.67 11.83 -49.56
N VAL B 157 30.36 12.59 -48.71
CA VAL B 157 31.59 13.29 -49.07
C VAL B 157 32.41 13.45 -47.79
N THR B 158 33.68 13.04 -47.85
CA THR B 158 34.59 13.12 -46.70
C THR B 158 35.50 14.33 -46.87
N VAL B 159 35.36 15.29 -45.96
CA VAL B 159 36.19 16.49 -45.92
C VAL B 159 37.12 16.38 -44.73
N THR B 160 38.42 16.38 -44.99
CA THR B 160 39.44 16.39 -43.95
C THR B 160 40.42 17.52 -44.20
N TRP B 161 41.11 17.93 -43.15
CA TRP B 161 42.08 19.03 -43.18
C TRP B 161 43.45 18.50 -42.81
N ASN B 162 44.45 18.79 -43.66
CA ASN B 162 45.81 18.32 -43.48
C ASN B 162 45.85 16.80 -43.25
N SER B 163 45.10 16.07 -44.09
CA SER B 163 45.08 14.61 -44.06
C SER B 163 44.63 14.08 -42.71
N GLY B 164 43.83 14.86 -41.98
CA GLY B 164 43.28 14.47 -40.70
C GLY B 164 43.99 15.04 -39.50
N SER B 165 45.26 15.44 -39.65
CA SER B 165 46.00 15.99 -38.51
C SER B 165 45.32 17.25 -37.96
N LEU B 166 44.82 18.12 -38.84
CA LEU B 166 44.07 19.29 -38.43
C LEU B 166 42.65 18.86 -38.07
N SER B 167 42.41 18.64 -36.79
CA SER B 167 41.10 18.18 -36.32
C SER B 167 40.40 19.16 -35.41
N SER B 168 41.15 19.88 -34.56
CA SER B 168 40.54 20.84 -33.66
C SER B 168 40.14 22.12 -34.40
N GLY B 169 39.00 22.68 -34.00
CA GLY B 169 38.52 23.89 -34.64
C GLY B 169 38.02 23.68 -36.06
N VAL B 170 37.41 22.52 -36.34
CA VAL B 170 36.94 22.18 -37.67
C VAL B 170 35.45 21.89 -37.58
N HIS B 171 34.65 22.68 -38.31
CA HIS B 171 33.22 22.46 -38.43
C HIS B 171 32.91 22.11 -39.88
N THR B 172 32.42 20.88 -40.10
CA THR B 172 32.01 20.43 -41.43
C THR B 172 30.49 20.48 -41.48
N PHE B 173 29.96 21.56 -42.04
CA PHE B 173 28.53 21.78 -42.07
C PHE B 173 27.85 20.72 -42.94
N PRO B 174 26.59 20.38 -42.65
CA PRO B 174 25.89 19.37 -43.44
C PRO B 174 25.66 19.84 -44.87
N ALA B 175 25.37 18.87 -45.73
CA ALA B 175 25.12 19.15 -47.14
C ALA B 175 23.65 19.50 -47.36
N VAL B 176 23.40 20.21 -48.47
CA VAL B 176 22.06 20.68 -48.82
C VAL B 176 21.84 20.51 -50.31
N LEU B 177 20.59 20.28 -50.69
CA LEU B 177 20.20 20.17 -52.10
C LEU B 177 20.08 21.57 -52.69
N GLU B 178 20.86 21.84 -53.74
CA GLU B 178 20.79 23.13 -54.43
C GLU B 178 19.59 23.12 -55.38
N SER B 179 19.74 22.48 -56.54
CA SER B 179 18.62 22.09 -57.38
C SER B 179 18.36 20.59 -57.29
N ASP B 180 19.35 19.78 -57.66
CA ASP B 180 19.32 18.34 -57.39
C ASP B 180 20.69 17.83 -56.94
N LEU B 181 21.68 18.71 -56.81
CA LEU B 181 23.02 18.33 -56.39
C LEU B 181 23.31 18.91 -55.01
N TYR B 182 24.19 18.21 -54.27
CA TYR B 182 24.54 18.61 -52.92
C TYR B 182 25.59 19.72 -52.93
N THR B 183 25.71 20.40 -51.78
CA THR B 183 26.69 21.46 -51.60
C THR B 183 26.93 21.64 -50.11
N LEU B 184 28.19 21.64 -49.70
CA LEU B 184 28.55 21.79 -48.29
C LEU B 184 29.83 22.59 -48.18
N SER B 185 30.26 22.82 -46.95
CA SER B 185 31.48 23.56 -46.66
C SER B 185 32.04 23.13 -45.31
N SER B 186 33.34 23.37 -45.12
CA SER B 186 34.03 23.03 -43.89
C SER B 186 34.90 24.20 -43.45
N SER B 187 34.75 24.60 -42.20
CA SER B 187 35.42 25.76 -41.64
C SER B 187 36.49 25.32 -40.64
N VAL B 188 37.73 25.73 -40.89
CA VAL B 188 38.86 25.43 -40.01
C VAL B 188 39.44 26.75 -39.51
N THR B 189 39.76 26.79 -38.22
CA THR B 189 40.21 28.00 -37.54
C THR B 189 41.56 27.73 -36.88
N VAL B 190 42.60 28.34 -37.42
CA VAL B 190 43.95 28.20 -36.88
C VAL B 190 44.43 29.60 -36.50
N PRO B 191 45.44 29.69 -35.63
CA PRO B 191 45.96 31.01 -35.26
C PRO B 191 46.58 31.71 -36.46
N SER B 192 46.90 32.99 -36.26
CA SER B 192 47.51 33.75 -37.34
C SER B 192 48.93 33.29 -37.62
N SER B 193 49.59 32.70 -36.63
CA SER B 193 50.99 32.31 -36.80
C SER B 193 51.19 31.19 -37.81
N PRO B 194 50.49 30.05 -37.72
CA PRO B 194 50.77 28.94 -38.66
C PRO B 194 50.27 29.17 -40.08
N TRP B 195 49.55 30.25 -40.35
CA TRP B 195 49.05 30.47 -41.71
C TRP B 195 49.33 31.91 -42.14
N PRO B 196 49.78 32.11 -43.38
CA PRO B 196 50.03 31.07 -44.38
C PRO B 196 51.44 30.50 -44.32
N SER B 197 52.14 30.71 -43.21
CA SER B 197 53.51 30.24 -43.07
C SER B 197 53.60 28.73 -43.29
N GLU B 198 52.69 27.99 -42.67
CA GLU B 198 52.59 26.55 -42.88
C GLU B 198 51.29 26.23 -43.60
N THR B 199 51.34 25.21 -44.45
CA THR B 199 50.28 24.97 -45.41
C THR B 199 49.08 24.28 -44.76
N VAL B 200 47.90 24.59 -45.29
CA VAL B 200 46.63 24.02 -44.84
C VAL B 200 45.84 23.64 -46.08
N THR B 201 45.43 22.36 -46.17
CA THR B 201 44.78 21.79 -47.33
C THR B 201 43.57 20.99 -46.90
N CYS B 202 42.46 21.14 -47.62
CA CYS B 202 41.27 20.32 -47.40
C CYS B 202 41.25 19.19 -48.41
N ASN B 203 40.97 17.98 -47.93
CA ASN B 203 40.99 16.76 -48.73
C ASN B 203 39.56 16.28 -48.90
N VAL B 204 38.96 16.57 -50.05
CA VAL B 204 37.58 16.19 -50.33
C VAL B 204 37.59 14.95 -51.22
N ALA B 205 36.87 13.91 -50.80
CA ALA B 205 36.76 12.66 -51.54
C ALA B 205 35.30 12.34 -51.78
N HIS B 206 34.99 11.86 -52.99
CA HIS B 206 33.64 11.46 -53.37
C HIS B 206 33.73 10.06 -53.92
N PRO B 207 33.53 9.04 -53.09
CA PRO B 207 33.69 7.66 -53.56
C PRO B 207 32.72 7.27 -54.65
N ALA B 208 31.49 7.81 -54.63
CA ALA B 208 30.52 7.47 -55.67
C ALA B 208 31.04 7.82 -57.05
N SER B 209 31.71 8.96 -57.19
CA SER B 209 32.27 9.38 -58.46
C SER B 209 33.74 8.99 -58.62
N SER B 210 34.30 8.28 -57.63
CA SER B 210 35.70 7.82 -57.66
C SER B 210 36.65 9.01 -57.87
N THR B 211 36.52 10.00 -56.98
CA THR B 211 37.23 11.26 -57.13
C THR B 211 37.82 11.68 -55.80
N LYS B 212 39.07 12.14 -55.84
CA LYS B 212 39.77 12.69 -54.68
C LYS B 212 40.37 14.03 -55.06
N VAL B 213 40.12 15.05 -54.24
CA VAL B 213 40.62 16.40 -54.50
C VAL B 213 41.31 16.92 -53.24
N ASP B 214 42.44 17.61 -53.44
CA ASP B 214 43.22 18.23 -52.37
C ASP B 214 43.52 19.66 -52.78
N LYS B 215 42.87 20.63 -52.13
CA LYS B 215 42.98 22.03 -52.46
C LYS B 215 43.76 22.74 -51.36
N LYS B 216 44.95 23.23 -51.70
CA LYS B 216 45.78 23.99 -50.79
C LYS B 216 45.25 25.43 -50.72
N ILE B 217 45.03 25.91 -49.50
CA ILE B 217 44.42 27.22 -49.30
C ILE B 217 45.52 28.28 -49.29
N VAL B 218 45.49 29.17 -50.27
CA VAL B 218 46.49 30.22 -50.40
C VAL B 218 45.80 31.58 -50.26
N PRO B 219 46.53 32.62 -49.86
CA PRO B 219 45.90 33.93 -49.73
C PRO B 219 45.42 34.47 -51.07
N ARG B 220 44.46 35.38 -51.01
CA ARG B 220 43.91 35.99 -52.22
C ARG B 220 44.86 37.06 -52.76
N GLN C 1 -3.94 4.97 -37.38
CA GLN C 1 -2.74 4.77 -36.57
C GLN C 1 -2.74 5.71 -35.37
N ILE C 2 -1.83 5.47 -34.44
CA ILE C 2 -1.71 6.25 -33.21
C ILE C 2 -0.57 7.24 -33.38
N VAL C 3 -0.88 8.52 -33.22
CA VAL C 3 0.11 9.59 -33.32
C VAL C 3 0.71 9.83 -31.95
N LEU C 4 2.04 9.79 -31.87
CA LEU C 4 2.77 10.07 -30.64
C LEU C 4 3.42 11.44 -30.76
N SER C 5 2.98 12.36 -29.90
CA SER C 5 3.46 13.73 -29.90
C SER C 5 4.44 13.93 -28.75
N GLN C 6 5.65 14.38 -29.08
CA GLN C 6 6.71 14.61 -28.10
C GLN C 6 6.92 16.10 -27.91
N SER C 7 6.83 16.56 -26.66
CA SER C 7 7.04 17.96 -26.32
C SER C 7 7.90 18.02 -25.06
N PRO C 8 8.83 18.99 -24.99
CA PRO C 8 9.12 19.96 -26.04
C PRO C 8 9.95 19.35 -27.17
N ALA C 9 10.00 20.02 -28.33
CA ALA C 9 10.85 19.54 -29.42
C ALA C 9 12.32 19.60 -29.00
N ILE C 10 12.74 20.71 -28.42
CA ILE C 10 14.09 20.91 -27.91
C ILE C 10 13.99 21.20 -26.43
N LEU C 11 14.67 20.40 -25.61
CA LEU C 11 14.66 20.54 -24.15
C LEU C 11 16.07 20.93 -23.70
N SER C 12 16.33 22.23 -23.65
CA SER C 12 17.63 22.73 -23.21
C SER C 12 17.64 22.86 -21.69
N ALA C 13 18.72 22.40 -21.07
CA ALA C 13 18.80 22.43 -19.61
C ALA C 13 20.26 22.49 -19.19
N SER C 14 20.48 23.02 -17.97
CA SER C 14 21.78 23.07 -17.32
C SER C 14 21.99 21.84 -16.45
N PRO C 15 23.23 21.38 -16.31
CA PRO C 15 23.50 20.20 -15.49
C PRO C 15 22.97 20.35 -14.07
N GLY C 16 22.29 19.30 -13.59
CA GLY C 16 21.68 19.26 -12.30
C GLY C 16 20.18 19.47 -12.32
N GLU C 17 19.66 20.13 -13.36
CA GLU C 17 18.23 20.43 -13.45
C GLU C 17 17.39 19.15 -13.50
N LYS C 18 16.24 19.20 -12.82
CA LYS C 18 15.20 18.18 -12.97
C LYS C 18 14.37 18.51 -14.20
N VAL C 19 14.41 17.64 -15.20
CA VAL C 19 13.70 17.88 -16.45
C VAL C 19 12.78 16.71 -16.73
N THR C 20 11.76 16.98 -17.54
CA THR C 20 10.77 15.98 -17.90
C THR C 20 10.22 16.31 -19.29
N MET C 21 10.23 15.30 -20.16
CA MET C 21 9.60 15.36 -21.47
C MET C 21 8.25 14.63 -21.43
N THR C 22 7.44 14.87 -22.46
CA THR C 22 6.07 14.38 -22.46
C THR C 22 5.74 13.73 -23.80
N CYS C 23 5.14 12.55 -23.74
CA CYS C 23 4.69 11.77 -24.90
C CYS C 23 3.17 11.66 -24.82
N ARG C 24 2.48 12.48 -25.61
CA ARG C 24 1.02 12.50 -25.65
C ARG C 24 0.53 11.72 -26.85
N ALA C 25 -0.27 10.70 -26.61
CA ALA C 25 -0.78 9.81 -27.66
C ALA C 25 -2.17 10.24 -28.09
N SER C 26 -2.45 10.05 -29.39
CA SER C 26 -3.75 10.42 -29.94
C SER C 26 -4.89 9.67 -29.26
N SER C 27 -4.76 8.35 -29.18
CA SER C 27 -5.67 7.51 -28.43
C SER C 27 -4.94 6.94 -27.20
N SER C 28 -5.66 6.14 -26.42
CA SER C 28 -5.04 5.56 -25.24
C SER C 28 -4.09 4.43 -25.63
N VAL C 29 -2.98 4.35 -24.92
CA VAL C 29 -1.99 3.29 -25.13
C VAL C 29 -1.62 2.70 -23.77
N THR C 30 -1.37 1.40 -23.75
CA THR C 30 -1.10 0.72 -22.49
C THR C 30 0.35 0.84 -22.03
N TYR C 31 1.29 1.07 -22.95
CA TYR C 31 2.68 1.20 -22.55
C TYR C 31 3.40 2.12 -23.53
N ILE C 32 4.56 2.59 -23.10
CA ILE C 32 5.43 3.43 -23.92
C ILE C 32 6.86 3.00 -23.67
N HIS C 33 7.56 2.60 -24.73
CA HIS C 33 8.99 2.34 -24.67
C HIS C 33 9.76 3.63 -24.97
N TRP C 34 10.94 3.76 -24.36
CA TRP C 34 11.80 4.92 -24.54
C TRP C 34 13.17 4.49 -25.05
N TYR C 35 13.66 5.19 -26.07
CA TYR C 35 14.95 4.93 -26.67
C TYR C 35 15.75 6.23 -26.78
N GLN C 36 17.05 6.14 -26.49
CA GLN C 36 17.98 7.26 -26.56
C GLN C 36 18.90 7.08 -27.76
N GLN C 37 18.99 8.12 -28.60
CA GLN C 37 19.84 8.09 -29.78
C GLN C 37 20.79 9.28 -29.74
N LYS C 38 22.09 8.99 -29.74
CA LYS C 38 23.17 9.95 -29.87
C LYS C 38 23.74 9.90 -31.28
N PRO C 39 24.10 11.05 -31.87
CA PRO C 39 24.55 11.07 -33.27
C PRO C 39 25.62 10.03 -33.59
N GLY C 40 25.57 9.50 -34.81
CA GLY C 40 26.52 8.49 -35.21
C GLY C 40 26.19 7.07 -34.80
N SER C 41 25.09 6.87 -34.07
CA SER C 41 24.70 5.53 -33.63
C SER C 41 23.20 5.35 -33.78
N SER C 42 22.78 4.09 -33.84
CA SER C 42 21.38 3.74 -33.88
C SER C 42 20.74 4.01 -32.51
N PRO C 43 19.40 4.04 -32.46
CA PRO C 43 18.74 4.18 -31.15
C PRO C 43 19.16 3.07 -30.20
N LYS C 44 19.07 3.38 -28.90
CA LYS C 44 19.39 2.44 -27.83
C LYS C 44 18.20 2.28 -26.90
N PRO C 45 17.87 1.05 -26.50
CA PRO C 45 16.80 0.85 -25.52
C PRO C 45 17.10 1.56 -24.21
N TRP C 46 16.15 2.36 -23.74
CA TRP C 46 16.35 3.17 -22.54
C TRP C 46 15.36 2.84 -21.43
N ILE C 47 14.07 3.06 -21.63
CA ILE C 47 13.07 2.75 -20.63
C ILE C 47 12.12 1.71 -21.19
N GLN C 48 11.99 0.59 -20.49
CA GLN C 48 11.14 -0.53 -20.89
C GLN C 48 9.85 -0.50 -20.10
N ALA C 49 8.75 -0.79 -20.79
CA ALA C 49 7.42 -0.93 -20.17
C ALA C 49 7.08 0.28 -19.29
N THR C 50 7.20 1.46 -19.90
CA THR C 50 6.82 2.73 -19.29
C THR C 50 7.77 3.18 -18.19
N SER C 51 8.13 2.29 -17.26
CA SER C 51 8.88 2.68 -16.07
C SER C 51 10.14 1.87 -15.81
N SER C 52 10.27 0.67 -16.37
CA SER C 52 11.46 -0.13 -16.11
C SER C 52 12.65 0.42 -16.90
N LEU C 53 13.80 0.48 -16.24
CA LEU C 53 15.02 1.03 -16.84
C LEU C 53 15.83 -0.07 -17.50
N ALA C 54 16.27 0.19 -18.73
CA ALA C 54 17.11 -0.77 -19.44
C ALA C 54 18.46 -0.91 -18.74
N SER C 55 19.12 -2.03 -19.00
CA SER C 55 20.37 -2.34 -18.33
C SER C 55 21.41 -1.26 -18.61
N GLY C 56 22.01 -0.75 -17.54
CA GLY C 56 23.00 0.30 -17.64
C GLY C 56 22.45 1.71 -17.65
N VAL C 57 21.14 1.87 -17.72
CA VAL C 57 20.53 3.20 -17.69
C VAL C 57 20.63 3.73 -16.26
N PRO C 58 21.23 4.90 -16.04
CA PRO C 58 21.44 5.39 -14.67
C PRO C 58 20.13 5.63 -13.94
N ALA C 59 20.20 5.58 -12.60
CA ALA C 59 19.01 5.68 -11.76
C ALA C 59 18.33 7.04 -11.84
N ARG C 60 19.05 8.08 -12.28
CA ARG C 60 18.43 9.40 -12.39
C ARG C 60 17.27 9.41 -13.37
N PHE C 61 17.26 8.48 -14.33
CA PHE C 61 16.18 8.42 -15.30
C PHE C 61 14.94 7.77 -14.68
N SER C 62 13.77 8.17 -15.18
CA SER C 62 12.52 7.71 -14.62
C SER C 62 11.41 7.86 -15.66
N GLY C 63 10.52 6.87 -15.72
CA GLY C 63 9.39 6.91 -16.63
C GLY C 63 8.07 6.78 -15.89
N SER C 64 7.08 7.51 -16.37
CA SER C 64 5.82 7.61 -15.65
C SER C 64 4.72 8.07 -16.61
N GLY C 65 3.59 7.37 -16.59
CA GLY C 65 2.44 7.80 -17.36
C GLY C 65 1.47 6.66 -17.60
N SER C 66 0.34 7.02 -18.20
CA SER C 66 -0.70 6.07 -18.55
C SER C 66 -1.66 6.74 -19.53
N GLY C 67 -2.50 5.92 -20.16
CA GLY C 67 -3.50 6.43 -21.08
C GLY C 67 -2.92 7.18 -22.27
N THR C 68 -3.17 8.48 -22.33
CA THR C 68 -2.65 9.33 -23.40
C THR C 68 -1.56 10.27 -22.93
N SER C 69 -1.01 10.05 -21.73
CA SER C 69 0.00 10.96 -21.16
C SER C 69 1.08 10.14 -20.48
N TYR C 70 2.29 10.16 -21.05
CA TYR C 70 3.47 9.51 -20.50
C TYR C 70 4.59 10.54 -20.39
N SER C 71 5.65 10.19 -19.67
CA SER C 71 6.73 11.14 -19.44
C SER C 71 8.03 10.41 -19.15
N LEU C 72 9.14 11.14 -19.33
CA LEU C 72 10.47 10.70 -18.95
C LEU C 72 11.15 11.83 -18.18
N SER C 73 11.72 11.50 -17.03
CA SER C 73 12.26 12.51 -16.11
C SER C 73 13.69 12.19 -15.74
N ILE C 74 14.52 13.23 -15.66
CA ILE C 74 15.90 13.14 -15.20
C ILE C 74 16.02 13.99 -13.96
N SER C 75 16.41 13.35 -12.85
CA SER C 75 16.49 14.06 -11.58
C SER C 75 17.62 15.09 -11.60
N ARG C 76 18.84 14.66 -11.85
CA ARG C 76 19.99 15.57 -11.94
C ARG C 76 20.66 15.33 -13.29
N VAL C 77 20.33 16.21 -14.24
CA VAL C 77 20.84 16.07 -15.61
C VAL C 77 22.36 16.11 -15.60
N GLU C 78 22.97 15.14 -16.26
CA GLU C 78 24.41 15.07 -16.42
C GLU C 78 24.76 15.35 -17.88
N ALA C 79 26.02 15.75 -18.10
CA ALA C 79 26.45 16.13 -19.44
C ALA C 79 26.22 15.00 -20.43
N GLU C 80 26.38 13.76 -19.99
CA GLU C 80 26.24 12.61 -20.88
C GLU C 80 24.81 12.36 -21.32
N ASP C 81 23.83 13.05 -20.73
CA ASP C 81 22.44 12.81 -21.09
C ASP C 81 22.01 13.56 -22.33
N ALA C 82 22.86 14.43 -22.89
CA ALA C 82 22.52 15.16 -24.10
C ALA C 82 22.32 14.23 -25.28
N ALA C 83 21.08 14.07 -25.72
CA ALA C 83 20.73 13.17 -26.81
C ALA C 83 19.29 13.46 -27.21
N THR C 84 18.84 12.76 -28.26
CA THR C 84 17.44 12.77 -28.66
C THR C 84 16.76 11.54 -28.07
N TYR C 85 15.55 11.74 -27.54
CA TYR C 85 14.81 10.68 -26.87
C TYR C 85 13.49 10.43 -27.58
N TYR C 86 13.23 9.17 -27.92
CA TYR C 86 12.05 8.79 -28.67
C TYR C 86 11.18 7.88 -27.82
N CYS C 87 9.86 8.12 -27.87
CA CYS C 87 8.88 7.24 -27.25
C CYS C 87 8.22 6.37 -28.31
N GLN C 88 7.93 5.12 -27.95
CA GLN C 88 7.41 4.12 -28.87
C GLN C 88 6.19 3.43 -28.25
N GLN C 89 5.16 3.24 -29.07
CA GLN C 89 3.95 2.54 -28.66
C GLN C 89 3.71 1.34 -29.57
N TRP C 90 3.05 0.33 -29.03
CA TRP C 90 2.47 -0.73 -29.84
C TRP C 90 1.28 -1.34 -29.15
N SER C 91 0.27 -0.52 -28.85
CA SER C 91 -1.00 -1.02 -28.34
C SER C 91 -1.95 -1.45 -29.45
N SER C 92 -1.65 -1.06 -30.69
CA SER C 92 -2.43 -1.47 -31.85
C SER C 92 -1.57 -1.25 -33.08
N ASN C 93 -1.76 -2.11 -34.08
CA ASN C 93 -1.07 -1.94 -35.34
C ASN C 93 -1.50 -0.61 -35.97
N PRO C 94 -0.57 0.20 -36.48
CA PRO C 94 0.86 -0.09 -36.52
C PRO C 94 1.64 0.42 -35.31
N LEU C 95 2.81 -0.16 -35.07
CA LEU C 95 3.74 0.38 -34.08
C LEU C 95 4.26 1.73 -34.55
N THR C 96 4.09 2.76 -33.72
CA THR C 96 4.51 4.10 -34.08
C THR C 96 5.51 4.65 -33.06
N PHE C 97 6.41 5.51 -33.53
CA PHE C 97 7.39 6.19 -32.70
C PHE C 97 6.99 7.65 -32.52
N GLY C 98 7.78 8.37 -31.72
CA GLY C 98 7.58 9.78 -31.49
C GLY C 98 8.51 10.64 -32.31
N ALA C 99 8.20 11.93 -32.35
CA ALA C 99 9.02 12.86 -33.12
C ALA C 99 10.43 12.95 -32.53
N GLY C 100 10.55 12.88 -31.21
CA GLY C 100 11.84 12.92 -30.55
C GLY C 100 12.15 14.24 -29.88
N THR C 101 12.40 14.19 -28.57
CA THR C 101 12.81 15.36 -27.80
C THR C 101 14.33 15.35 -27.69
N LYS C 102 14.97 16.41 -28.16
CA LYS C 102 16.42 16.50 -28.15
C LYS C 102 16.87 17.26 -26.90
N LEU C 103 17.68 16.60 -26.08
CA LEU C 103 18.22 17.21 -24.87
C LEU C 103 19.44 18.03 -25.25
N GLU C 104 19.35 19.35 -25.08
CA GLU C 104 20.45 20.26 -25.34
C GLU C 104 21.00 20.80 -24.03
N LEU C 105 22.27 21.20 -24.05
CA LEU C 105 22.92 21.71 -22.85
C LEU C 105 22.95 23.24 -22.87
N LYS C 106 23.44 23.81 -21.77
CA LYS C 106 23.52 25.25 -21.61
C LYS C 106 24.88 25.60 -21.02
N ARG C 107 25.49 26.68 -21.52
CA ARG C 107 26.78 27.09 -21.01
C ARG C 107 26.88 28.61 -20.83
N ALA C 108 27.02 29.33 -21.93
CA ALA C 108 27.18 30.78 -21.84
C ALA C 108 26.84 31.40 -23.18
N ASP C 109 26.17 32.56 -23.14
CA ASP C 109 25.81 33.28 -24.35
C ASP C 109 27.06 33.65 -25.15
N ALA C 110 27.21 33.10 -26.34
CA ALA C 110 28.37 33.35 -27.18
C ALA C 110 27.98 34.07 -28.46
N ALA C 111 28.82 34.99 -28.91
CA ALA C 111 28.59 35.66 -30.18
C ALA C 111 29.26 34.91 -31.32
N PRO C 112 28.62 34.81 -32.48
CA PRO C 112 29.17 34.00 -33.57
C PRO C 112 30.38 34.67 -34.19
N THR C 113 31.44 33.88 -34.40
CA THR C 113 32.62 34.35 -35.11
C THR C 113 32.32 34.30 -36.61
N VAL C 114 31.84 35.42 -37.15
CA VAL C 114 31.38 35.48 -38.53
C VAL C 114 32.58 35.52 -39.47
N SER C 115 32.39 35.01 -40.69
CA SER C 115 33.46 34.95 -41.68
C SER C 115 32.83 34.95 -43.06
N ILE C 116 33.01 36.03 -43.82
CA ILE C 116 32.46 36.13 -45.16
C ILE C 116 33.55 35.79 -46.19
N PHE C 117 33.12 35.32 -47.36
CA PHE C 117 34.03 34.82 -48.40
C PHE C 117 33.50 35.14 -49.79
N PRO C 118 34.28 35.84 -50.61
CA PRO C 118 33.90 36.06 -51.99
C PRO C 118 34.03 34.77 -52.79
N PRO C 119 33.32 34.64 -53.91
CA PRO C 119 33.45 33.42 -54.72
C PRO C 119 34.86 33.26 -55.25
N SER C 120 35.35 32.03 -55.21
CA SER C 120 36.72 31.75 -55.63
C SER C 120 36.88 32.00 -57.12
N SER C 121 38.06 32.49 -57.50
CA SER C 121 38.34 32.75 -58.90
C SER C 121 38.16 31.52 -59.76
N GLU C 122 38.39 30.33 -59.18
CA GLU C 122 38.18 29.09 -59.90
C GLU C 122 36.71 28.91 -60.25
N GLN C 123 35.81 29.19 -59.30
CA GLN C 123 34.38 29.04 -59.57
C GLN C 123 33.90 30.07 -60.59
N LEU C 124 34.49 31.27 -60.57
CA LEU C 124 34.10 32.31 -61.51
C LEU C 124 34.31 31.86 -62.94
N THR C 125 35.45 31.23 -63.22
CA THR C 125 35.72 30.74 -64.56
C THR C 125 34.69 29.70 -64.99
N SER C 126 34.16 28.92 -64.04
CA SER C 126 33.17 27.91 -64.36
C SER C 126 31.80 28.49 -64.70
N GLY C 127 31.60 29.79 -64.47
CA GLY C 127 30.35 30.43 -64.82
C GLY C 127 29.42 30.71 -63.65
N GLY C 128 29.81 30.32 -62.42
CA GLY C 128 29.00 30.57 -61.25
C GLY C 128 29.74 31.43 -60.24
N ALA C 129 29.00 31.85 -59.21
CA ALA C 129 29.57 32.72 -58.17
C ALA C 129 28.74 32.55 -56.90
N SER C 130 29.35 31.99 -55.86
CA SER C 130 28.70 31.75 -54.58
C SER C 130 29.50 32.46 -53.48
N VAL C 131 28.79 33.25 -52.66
CA VAL C 131 29.37 33.96 -51.53
C VAL C 131 29.03 33.20 -50.26
N VAL C 132 30.05 32.77 -49.53
CA VAL C 132 29.89 31.96 -48.32
C VAL C 132 30.01 32.86 -47.11
N CYS C 133 29.24 32.54 -46.07
CA CYS C 133 29.27 33.30 -44.82
C CYS C 133 29.16 32.32 -43.66
N PHE C 134 30.23 32.20 -42.88
CA PHE C 134 30.27 31.31 -41.72
C PHE C 134 29.87 32.06 -40.46
N LEU C 135 29.15 31.36 -39.57
CA LEU C 135 28.77 31.89 -38.27
C LEU C 135 29.02 30.77 -37.26
N ASN C 136 30.18 30.83 -36.60
CA ASN C 136 30.68 29.72 -35.81
C ASN C 136 30.65 30.02 -34.32
N ASN C 137 30.39 28.96 -33.55
CA ASN C 137 30.56 28.94 -32.09
C ASN C 137 29.74 30.04 -31.41
N PHE C 138 28.42 29.97 -31.60
CA PHE C 138 27.52 30.90 -30.96
C PHE C 138 26.54 30.16 -30.06
N TYR C 139 25.92 30.93 -29.17
CA TYR C 139 24.91 30.45 -28.23
C TYR C 139 24.09 31.64 -27.76
N PRO C 140 22.75 31.55 -27.76
CA PRO C 140 21.91 30.38 -28.10
C PRO C 140 21.79 30.07 -29.59
N LYS C 141 21.01 29.03 -29.90
CA LYS C 141 20.91 28.55 -31.26
C LYS C 141 20.13 29.52 -32.15
N ASP C 142 19.21 30.29 -31.57
CA ASP C 142 18.39 31.19 -32.35
C ASP C 142 19.23 32.29 -33.00
N ILE C 143 19.12 32.41 -34.32
CA ILE C 143 19.92 33.36 -35.07
C ILE C 143 19.25 33.57 -36.43
N ASN C 144 19.56 34.70 -37.05
CA ASN C 144 18.98 35.09 -38.34
C ASN C 144 20.09 35.59 -39.24
N VAL C 145 19.94 35.34 -40.54
CA VAL C 145 20.92 35.73 -41.54
C VAL C 145 20.22 36.44 -42.69
N LYS C 146 20.73 37.60 -43.08
CA LYS C 146 20.18 38.41 -44.15
C LYS C 146 21.27 38.73 -45.18
N TRP C 147 20.90 38.67 -46.46
CA TRP C 147 21.80 38.91 -47.59
C TRP C 147 21.35 40.18 -48.32
N LYS C 148 22.19 41.21 -48.28
CA LYS C 148 21.88 42.48 -48.93
C LYS C 148 22.85 42.73 -50.08
N ILE C 149 22.30 42.79 -51.29
CA ILE C 149 23.06 43.10 -52.50
C ILE C 149 22.81 44.56 -52.84
N ASP C 150 23.85 45.39 -52.72
CA ASP C 150 23.75 46.83 -52.97
C ASP C 150 22.61 47.45 -52.17
N GLY C 151 22.41 46.95 -50.94
CA GLY C 151 21.38 47.43 -50.06
C GLY C 151 20.07 46.69 -50.14
N SER C 152 19.85 45.91 -51.19
CA SER C 152 18.58 45.24 -51.42
C SER C 152 18.62 43.83 -50.83
N GLU C 153 17.57 43.47 -50.10
CA GLU C 153 17.48 42.13 -49.53
C GLU C 153 17.29 41.11 -50.66
N ARG C 154 17.97 39.97 -50.53
CA ARG C 154 17.82 38.89 -51.48
C ARG C 154 17.69 37.56 -50.73
N GLN C 155 16.64 36.83 -51.04
CA GLN C 155 16.41 35.50 -50.51
C GLN C 155 16.57 34.40 -51.56
N ASN C 156 16.31 34.71 -52.82
CA ASN C 156 16.41 33.74 -53.90
C ASN C 156 17.87 33.33 -54.09
N GLY C 157 18.17 32.05 -53.88
CA GLY C 157 19.51 31.52 -54.07
C GLY C 157 20.34 31.36 -52.81
N VAL C 158 19.73 31.41 -51.64
CA VAL C 158 20.43 31.35 -50.36
C VAL C 158 20.21 29.97 -49.75
N LEU C 159 21.30 29.29 -49.43
CA LEU C 159 21.27 27.99 -48.78
C LEU C 159 21.88 28.11 -47.40
N ASN C 160 21.25 27.47 -46.42
CA ASN C 160 21.66 27.55 -45.02
C ASN C 160 21.80 26.15 -44.43
N SER C 161 22.83 25.96 -43.62
CA SER C 161 23.09 24.69 -42.95
C SER C 161 23.58 24.94 -41.53
N TRP C 162 23.05 24.16 -40.59
CA TRP C 162 23.31 24.31 -39.17
C TRP C 162 23.85 23.01 -38.60
N THR C 163 24.87 23.10 -37.76
CA THR C 163 25.37 21.94 -37.04
C THR C 163 24.66 21.83 -35.70
N ASP C 164 24.60 20.61 -35.18
CA ASP C 164 24.08 20.41 -33.84
C ASP C 164 25.10 20.92 -32.82
N GLN C 165 24.71 20.89 -31.55
CA GLN C 165 25.56 21.40 -30.50
C GLN C 165 26.89 20.65 -30.44
N ASP C 166 27.99 21.39 -30.42
CA ASP C 166 29.32 20.80 -30.37
C ASP C 166 29.49 20.04 -29.07
N SER C 167 30.15 18.88 -29.16
CA SER C 167 30.27 18.01 -28.01
C SER C 167 31.21 18.59 -26.95
N LYS C 168 32.08 19.53 -27.31
CA LYS C 168 33.07 20.04 -26.38
C LYS C 168 32.61 21.33 -25.71
N ASP C 169 32.40 22.38 -26.50
CA ASP C 169 32.06 23.69 -25.97
C ASP C 169 30.56 23.97 -25.97
N SER C 170 29.77 23.07 -26.54
CA SER C 170 28.30 23.19 -26.54
C SER C 170 27.82 24.45 -27.24
N THR C 171 28.55 24.90 -28.26
CA THR C 171 28.12 26.01 -29.11
C THR C 171 27.57 25.48 -30.44
N TYR C 172 27.01 26.38 -31.22
CA TYR C 172 26.43 26.04 -32.52
C TYR C 172 27.20 26.77 -33.62
N SER C 173 27.05 26.28 -34.85
CA SER C 173 27.72 26.87 -36.00
C SER C 173 26.83 26.75 -37.22
N MET C 174 26.83 27.80 -38.05
CA MET C 174 25.94 27.89 -39.20
C MET C 174 26.72 28.41 -40.40
N SER C 175 26.36 27.90 -41.58
CA SER C 175 26.91 28.34 -42.85
C SER C 175 25.79 28.79 -43.79
N SER C 176 26.01 29.93 -44.45
CA SER C 176 25.08 30.48 -45.43
C SER C 176 25.82 30.80 -46.71
N THR C 177 25.15 30.60 -47.84
CA THR C 177 25.79 30.76 -49.15
C THR C 177 24.76 31.23 -50.16
N LEU C 178 24.98 32.44 -50.70
CA LEU C 178 24.17 32.98 -51.78
C LEU C 178 24.87 32.69 -53.11
N THR C 179 24.21 31.89 -53.95
CA THR C 179 24.71 31.54 -55.28
C THR C 179 24.11 32.48 -56.32
N LEU C 180 24.94 32.85 -57.30
CA LEU C 180 24.53 33.81 -58.32
C LEU C 180 25.20 33.46 -59.64
N THR C 181 24.58 33.92 -60.73
CA THR C 181 25.21 33.84 -62.04
C THR C 181 26.45 34.73 -62.07
N LYS C 182 27.48 34.27 -62.79
CA LYS C 182 28.67 35.08 -62.95
C LYS C 182 28.32 36.48 -63.47
N ASP C 183 27.40 36.56 -64.43
CA ASP C 183 26.98 37.85 -64.94
C ASP C 183 26.34 38.69 -63.85
N GLU C 184 25.39 38.11 -63.12
CA GLU C 184 24.69 38.88 -62.08
C GLU C 184 25.64 39.28 -60.97
N TYR C 185 26.66 38.45 -60.69
CA TYR C 185 27.62 38.81 -59.65
C TYR C 185 28.44 40.03 -60.05
N GLU C 186 28.79 40.13 -61.33
CA GLU C 186 29.58 41.27 -61.78
C GLU C 186 28.79 42.57 -61.84
N ARG C 187 27.45 42.49 -61.94
CA ARG C 187 26.65 43.70 -62.10
C ARG C 187 26.54 44.51 -60.82
N HIS C 188 26.89 43.95 -59.68
CA HIS C 188 26.81 44.62 -58.39
C HIS C 188 28.18 44.68 -57.75
N ASN C 189 28.29 45.43 -56.66
CA ASN C 189 29.57 45.63 -55.99
C ASN C 189 29.54 45.19 -54.53
N SER C 190 28.57 45.65 -53.75
CA SER C 190 28.54 45.39 -52.32
C SER C 190 27.61 44.23 -51.98
N TYR C 191 28.09 43.35 -51.11
CA TYR C 191 27.33 42.21 -50.63
C TYR C 191 27.48 42.13 -49.13
N THR C 192 26.37 41.96 -48.44
CA THR C 192 26.32 42.11 -46.99
C THR C 192 25.69 40.87 -46.36
N CYS C 193 26.39 40.29 -45.39
CA CYS C 193 25.92 39.14 -44.61
C CYS C 193 25.60 39.62 -43.20
N GLU C 194 24.30 39.71 -42.88
CA GLU C 194 23.79 40.25 -41.63
C GLU C 194 23.37 39.12 -40.70
N ALA C 195 23.80 39.18 -39.45
CA ALA C 195 23.50 38.17 -38.45
C ALA C 195 22.77 38.82 -37.28
N THR C 196 21.51 38.44 -37.08
CA THR C 196 20.69 38.93 -35.98
C THR C 196 20.71 37.90 -34.86
N HIS C 197 21.42 38.20 -33.78
CA HIS C 197 21.61 37.27 -32.67
C HIS C 197 21.34 37.96 -31.35
N LYS C 198 20.94 37.15 -30.36
CA LYS C 198 20.61 37.68 -29.03
C LYS C 198 21.79 38.42 -28.42
N THR C 199 23.01 38.09 -28.85
CA THR C 199 24.20 38.67 -28.24
C THR C 199 24.34 40.15 -28.51
N SER C 200 23.55 40.72 -29.42
CA SER C 200 23.71 42.11 -29.78
C SER C 200 22.37 42.70 -30.21
N THR C 201 22.18 43.98 -29.90
CA THR C 201 20.97 44.68 -30.35
C THR C 201 21.03 44.96 -31.84
N SER C 202 22.19 45.40 -32.34
CA SER C 202 22.52 45.68 -33.74
C SER C 202 23.05 44.42 -34.41
N PRO C 203 22.67 44.17 -35.66
CA PRO C 203 23.08 42.93 -36.32
C PRO C 203 24.58 42.94 -36.62
N ILE C 204 25.20 41.78 -36.40
CA ILE C 204 26.61 41.60 -36.73
C ILE C 204 26.73 41.49 -38.25
N VAL C 205 27.24 42.55 -38.86
CA VAL C 205 27.18 42.75 -40.30
C VAL C 205 28.58 42.64 -40.85
N LYS C 206 28.81 41.64 -41.70
CA LYS C 206 30.07 41.50 -42.42
C LYS C 206 29.81 41.69 -43.91
N SER C 207 30.67 42.46 -44.57
CA SER C 207 30.46 42.80 -45.96
C SER C 207 31.80 42.88 -46.68
N PHE C 208 31.74 42.75 -48.01
CA PHE C 208 32.90 42.95 -48.88
C PHE C 208 32.43 43.65 -50.15
N ASN C 209 33.38 43.93 -51.05
CA ASN C 209 33.08 44.58 -52.32
C ASN C 209 33.85 43.89 -53.45
N ARG C 210 33.27 43.94 -54.64
CA ARG C 210 33.94 43.42 -55.83
C ARG C 210 35.16 44.28 -56.21
N ASN C 211 35.62 45.16 -55.33
CA ASN C 211 36.70 46.10 -55.63
C ASN C 211 36.37 46.97 -56.84
N VAL D 21 -15.69 -46.92 13.44
CA VAL D 21 -14.57 -46.07 13.80
C VAL D 21 -13.34 -46.92 14.14
N MET D 22 -12.27 -46.68 13.39
CA MET D 22 -11.03 -47.46 13.47
C MET D 22 -9.92 -46.58 14.03
N LEU D 23 -9.50 -46.85 15.26
CA LEU D 23 -8.40 -46.15 15.91
C LEU D 23 -7.35 -47.19 16.25
N VAL D 24 -6.26 -47.22 15.49
CA VAL D 24 -5.20 -48.21 15.64
C VAL D 24 -3.88 -47.47 15.80
N GLU D 25 -3.27 -47.59 16.98
CA GLU D 25 -2.00 -46.97 17.30
C GLU D 25 -0.87 -48.01 17.31
N SER D 26 0.35 -47.52 17.08
CA SER D 26 1.52 -48.39 17.02
C SER D 26 2.76 -47.57 17.34
N GLY D 27 3.85 -48.30 17.61
CA GLY D 27 5.16 -47.69 17.81
C GLY D 27 5.76 -47.88 19.19
N GLY D 28 5.11 -48.60 20.11
CA GLY D 28 5.66 -48.76 21.45
C GLY D 28 6.75 -49.81 21.54
N ASP D 29 7.89 -49.42 22.14
CA ASP D 29 9.00 -50.35 22.34
C ASP D 29 9.69 -49.98 23.64
N LEU D 30 10.49 -50.91 24.17
CA LEU D 30 11.24 -50.63 25.37
C LEU D 30 12.29 -49.56 25.08
N VAL D 31 12.20 -48.43 25.77
CA VAL D 31 13.11 -47.31 25.57
C VAL D 31 13.94 -47.10 26.82
N LYS D 32 15.19 -46.69 26.61
CA LYS D 32 16.06 -46.41 27.74
C LYS D 32 15.69 -45.07 28.38
N PRO D 33 15.82 -44.95 29.70
CA PRO D 33 15.48 -43.69 30.37
C PRO D 33 16.32 -42.54 29.83
N GLY D 34 15.67 -41.39 29.65
CA GLY D 34 16.30 -40.24 29.04
C GLY D 34 16.09 -40.17 27.54
N GLY D 35 15.94 -41.31 26.88
CA GLY D 35 15.74 -41.35 25.45
C GLY D 35 14.34 -40.89 25.06
N SER D 36 14.10 -40.91 23.75
CA SER D 36 12.84 -40.44 23.18
C SER D 36 12.17 -41.53 22.37
N LEU D 37 10.90 -41.28 22.02
CA LEU D 37 10.08 -42.20 21.23
C LEU D 37 8.78 -41.53 20.77
N LYS D 38 8.48 -41.61 19.47
CA LYS D 38 7.27 -41.05 18.87
C LYS D 38 6.30 -42.18 18.50
N VAL D 39 5.08 -42.11 19.03
CA VAL D 39 4.03 -43.08 18.74
C VAL D 39 2.98 -42.42 17.86
N SER D 40 2.40 -43.21 16.95
CA SER D 40 1.42 -42.75 15.99
C SER D 40 0.08 -43.46 16.16
N CYS D 41 -0.96 -42.86 15.61
CA CYS D 41 -2.32 -43.39 15.65
C CYS D 41 -2.96 -43.19 14.28
N ALA D 42 -3.51 -44.25 13.71
CA ALA D 42 -4.12 -44.19 12.37
C ALA D 42 -5.64 -44.07 12.51
N ALA D 43 -6.20 -42.94 12.11
CA ALA D 43 -7.63 -42.70 12.19
C ALA D 43 -8.34 -43.13 10.92
N SER D 44 -9.52 -43.72 11.07
CA SER D 44 -10.33 -44.13 9.93
C SER D 44 -11.77 -44.32 10.38
N GLY D 45 -12.70 -43.99 9.49
CA GLY D 45 -14.10 -44.13 9.76
C GLY D 45 -14.79 -42.91 10.31
N PHE D 46 -14.23 -41.72 10.08
CA PHE D 46 -14.81 -40.47 10.55
C PHE D 46 -14.00 -39.32 9.95
N THR D 47 -14.56 -38.12 10.03
CA THR D 47 -13.91 -36.91 9.51
C THR D 47 -12.87 -36.46 10.53
N PHE D 48 -11.63 -36.90 10.31
CA PHE D 48 -10.54 -36.61 11.25
C PHE D 48 -10.44 -35.12 11.56
N SER D 49 -10.49 -34.27 10.53
CA SER D 49 -10.34 -32.83 10.71
C SER D 49 -11.46 -32.19 11.53
N ASN D 50 -12.51 -32.93 11.88
CA ASN D 50 -13.64 -32.37 12.62
C ASN D 50 -13.64 -32.75 14.09
N TYR D 51 -12.75 -33.64 14.53
CA TYR D 51 -12.66 -34.08 15.92
C TYR D 51 -11.27 -33.81 16.47
N ALA D 52 -11.23 -33.42 17.75
CA ALA D 52 -9.98 -33.23 18.48
C ALA D 52 -9.58 -34.54 19.13
N MET D 53 -8.28 -34.86 19.06
CA MET D 53 -7.76 -36.12 19.57
C MET D 53 -6.94 -35.91 20.83
N SER D 54 -6.83 -36.98 21.62
CA SER D 54 -6.10 -36.95 22.87
C SER D 54 -5.40 -38.28 23.09
N TRP D 55 -4.30 -38.24 23.85
CA TRP D 55 -3.59 -39.42 24.29
C TRP D 55 -3.83 -39.62 25.78
N VAL D 56 -4.12 -40.85 26.17
CA VAL D 56 -4.36 -41.19 27.57
C VAL D 56 -3.63 -42.50 27.85
N ARG D 57 -2.65 -42.45 28.76
CA ARG D 57 -1.90 -43.64 29.11
C ARG D 57 -2.53 -44.34 30.31
N GLN D 58 -2.31 -45.65 30.40
CA GLN D 58 -2.81 -46.47 31.50
C GLN D 58 -1.62 -47.19 32.12
N THR D 59 -1.29 -46.83 33.35
CA THR D 59 -0.16 -47.42 34.05
C THR D 59 -0.43 -48.91 34.33
N PRO D 60 0.62 -49.67 34.64
CA PRO D 60 0.38 -51.06 35.07
C PRO D 60 -0.49 -51.17 36.31
N GLU D 61 -0.52 -50.12 37.14
CA GLU D 61 -1.40 -50.02 38.30
C GLU D 61 -2.86 -49.77 37.91
N LYS D 62 -3.11 -49.86 36.60
CA LYS D 62 -4.43 -49.63 36.00
C LYS D 62 -5.00 -48.26 36.35
N ARG D 63 -4.13 -47.24 36.34
CA ARG D 63 -4.51 -45.85 36.54
C ARG D 63 -4.50 -45.11 35.20
N LEU D 64 -5.47 -44.21 35.00
CA LEU D 64 -5.62 -43.47 33.75
C LEU D 64 -5.06 -42.05 33.90
N GLU D 65 -4.05 -41.73 33.09
CA GLU D 65 -3.44 -40.41 33.10
C GLU D 65 -3.63 -39.79 31.72
N TRP D 66 -4.12 -38.54 31.70
CA TRP D 66 -4.24 -37.81 30.44
C TRP D 66 -2.86 -37.32 30.01
N VAL D 67 -2.53 -37.51 28.73
CA VAL D 67 -1.20 -37.20 28.22
C VAL D 67 -1.18 -35.90 27.43
N ALA D 68 -2.05 -35.76 26.43
CA ALA D 68 -2.06 -34.55 25.61
C ALA D 68 -3.35 -34.49 24.79
N THR D 69 -3.72 -33.28 24.40
CA THR D 69 -4.90 -33.01 23.58
C THR D 69 -4.47 -32.09 22.44
N ILE D 70 -5.00 -32.34 21.24
CA ILE D 70 -4.68 -31.53 20.07
C ILE D 70 -5.99 -31.08 19.42
N SER D 71 -6.00 -29.85 18.90
CA SER D 71 -7.18 -29.29 18.28
C SER D 71 -7.42 -29.91 16.91
N SER D 72 -8.65 -29.72 16.41
CA SER D 72 -9.05 -30.29 15.12
C SER D 72 -8.04 -29.96 14.02
N GLY D 73 -7.52 -28.73 14.01
CA GLY D 73 -6.57 -28.31 12.99
C GLY D 73 -5.17 -28.14 13.55
N ALA D 74 -4.90 -28.81 14.67
CA ALA D 74 -3.56 -28.87 15.28
C ALA D 74 -2.93 -27.50 15.50
N SER D 75 -3.76 -26.48 15.77
CA SER D 75 -3.22 -25.18 16.10
C SER D 75 -3.05 -25.00 17.60
N TYR D 76 -3.90 -25.62 18.40
CA TYR D 76 -3.81 -25.55 19.85
C TYR D 76 -3.54 -26.94 20.41
N THR D 77 -2.62 -27.02 21.35
CA THR D 77 -2.29 -28.26 22.03
C THR D 77 -2.40 -28.05 23.53
N HIS D 78 -2.52 -29.15 24.25
CA HIS D 78 -2.62 -29.11 25.70
C HIS D 78 -1.84 -30.27 26.30
N TYR D 79 -1.05 -29.98 27.34
CA TYR D 79 -0.23 -30.94 28.03
C TYR D 79 -0.31 -30.64 29.52
N PRO D 80 -0.36 -31.67 30.36
CA PRO D 80 -0.26 -31.45 31.81
C PRO D 80 1.18 -31.15 32.21
N ASP D 81 1.31 -30.55 33.40
CA ASP D 81 2.64 -30.20 33.93
C ASP D 81 3.60 -31.38 33.92
N SER D 82 3.08 -32.60 34.09
CA SER D 82 3.92 -33.79 34.14
C SER D 82 4.84 -33.89 32.93
N VAL D 83 4.26 -33.85 31.73
CA VAL D 83 5.02 -34.07 30.50
C VAL D 83 5.23 -32.77 29.72
N LYS D 84 4.83 -31.62 30.28
CA LYS D 84 5.01 -30.35 29.58
C LYS D 84 6.49 -30.10 29.31
N GLY D 85 6.81 -29.82 28.05
CA GLY D 85 8.17 -29.64 27.62
C GLY D 85 8.90 -30.94 27.28
N ARG D 86 8.39 -32.08 27.73
CA ARG D 86 8.95 -33.39 27.46
C ARG D 86 8.28 -34.07 26.28
N PHE D 87 6.96 -34.08 26.25
CA PHE D 87 6.17 -34.70 25.19
C PHE D 87 5.67 -33.62 24.23
N THR D 88 5.41 -34.04 23.00
CA THR D 88 4.93 -33.13 21.95
C THR D 88 3.95 -33.90 21.07
N ILE D 89 2.67 -33.51 21.11
CA ILE D 89 1.67 -34.13 20.25
C ILE D 89 1.67 -33.46 18.88
N SER D 90 1.21 -34.21 17.88
CA SER D 90 1.15 -33.71 16.52
C SER D 90 0.12 -34.52 15.75
N ARG D 91 -0.30 -33.97 14.61
CA ARG D 91 -1.26 -34.67 13.76
C ARG D 91 -1.10 -34.21 12.32
N ASP D 92 -1.33 -35.13 11.38
CA ASP D 92 -1.31 -34.86 9.95
C ASP D 92 -2.73 -35.11 9.44
N ASN D 93 -3.53 -34.03 9.38
CA ASN D 93 -4.91 -34.15 8.92
C ASN D 93 -5.01 -34.79 7.55
N ALA D 94 -4.01 -34.58 6.69
CA ALA D 94 -4.03 -35.20 5.37
C ALA D 94 -3.83 -36.71 5.46
N LYS D 95 -2.80 -37.15 6.18
CA LYS D 95 -2.55 -38.57 6.35
C LYS D 95 -3.47 -39.24 7.36
N ASN D 96 -4.38 -38.49 7.98
CA ASN D 96 -5.32 -39.03 8.97
C ASN D 96 -4.60 -39.77 10.09
N THR D 97 -3.60 -39.11 10.68
CA THR D 97 -2.77 -39.72 11.71
C THR D 97 -2.52 -38.77 12.87
N LEU D 98 -2.28 -39.34 14.04
CA LEU D 98 -2.01 -38.60 15.27
C LEU D 98 -0.66 -39.03 15.82
N TYR D 99 0.22 -38.06 16.07
CA TYR D 99 1.58 -38.33 16.52
C TYR D 99 1.79 -37.84 17.95
N LEU D 100 2.69 -38.51 18.68
CA LEU D 100 3.03 -38.11 20.05
C LEU D 100 4.50 -38.43 20.31
N GLN D 101 5.33 -37.40 20.30
CA GLN D 101 6.75 -37.53 20.57
C GLN D 101 6.97 -37.43 22.08
N MET D 102 7.77 -38.35 22.63
CA MET D 102 8.03 -38.40 24.07
C MET D 102 9.53 -38.33 24.29
N SER D 103 10.04 -37.19 24.73
CA SER D 103 11.46 -37.04 25.00
C SER D 103 11.73 -37.06 26.50
N SER D 104 12.99 -37.33 26.85
CA SER D 104 13.46 -37.41 28.23
C SER D 104 12.54 -38.29 29.08
N LEU D 105 12.23 -39.47 28.55
CA LEU D 105 11.32 -40.39 29.22
C LEU D 105 11.87 -40.82 30.58
N ARG D 106 10.96 -41.16 31.49
CA ARG D 106 11.31 -41.56 32.84
C ARG D 106 10.63 -42.88 33.18
N SER D 107 11.16 -43.53 34.22
CA SER D 107 10.64 -44.83 34.64
C SER D 107 9.14 -44.78 34.89
N GLU D 108 8.64 -43.67 35.43
CA GLU D 108 7.20 -43.56 35.66
C GLU D 108 6.42 -43.60 34.36
N ASP D 109 7.01 -43.11 33.26
CA ASP D 109 6.36 -43.09 31.96
C ASP D 109 6.32 -44.46 31.28
N THR D 110 6.37 -45.52 32.07
CA THR D 110 6.19 -46.89 31.58
C THR D 110 4.69 -47.26 31.60
N ALA D 111 3.98 -47.01 30.50
CA ALA D 111 2.53 -47.20 30.52
C ALA D 111 1.99 -47.66 29.17
N MET D 112 0.69 -47.98 29.17
CA MET D 112 -0.07 -48.37 28.00
C MET D 112 -0.76 -47.13 27.44
N TYR D 113 -0.25 -46.61 26.33
CA TYR D 113 -0.75 -45.36 25.75
C TYR D 113 -1.91 -45.62 24.78
N TYR D 114 -3.00 -44.87 24.98
CA TYR D 114 -4.24 -44.99 24.21
C TYR D 114 -4.52 -43.74 23.39
N CYS D 115 -4.92 -43.95 22.15
CA CYS D 115 -5.35 -42.89 21.24
C CYS D 115 -6.87 -42.76 21.36
N GLY D 116 -7.33 -41.63 21.89
CA GLY D 116 -8.75 -41.40 22.09
C GLY D 116 -9.23 -40.19 21.31
N ARG D 117 -10.51 -40.20 20.94
CA ARG D 117 -11.13 -39.12 20.19
C ARG D 117 -12.11 -38.40 21.09
N GLN D 118 -11.94 -37.09 21.23
CA GLN D 118 -12.81 -36.30 22.08
C GLN D 118 -14.18 -36.08 21.46
N VAL D 119 -15.18 -35.90 22.34
CA VAL D 119 -16.53 -35.62 21.90
C VAL D 119 -16.54 -34.30 21.14
N ASN D 120 -17.19 -34.28 19.99
CA ASN D 120 -17.39 -33.05 19.23
C ASN D 120 -18.83 -32.56 19.31
N ARG D 121 -19.71 -33.33 19.95
CA ARG D 121 -21.13 -32.98 20.00
C ARG D 121 -21.39 -31.62 20.62
N HIS D 122 -20.64 -31.25 21.66
CA HIS D 122 -20.92 -30.02 22.41
C HIS D 122 -20.03 -28.83 22.04
N ASP D 123 -19.26 -28.91 20.96
CA ASP D 123 -18.32 -27.85 20.57
C ASP D 123 -17.57 -27.25 21.75
N ARG D 124 -16.65 -28.00 22.33
CA ARG D 124 -15.89 -27.49 23.47
C ARG D 124 -14.52 -28.14 23.44
N ALA D 125 -13.47 -27.33 23.65
CA ALA D 125 -12.10 -27.83 23.57
C ALA D 125 -11.87 -29.05 24.46
N LEU D 126 -12.46 -29.06 25.65
CA LEU D 126 -12.28 -30.13 26.63
C LEU D 126 -13.57 -30.91 26.78
N ASP D 127 -13.51 -32.22 26.57
CA ASP D 127 -14.67 -33.10 26.64
C ASP D 127 -14.18 -34.52 26.90
N ALA D 128 -15.14 -35.44 27.06
CA ALA D 128 -14.86 -36.85 27.24
C ALA D 128 -14.39 -37.46 25.92
N MET D 129 -14.16 -38.77 25.88
CA MET D 129 -13.60 -39.44 24.71
C MET D 129 -14.57 -40.49 24.19
N ASP D 130 -15.03 -40.30 22.95
CA ASP D 130 -15.99 -41.20 22.32
C ASP D 130 -15.44 -42.62 22.22
N TYR D 131 -14.31 -42.78 21.54
CA TYR D 131 -13.74 -44.09 21.27
C TYR D 131 -12.30 -44.15 21.72
N TRP D 132 -11.80 -45.37 21.87
CA TRP D 132 -10.48 -45.63 22.40
C TRP D 132 -9.77 -46.65 21.51
N GLY D 133 -8.48 -46.44 21.29
CA GLY D 133 -7.69 -47.35 20.51
C GLY D 133 -7.40 -48.65 21.25
N GLN D 134 -6.73 -49.56 20.53
CA GLN D 134 -6.37 -50.84 21.13
C GLN D 134 -5.34 -50.67 22.24
N GLY D 135 -4.36 -49.81 22.04
CA GLY D 135 -3.33 -49.52 23.01
C GLY D 135 -1.98 -50.06 22.57
N THR D 136 -0.95 -49.24 22.74
CA THR D 136 0.43 -49.61 22.44
C THR D 136 1.27 -49.46 23.70
N SER D 137 2.01 -50.51 24.05
CA SER D 137 2.75 -50.57 25.31
C SER D 137 4.14 -49.95 25.18
N VAL D 138 4.47 -49.05 26.10
CA VAL D 138 5.79 -48.46 26.22
C VAL D 138 6.38 -48.90 27.56
N THR D 139 7.69 -49.18 27.58
CA THR D 139 8.39 -49.63 28.78
C THR D 139 9.72 -48.90 28.90
N VAL D 140 9.75 -47.82 29.68
CA VAL D 140 10.97 -47.05 29.95
C VAL D 140 11.80 -47.79 30.98
N SER D 141 12.77 -48.57 30.51
CA SER D 141 13.65 -49.36 31.37
C SER D 141 15.08 -49.25 30.87
N PRO D 142 16.06 -49.32 31.77
CA PRO D 142 17.47 -49.35 31.36
C PRO D 142 18.08 -50.75 31.34
N ALA D 143 17.26 -51.79 31.48
CA ALA D 143 17.77 -53.15 31.56
C ALA D 143 18.11 -53.71 30.18
N LYS D 144 19.15 -54.53 30.15
CA LYS D 144 19.47 -55.31 28.97
C LYS D 144 18.61 -56.57 28.96
N THR D 145 18.11 -56.93 27.78
CA THR D 145 17.25 -58.10 27.65
C THR D 145 17.99 -59.36 28.11
N THR D 146 17.62 -59.89 29.27
CA THR D 146 18.27 -61.05 29.85
C THR D 146 17.36 -62.27 29.84
N PRO D 147 17.92 -63.47 29.69
CA PRO D 147 17.10 -64.69 29.73
C PRO D 147 16.64 -64.99 31.14
N PRO D 148 15.61 -65.84 31.29
CA PRO D 148 15.09 -66.15 32.63
C PRO D 148 15.80 -67.32 33.30
N SER D 149 15.79 -67.27 34.63
CA SER D 149 16.33 -68.34 35.47
C SER D 149 15.15 -69.16 36.00
N VAL D 150 14.99 -70.37 35.47
CA VAL D 150 13.90 -71.27 35.84
C VAL D 150 14.37 -72.16 36.98
N TYR D 151 13.60 -72.20 38.07
CA TYR D 151 13.92 -73.04 39.21
C TYR D 151 12.71 -73.91 39.58
N PRO D 152 12.90 -75.21 39.75
CA PRO D 152 11.76 -76.08 40.10
C PRO D 152 11.36 -75.92 41.55
N LEU D 153 10.08 -76.16 41.82
CA LEU D 153 9.51 -76.06 43.16
C LEU D 153 8.82 -77.38 43.53
N ALA D 154 9.54 -78.23 44.27
CA ALA D 154 9.04 -79.49 44.78
C ALA D 154 8.90 -79.43 46.30
N PRO D 155 7.91 -80.12 46.88
CA PRO D 155 7.72 -80.07 48.34
C PRO D 155 8.85 -80.74 49.12
N MET D 164 -3.86 -83.77 48.10
CA MET D 164 -3.54 -83.35 46.74
C MET D 164 -2.23 -82.55 46.75
N VAL D 165 -1.23 -83.08 46.06
CA VAL D 165 0.12 -82.52 46.05
C VAL D 165 0.21 -81.36 45.06
N THR D 166 0.63 -80.20 45.54
CA THR D 166 0.87 -79.01 44.72
C THR D 166 2.33 -78.97 44.27
N LEU D 167 2.55 -78.46 43.05
CA LEU D 167 3.89 -78.31 42.48
C LEU D 167 4.01 -76.93 41.84
N GLY D 168 5.24 -76.45 41.71
CA GLY D 168 5.47 -75.11 41.21
C GLY D 168 6.63 -75.02 40.23
N CYS D 169 6.83 -73.80 39.72
CA CYS D 169 7.89 -73.48 38.78
C CYS D 169 8.13 -71.98 38.81
N LEU D 170 9.34 -71.56 39.18
CA LEU D 170 9.68 -70.14 39.35
C LEU D 170 10.44 -69.63 38.14
N VAL D 171 10.02 -68.47 37.64
CA VAL D 171 10.69 -67.74 36.57
C VAL D 171 11.24 -66.46 37.17
N LYS D 172 12.56 -66.42 37.37
CA LYS D 172 13.19 -65.30 38.05
C LYS D 172 14.29 -64.70 37.18
N GLY D 173 14.47 -63.38 37.32
CA GLY D 173 15.56 -62.67 36.68
C GLY D 173 15.52 -62.63 35.17
N TYR D 174 14.46 -62.05 34.61
CA TYR D 174 14.31 -61.96 33.16
C TYR D 174 13.84 -60.56 32.78
N PHE D 175 14.09 -60.21 31.51
CA PHE D 175 13.69 -58.93 30.96
C PHE D 175 13.68 -59.05 29.44
N PRO D 176 12.65 -58.54 28.76
CA PRO D 176 11.46 -57.97 29.36
C PRO D 176 10.25 -58.90 29.27
N GLU D 177 9.09 -58.39 29.66
CA GLU D 177 7.85 -59.11 29.47
C GLU D 177 7.62 -59.31 27.97
N PRO D 178 6.91 -60.36 27.56
CA PRO D 178 6.36 -61.49 28.31
C PRO D 178 7.18 -62.75 28.23
N VAL D 179 6.82 -63.70 29.09
CA VAL D 179 7.29 -65.08 29.05
C VAL D 179 6.09 -65.99 29.17
N THR D 180 6.08 -67.07 28.40
CA THR D 180 5.01 -68.06 28.39
C THR D 180 5.40 -69.26 29.23
N VAL D 181 4.41 -69.86 29.89
CA VAL D 181 4.61 -71.05 30.71
C VAL D 181 3.46 -72.00 30.47
N THR D 182 3.76 -73.31 30.47
CA THR D 182 2.80 -74.38 30.26
C THR D 182 3.29 -75.59 31.05
N TRP D 183 2.42 -76.58 31.21
CA TRP D 183 2.73 -77.77 31.97
C TRP D 183 2.45 -79.01 31.13
N ASN D 184 3.49 -79.85 30.97
CA ASN D 184 3.39 -81.10 30.21
C ASN D 184 2.93 -80.85 28.77
N SER D 185 3.49 -79.82 28.13
CA SER D 185 3.19 -79.48 26.75
C SER D 185 1.69 -79.26 26.52
N GLY D 186 1.00 -78.78 27.54
CA GLY D 186 -0.43 -78.53 27.47
C GLY D 186 -1.33 -79.70 27.81
N SER D 187 -0.78 -80.75 28.42
CA SER D 187 -1.62 -81.89 28.81
C SER D 187 -2.56 -81.50 29.94
N LEU D 188 -2.08 -80.65 30.85
CA LEU D 188 -2.84 -80.19 32.00
C LEU D 188 -3.22 -78.73 31.80
N SER D 189 -4.46 -78.39 32.17
CA SER D 189 -4.87 -76.99 32.14
C SER D 189 -5.73 -76.66 33.34
N SER D 190 -6.64 -77.56 33.70
CA SER D 190 -7.49 -77.32 34.86
C SER D 190 -6.70 -77.48 36.14
N GLY D 191 -7.05 -76.67 37.14
CA GLY D 191 -6.36 -76.74 38.41
C GLY D 191 -4.98 -76.16 38.44
N VAL D 192 -4.62 -75.33 37.45
CA VAL D 192 -3.32 -74.70 37.37
C VAL D 192 -3.49 -73.19 37.54
N HIS D 193 -2.50 -72.57 38.18
CA HIS D 193 -2.56 -71.13 38.47
C HIS D 193 -1.20 -70.50 38.19
N THR D 194 -1.11 -69.69 37.15
CA THR D 194 0.06 -68.89 36.87
C THR D 194 -0.09 -67.51 37.50
N PHE D 195 1.04 -66.91 37.91
CA PHE D 195 1.01 -65.65 38.63
C PHE D 195 1.70 -64.55 37.84
N PRO D 196 1.22 -63.31 37.94
CA PRO D 196 1.84 -62.21 37.21
C PRO D 196 3.25 -61.89 37.69
N ALA D 197 4.04 -61.31 36.80
CA ALA D 197 5.41 -60.94 37.13
C ALA D 197 5.45 -59.72 38.02
N VAL D 198 6.54 -59.59 38.78
CA VAL D 198 6.77 -58.48 39.69
C VAL D 198 8.16 -57.92 39.44
N LEU D 199 8.28 -56.59 39.49
CA LEU D 199 9.53 -55.87 39.25
C LEU D 199 10.51 -56.13 40.39
N GLN D 200 11.43 -57.06 40.16
CA GLN D 200 12.42 -57.46 41.16
C GLN D 200 13.69 -56.67 40.85
N SER D 201 13.85 -55.53 41.53
CA SER D 201 14.77 -54.46 41.14
C SER D 201 14.31 -53.96 39.78
N ASP D 202 15.12 -54.06 38.73
CA ASP D 202 14.68 -53.72 37.38
C ASP D 202 14.45 -54.96 36.52
N LEU D 203 14.41 -56.13 37.13
CA LEU D 203 14.13 -57.40 36.47
C LEU D 203 12.77 -57.92 36.90
N TYR D 204 12.14 -58.74 36.04
CA TYR D 204 10.87 -59.38 36.33
C TYR D 204 11.08 -60.70 37.07
N THR D 205 9.98 -61.21 37.65
CA THR D 205 9.97 -62.48 38.37
C THR D 205 8.52 -62.95 38.54
N LEU D 206 8.26 -64.22 38.24
CA LEU D 206 6.93 -64.79 38.38
C LEU D 206 7.04 -66.27 38.73
N SER D 207 5.88 -66.92 38.90
CA SER D 207 5.83 -68.35 39.21
C SER D 207 4.47 -68.91 38.80
N SER D 208 4.40 -70.24 38.75
CA SER D 208 3.16 -70.96 38.45
C SER D 208 2.97 -72.11 39.44
N SER D 209 1.71 -72.53 39.60
CA SER D 209 1.34 -73.59 40.53
C SER D 209 0.43 -74.60 39.84
N VAL D 210 0.79 -75.88 39.92
CA VAL D 210 0.00 -76.98 39.36
C VAL D 210 -0.21 -78.01 40.49
N THR D 211 -1.47 -78.20 40.88
CA THR D 211 -1.82 -79.15 41.92
C THR D 211 -2.36 -80.43 41.29
N VAL D 212 -1.79 -81.57 41.67
CA VAL D 212 -2.16 -82.86 41.12
C VAL D 212 -2.47 -83.83 42.26
N PRO D 213 -3.22 -84.90 41.98
CA PRO D 213 -3.49 -85.89 43.03
C PRO D 213 -2.21 -86.56 43.52
N SER D 214 -2.23 -86.97 44.79
CA SER D 214 -1.07 -87.61 45.39
C SER D 214 -0.69 -88.89 44.64
N SER D 215 -1.66 -89.57 44.02
CA SER D 215 -1.35 -90.80 43.30
C SER D 215 -0.52 -90.51 42.05
N THR D 216 -0.78 -89.39 41.38
CA THR D 216 -0.12 -89.07 40.11
C THR D 216 1.30 -88.53 40.27
N TRP D 217 1.76 -88.25 41.49
CA TRP D 217 3.11 -87.74 41.67
C TRP D 217 3.70 -88.27 42.97
N PRO D 218 4.99 -88.64 42.99
CA PRO D 218 5.97 -88.54 41.89
C PRO D 218 6.00 -89.73 40.94
N SER D 219 4.83 -90.32 40.67
CA SER D 219 4.77 -91.44 39.74
C SER D 219 4.89 -90.99 38.29
N GLU D 220 4.32 -89.83 37.96
CA GLU D 220 4.37 -89.26 36.63
C GLU D 220 5.27 -88.03 36.64
N THR D 221 5.92 -87.78 35.50
CA THR D 221 6.84 -86.65 35.37
C THR D 221 6.08 -85.43 34.87
N VAL D 222 6.17 -84.33 35.63
CA VAL D 222 5.57 -83.05 35.26
C VAL D 222 6.69 -82.12 34.81
N THR D 223 6.55 -81.57 33.61
CA THR D 223 7.58 -80.74 32.99
C THR D 223 7.08 -79.31 32.87
N CYS D 224 7.83 -78.37 33.47
CA CYS D 224 7.53 -76.95 33.37
C CYS D 224 8.10 -76.42 32.06
N ASN D 225 7.22 -75.96 31.16
CA ASN D 225 7.62 -75.50 29.84
C ASN D 225 7.55 -73.98 29.82
N VAL D 226 8.72 -73.33 29.86
CA VAL D 226 8.81 -71.88 29.85
C VAL D 226 9.24 -71.43 28.47
N ALA D 227 9.00 -70.15 28.17
CA ALA D 227 9.36 -69.61 26.86
C ALA D 227 9.53 -68.10 26.98
N HIS D 228 10.74 -67.61 26.74
CA HIS D 228 11.03 -66.18 26.70
C HIS D 228 11.36 -65.79 25.26
N PRO D 229 10.40 -65.27 24.49
CA PRO D 229 10.68 -64.93 23.09
C PRO D 229 11.75 -63.86 22.91
N ALA D 230 11.74 -62.83 23.75
CA ALA D 230 12.70 -61.73 23.63
C ALA D 230 14.15 -62.20 23.70
N SER D 231 14.40 -63.38 24.29
CA SER D 231 15.76 -63.94 24.33
C SER D 231 15.83 -65.34 23.72
N SER D 232 14.76 -65.78 23.05
CA SER D 232 14.69 -67.08 22.39
C SER D 232 15.22 -68.20 23.28
N THR D 233 14.68 -68.29 24.48
CA THR D 233 15.06 -69.32 25.45
C THR D 233 13.87 -70.24 25.69
N LYS D 234 14.11 -71.55 25.59
CA LYS D 234 13.09 -72.56 25.81
C LYS D 234 13.60 -73.52 26.88
N VAL D 235 13.02 -73.44 28.08
CA VAL D 235 13.41 -74.27 29.21
C VAL D 235 12.26 -75.23 29.51
N ASP D 236 12.59 -76.51 29.72
CA ASP D 236 11.60 -77.55 30.02
C ASP D 236 12.12 -78.38 31.21
N LYS D 237 12.12 -77.75 32.39
CA LYS D 237 12.57 -78.40 33.61
C LYS D 237 11.48 -79.29 34.19
N LYS D 238 11.80 -80.56 34.40
CA LYS D 238 10.88 -81.44 35.11
C LYS D 238 11.08 -81.30 36.61
N ILE D 239 10.02 -81.63 37.35
CA ILE D 239 10.04 -81.52 38.80
C ILE D 239 10.44 -82.87 39.38
N VAL D 240 11.55 -82.88 40.12
CA VAL D 240 12.07 -84.07 40.76
C VAL D 240 12.13 -83.82 42.26
N PRO D 241 11.62 -84.72 43.11
CA PRO D 241 11.63 -84.55 44.57
C PRO D 241 12.99 -84.85 45.19
N ASP E 21 -5.42 -29.59 39.45
CA ASP E 21 -5.79 -30.99 39.41
C ASP E 21 -6.97 -31.29 40.32
N ILE E 22 -8.01 -31.89 39.75
CA ILE E 22 -9.22 -32.24 40.48
C ILE E 22 -9.12 -33.72 40.83
N VAL E 23 -8.81 -34.01 42.09
CA VAL E 23 -8.69 -35.40 42.52
C VAL E 23 -10.07 -36.06 42.49
N MET E 24 -10.20 -37.12 41.70
CA MET E 24 -11.43 -37.91 41.63
C MET E 24 -11.18 -39.16 42.46
N SER E 25 -11.93 -39.30 43.56
CA SER E 25 -11.82 -40.48 44.41
C SER E 25 -13.03 -41.36 44.19
N GLN E 26 -12.81 -42.67 44.19
CA GLN E 26 -13.86 -43.66 43.90
C GLN E 26 -13.86 -44.73 44.98
N SER E 27 -14.86 -44.67 45.86
CA SER E 27 -15.02 -45.71 46.85
C SER E 27 -16.16 -46.64 46.46
N PRO E 28 -16.01 -47.96 46.60
CA PRO E 28 -14.83 -48.66 47.10
C PRO E 28 -13.89 -49.05 45.97
N SER E 29 -12.74 -49.64 46.32
CA SER E 29 -11.81 -50.12 45.30
C SER E 29 -12.37 -51.32 44.57
N SER E 30 -12.78 -52.34 45.32
CA SER E 30 -13.37 -53.57 44.78
C SER E 30 -14.81 -53.68 45.25
N LEU E 31 -15.66 -54.27 44.40
CA LEU E 31 -17.09 -54.36 44.68
C LEU E 31 -17.58 -55.77 44.33
N ALA E 32 -17.81 -56.58 45.36
CA ALA E 32 -18.36 -57.91 45.17
C ALA E 32 -19.87 -57.81 44.93
N VAL E 33 -20.30 -58.23 43.73
CA VAL E 33 -21.69 -58.10 43.34
C VAL E 33 -22.25 -59.47 42.98
N SER E 34 -23.57 -59.56 42.97
CA SER E 34 -24.31 -60.76 42.60
C SER E 34 -25.11 -60.47 41.33
N VAL E 35 -25.12 -61.44 40.42
CA VAL E 35 -25.82 -61.32 39.14
C VAL E 35 -27.26 -60.88 39.34
N GLY E 36 -27.63 -59.73 38.76
CA GLY E 36 -28.97 -59.21 38.79
C GLY E 36 -29.23 -58.17 39.86
N GLU E 37 -28.48 -58.21 40.96
CA GLU E 37 -28.70 -57.26 42.06
C GLU E 37 -28.39 -55.84 41.63
N LYS E 38 -28.84 -54.89 42.46
CA LYS E 38 -28.61 -53.47 42.22
C LYS E 38 -27.21 -53.08 42.70
N VAL E 39 -26.54 -52.26 41.90
CA VAL E 39 -25.16 -51.85 42.16
C VAL E 39 -25.04 -50.35 42.02
N THR E 40 -24.32 -49.73 42.98
CA THR E 40 -24.06 -48.29 43.00
C THR E 40 -22.58 -48.05 43.22
N MET E 41 -22.04 -47.07 42.48
CA MET E 41 -20.64 -46.67 42.57
C MET E 41 -20.55 -45.18 42.91
N SER E 42 -19.66 -44.84 43.81
CA SER E 42 -19.47 -43.47 44.26
C SER E 42 -18.29 -42.82 43.55
N CYS E 43 -18.39 -41.51 43.34
CA CYS E 43 -17.30 -40.73 42.76
C CYS E 43 -17.35 -39.34 43.40
N LYS E 44 -16.49 -39.12 44.39
CA LYS E 44 -16.37 -37.84 45.06
C LYS E 44 -15.29 -37.00 44.39
N SER E 45 -15.63 -35.77 44.07
CA SER E 45 -14.74 -34.87 43.35
C SER E 45 -14.00 -33.95 44.33
N SER E 46 -12.88 -33.42 43.85
CA SER E 46 -12.09 -32.46 44.63
C SER E 46 -12.65 -31.05 44.52
N GLN E 47 -13.43 -30.78 43.48
CA GLN E 47 -13.94 -29.44 43.22
C GLN E 47 -15.34 -29.53 42.64
N SER E 48 -16.05 -28.40 42.67
CA SER E 48 -17.35 -28.34 42.02
C SER E 48 -17.17 -28.47 40.50
N LEU E 49 -18.16 -29.10 39.85
CA LEU E 49 -18.10 -29.38 38.42
C LEU E 49 -19.37 -28.91 37.70
N PHE E 50 -19.98 -27.83 38.17
CA PHE E 50 -21.29 -27.39 37.72
C PHE E 50 -21.24 -25.96 37.16
N TYR E 51 -21.15 -25.84 35.83
CA TYR E 51 -21.36 -24.56 35.15
C TYR E 51 -22.79 -24.11 35.42
N SER E 52 -22.95 -23.05 36.22
CA SER E 52 -24.27 -22.70 36.74
C SER E 52 -25.26 -22.33 35.62
N SER E 53 -24.87 -21.43 34.72
CA SER E 53 -25.76 -21.05 33.63
C SER E 53 -26.09 -22.23 32.72
N ASN E 54 -25.13 -23.14 32.53
CA ASN E 54 -25.33 -24.31 31.67
C ASN E 54 -26.11 -25.41 32.39
N GLN E 55 -26.00 -25.48 33.72
CA GLN E 55 -26.64 -26.50 34.54
C GLN E 55 -26.30 -27.92 34.08
N LYS E 56 -25.01 -28.16 33.86
CA LYS E 56 -24.53 -29.48 33.48
C LYS E 56 -23.27 -29.80 34.27
N ASN E 57 -23.13 -31.05 34.69
CA ASN E 57 -21.94 -31.50 35.41
C ASN E 57 -20.95 -32.12 34.42
N TYR E 58 -19.70 -31.69 34.50
CA TYR E 58 -18.67 -32.09 33.54
C TYR E 58 -17.95 -33.35 34.00
N LEU E 59 -18.74 -34.43 34.09
CA LEU E 59 -18.24 -35.72 34.53
C LEU E 59 -18.66 -36.80 33.54
N ALA E 60 -17.84 -37.85 33.44
CA ALA E 60 -18.09 -38.96 32.53
C ALA E 60 -17.68 -40.26 33.19
N TRP E 61 -18.38 -41.34 32.81
CA TRP E 61 -18.14 -42.68 33.30
C TRP E 61 -17.71 -43.59 32.15
N TYR E 62 -16.74 -44.47 32.42
CA TYR E 62 -16.20 -45.38 31.42
C TYR E 62 -16.29 -46.83 31.88
N GLN E 63 -16.26 -47.72 30.89
CA GLN E 63 -16.25 -49.17 31.11
C GLN E 63 -15.02 -49.77 30.46
N GLN E 64 -14.15 -50.36 31.27
CA GLN E 64 -12.95 -51.05 30.76
C GLN E 64 -13.16 -52.55 30.94
N LYS E 65 -13.59 -53.21 29.86
CA LYS E 65 -13.77 -54.64 29.88
C LYS E 65 -12.41 -55.34 30.07
N PRO E 66 -12.39 -56.48 30.77
CA PRO E 66 -11.12 -57.19 30.97
C PRO E 66 -10.49 -57.58 29.64
N GLY E 67 -9.21 -57.20 29.48
CA GLY E 67 -8.51 -57.42 28.23
C GLY E 67 -9.09 -56.61 27.10
N GLN E 68 -9.34 -55.33 27.35
CA GLN E 68 -10.02 -54.47 26.40
C GLN E 68 -9.76 -53.02 26.79
N SER E 69 -9.89 -52.14 25.79
CA SER E 69 -9.77 -50.71 26.03
C SER E 69 -11.02 -50.16 26.71
N PRO E 70 -10.90 -49.03 27.41
CA PRO E 70 -12.09 -48.41 28.02
C PRO E 70 -13.12 -48.02 26.97
N LYS E 71 -14.34 -47.77 27.45
CA LYS E 71 -15.46 -47.43 26.60
C LYS E 71 -16.35 -46.42 27.31
N LEU E 72 -16.73 -45.36 26.61
CA LEU E 72 -17.58 -44.33 27.21
C LEU E 72 -19.00 -44.86 27.44
N LEU E 73 -19.52 -44.61 28.64
CA LEU E 73 -20.89 -44.98 28.99
C LEU E 73 -21.78 -43.75 29.18
N ILE E 74 -21.40 -42.86 30.08
CA ILE E 74 -22.22 -41.73 30.48
C ILE E 74 -21.37 -40.46 30.39
N TYR E 75 -22.00 -39.37 29.97
CA TYR E 75 -21.40 -38.03 30.03
C TYR E 75 -22.44 -37.08 30.59
N TRP E 76 -22.00 -35.88 30.92
CA TRP E 76 -22.85 -34.89 31.60
C TRP E 76 -23.47 -35.48 32.86
N ALA E 77 -22.71 -36.33 33.56
CA ALA E 77 -23.15 -36.96 34.81
C ALA E 77 -24.26 -37.99 34.58
N SER E 78 -25.24 -37.67 33.72
CA SER E 78 -26.37 -38.58 33.48
C SER E 78 -26.69 -38.87 32.02
N THR E 79 -26.21 -38.09 31.06
CA THR E 79 -26.52 -38.33 29.65
C THR E 79 -25.69 -39.51 29.13
N ARG E 80 -26.36 -40.64 28.90
CA ARG E 80 -25.64 -41.81 28.41
C ARG E 80 -25.41 -41.75 26.89
N GLU E 81 -24.47 -42.57 26.44
CA GLU E 81 -24.02 -42.64 25.06
C GLU E 81 -24.99 -43.45 24.20
N SER E 82 -24.97 -43.19 22.90
CA SER E 82 -25.81 -43.89 21.95
C SER E 82 -25.32 -45.33 21.82
N GLY E 83 -26.11 -46.27 22.34
CA GLY E 83 -25.73 -47.66 22.38
C GLY E 83 -25.48 -48.19 23.77
N VAL E 84 -25.66 -47.37 24.79
CA VAL E 84 -25.44 -47.78 26.17
C VAL E 84 -26.74 -48.32 26.74
N PRO E 85 -26.72 -49.45 27.44
CA PRO E 85 -27.95 -50.04 27.97
C PRO E 85 -28.70 -49.10 28.90
N ASP E 86 -30.00 -49.37 29.03
CA ASP E 86 -30.87 -48.55 29.87
C ASP E 86 -30.63 -48.78 31.34
N ARG E 87 -30.15 -49.96 31.73
CA ARG E 87 -29.95 -50.27 33.15
C ARG E 87 -28.88 -49.37 33.78
N PHE E 88 -27.90 -48.90 33.01
CA PHE E 88 -26.85 -48.03 33.53
C PHE E 88 -27.44 -46.64 33.73
N THR E 89 -27.70 -46.27 34.98
CA THR E 89 -28.32 -44.99 35.33
C THR E 89 -27.44 -44.27 36.35
N GLY E 90 -26.64 -43.31 35.86
CA GLY E 90 -25.81 -42.49 36.73
C GLY E 90 -26.47 -41.15 37.01
N SER E 91 -26.26 -40.64 38.23
CA SER E 91 -26.80 -39.35 38.65
C SER E 91 -25.88 -38.74 39.70
N GLY E 92 -25.78 -37.41 39.69
CA GLY E 92 -24.95 -36.71 40.64
C GLY E 92 -25.07 -35.21 40.50
N SER E 93 -24.41 -34.51 41.43
CA SER E 93 -24.39 -33.05 41.45
C SER E 93 -23.25 -32.58 42.32
N GLY E 94 -22.68 -31.43 41.97
CA GLY E 94 -21.60 -30.85 42.75
C GLY E 94 -20.36 -31.73 42.77
N THR E 95 -20.09 -32.36 43.91
CA THR E 95 -19.01 -33.33 44.02
C THR E 95 -19.50 -34.75 44.22
N ASP E 96 -20.77 -34.95 44.53
CA ASP E 96 -21.34 -36.28 44.72
C ASP E 96 -21.80 -36.83 43.37
N PHE E 97 -21.37 -38.04 43.04
CA PHE E 97 -21.73 -38.66 41.78
C PHE E 97 -21.92 -40.16 41.99
N THR E 98 -22.99 -40.69 41.41
CA THR E 98 -23.40 -42.07 41.62
C THR E 98 -23.65 -42.74 40.28
N LEU E 99 -23.16 -43.98 40.13
CA LEU E 99 -23.45 -44.81 38.96
C LEU E 99 -24.24 -46.01 39.45
N THR E 100 -25.51 -46.08 39.08
CA THR E 100 -26.43 -47.12 39.53
C THR E 100 -26.78 -48.05 38.38
N ILE E 101 -26.71 -49.36 38.63
CA ILE E 101 -27.11 -50.39 37.68
C ILE E 101 -28.34 -51.12 38.22
N SER E 102 -29.38 -51.21 37.40
CA SER E 102 -30.62 -51.86 37.84
C SER E 102 -30.43 -53.36 38.05
N SER E 103 -30.01 -54.06 37.00
CA SER E 103 -29.82 -55.51 37.03
C SER E 103 -28.47 -55.84 36.40
N VAL E 104 -27.54 -56.33 37.21
CA VAL E 104 -26.19 -56.61 36.75
C VAL E 104 -26.18 -57.81 35.84
N LYS E 105 -25.78 -57.61 34.58
CA LYS E 105 -25.57 -58.72 33.67
C LYS E 105 -24.18 -59.30 33.89
N ALA E 106 -24.04 -60.59 33.57
CA ALA E 106 -22.74 -61.24 33.66
C ALA E 106 -21.75 -60.72 32.62
N GLU E 107 -22.20 -59.88 31.68
CA GLU E 107 -21.33 -59.33 30.66
C GLU E 107 -20.59 -58.08 31.12
N ASP E 108 -21.28 -57.18 31.82
CA ASP E 108 -20.73 -55.88 32.19
C ASP E 108 -19.95 -55.91 33.51
N LEU E 109 -19.22 -56.99 33.76
CA LEU E 109 -18.36 -57.09 34.95
C LEU E 109 -16.99 -56.56 34.57
N ALA E 110 -16.81 -55.25 34.72
CA ALA E 110 -15.59 -54.58 34.30
C ALA E 110 -15.20 -53.57 35.37
N VAL E 111 -14.08 -52.88 35.12
CA VAL E 111 -13.62 -51.80 35.98
C VAL E 111 -14.24 -50.51 35.48
N TYR E 112 -14.97 -49.82 36.36
CA TYR E 112 -15.66 -48.60 35.99
C TYR E 112 -14.89 -47.38 36.49
N TYR E 113 -14.63 -46.44 35.59
CA TYR E 113 -13.83 -45.27 35.89
C TYR E 113 -14.65 -43.99 35.84
N CYS E 114 -14.19 -43.01 36.61
CA CYS E 114 -14.80 -41.70 36.75
C CYS E 114 -13.82 -40.65 36.24
N GLN E 115 -14.33 -39.67 35.49
CA GLN E 115 -13.45 -38.66 34.90
C GLN E 115 -14.12 -37.30 34.93
N GLN E 116 -13.31 -36.27 35.21
CA GLN E 116 -13.73 -34.88 35.11
C GLN E 116 -13.15 -34.26 33.85
N TYR E 117 -13.94 -33.43 33.20
CA TYR E 117 -13.47 -32.66 32.04
C TYR E 117 -13.90 -31.21 32.18
N TYR E 118 -14.03 -30.76 33.43
CA TYR E 118 -14.43 -29.38 33.71
C TYR E 118 -13.34 -28.41 33.29
N SER E 119 -12.15 -28.58 33.86
CA SER E 119 -11.01 -27.72 33.59
C SER E 119 -9.78 -28.58 33.34
N TYR E 120 -8.83 -28.03 32.61
CA TYR E 120 -7.57 -28.74 32.37
C TYR E 120 -6.79 -28.83 33.67
N PRO E 121 -6.19 -29.97 33.98
CA PRO E 121 -6.22 -31.21 33.18
C PRO E 121 -7.33 -32.16 33.61
N PRO E 122 -7.89 -32.92 32.66
CA PRO E 122 -8.88 -33.94 33.02
C PRO E 122 -8.25 -35.03 33.86
N THR E 123 -8.84 -35.28 35.02
CA THR E 123 -8.33 -36.28 35.95
C THR E 123 -9.30 -37.45 36.04
N PHE E 124 -8.75 -38.65 36.16
CA PHE E 124 -9.51 -39.89 36.21
C PHE E 124 -9.64 -40.41 37.64
N GLY E 125 -10.43 -41.47 37.80
CA GLY E 125 -10.63 -42.10 39.08
C GLY E 125 -9.83 -43.37 39.26
N GLY E 126 -9.89 -43.90 40.48
CA GLY E 126 -9.16 -45.12 40.77
C GLY E 126 -9.80 -46.35 40.16
N GLY E 127 -11.12 -46.33 39.98
CA GLY E 127 -11.84 -47.47 39.43
C GLY E 127 -12.42 -48.38 40.49
N THR E 128 -13.62 -48.88 40.24
CA THR E 128 -14.28 -49.83 41.13
C THR E 128 -14.50 -51.11 40.33
N LYS E 129 -13.60 -52.08 40.49
CA LYS E 129 -13.77 -53.36 39.84
C LYS E 129 -14.98 -54.08 40.41
N LEU E 130 -15.63 -54.88 39.57
CA LEU E 130 -16.82 -55.63 39.97
C LEU E 130 -16.46 -57.11 40.03
N GLU E 131 -16.53 -57.67 41.23
CA GLU E 131 -16.27 -59.08 41.46
C GLU E 131 -17.59 -59.85 41.54
N ILE E 132 -17.49 -61.15 41.34
CA ILE E 132 -18.64 -62.04 41.44
C ILE E 132 -18.72 -62.59 42.86
N LYS E 133 -19.88 -62.42 43.48
CA LYS E 133 -20.09 -62.89 44.85
C LYS E 133 -20.03 -64.41 44.89
N ARG E 134 -18.99 -64.95 45.51
CA ARG E 134 -18.78 -66.38 45.61
C ARG E 134 -18.91 -66.81 47.06
N ALA E 135 -19.12 -68.11 47.25
CA ALA E 135 -19.20 -68.65 48.60
C ALA E 135 -17.82 -68.56 49.24
N ASP E 136 -17.73 -67.84 50.36
CA ASP E 136 -16.46 -67.65 51.07
C ASP E 136 -15.68 -68.95 51.24
N ALA E 137 -14.56 -69.08 50.55
CA ALA E 137 -13.73 -70.27 50.55
C ALA E 137 -12.36 -69.97 51.15
N ALA E 138 -11.87 -70.88 51.99
CA ALA E 138 -10.54 -70.78 52.57
C ALA E 138 -9.47 -71.30 51.60
N PRO E 139 -8.28 -70.74 51.65
CA PRO E 139 -7.21 -71.19 50.74
C PRO E 139 -6.46 -72.40 51.29
N THR E 140 -5.73 -73.05 50.37
CA THR E 140 -4.88 -74.19 50.69
C THR E 140 -3.42 -73.74 50.58
N VAL E 141 -2.76 -73.58 51.73
CA VAL E 141 -1.39 -73.10 51.76
C VAL E 141 -0.44 -74.18 51.21
N SER E 142 0.70 -73.72 50.65
CA SER E 142 1.70 -74.63 50.11
C SER E 142 3.03 -73.88 50.10
N ILE E 143 3.98 -74.36 50.90
CA ILE E 143 5.31 -73.75 50.97
C ILE E 143 6.29 -74.59 50.15
N PHE E 144 7.35 -73.94 49.70
CA PHE E 144 8.36 -74.60 48.88
C PHE E 144 9.75 -74.12 49.26
N PRO E 145 10.66 -75.02 49.61
CA PRO E 145 12.04 -74.61 49.91
C PRO E 145 12.77 -74.25 48.62
N PRO E 146 13.82 -73.43 48.70
CA PRO E 146 14.56 -73.09 47.48
C PRO E 146 15.18 -74.33 46.83
N SER E 147 15.15 -74.34 45.50
CA SER E 147 15.65 -75.49 44.76
C SER E 147 17.16 -75.61 44.89
N SER E 148 17.64 -76.85 44.82
CA SER E 148 19.08 -77.11 44.89
C SER E 148 19.85 -76.31 43.85
N GLU E 149 19.32 -76.25 42.63
CA GLU E 149 19.98 -75.51 41.56
C GLU E 149 20.08 -74.02 41.89
N GLN E 150 19.02 -73.45 42.48
CA GLN E 150 19.05 -72.03 42.82
C GLN E 150 20.15 -71.72 43.83
N LEU E 151 20.32 -72.59 44.83
CA LEU E 151 21.37 -72.38 45.83
C LEU E 151 22.74 -72.26 45.19
N THR E 152 23.01 -73.08 44.18
CA THR E 152 24.30 -73.07 43.50
C THR E 152 24.67 -71.68 42.98
N SER E 153 23.68 -70.96 42.45
CA SER E 153 23.93 -69.63 41.90
C SER E 153 24.24 -68.59 42.97
N GLY E 154 23.99 -68.88 44.24
CA GLY E 154 24.27 -67.97 45.33
C GLY E 154 23.08 -67.29 45.96
N GLY E 155 21.86 -67.78 45.70
CA GLY E 155 20.67 -67.19 46.26
C GLY E 155 19.70 -68.28 46.68
N ALA E 156 18.75 -67.89 47.53
CA ALA E 156 17.74 -68.80 48.03
C ALA E 156 16.48 -68.02 48.35
N SER E 157 15.38 -68.36 47.67
CA SER E 157 14.09 -67.72 47.89
C SER E 157 13.05 -68.79 48.19
N VAL E 158 12.16 -68.49 49.14
CA VAL E 158 11.10 -69.39 49.53
C VAL E 158 9.79 -68.84 48.98
N VAL E 159 9.00 -69.72 48.36
CA VAL E 159 7.72 -69.35 47.75
C VAL E 159 6.60 -70.00 48.54
N CYS E 160 5.64 -69.19 48.97
CA CYS E 160 4.46 -69.65 49.69
C CYS E 160 3.26 -69.45 48.78
N PHE E 161 2.58 -70.55 48.44
CA PHE E 161 1.43 -70.52 47.55
C PHE E 161 0.13 -70.53 48.34
N LEU E 162 -0.80 -69.66 47.95
CA LEU E 162 -2.13 -69.58 48.55
C LEU E 162 -3.10 -69.30 47.42
N ASN E 163 -3.97 -70.26 47.10
CA ASN E 163 -4.83 -70.13 45.94
C ASN E 163 -6.24 -70.60 46.27
N ASN E 164 -7.14 -70.32 45.33
CA ASN E 164 -8.54 -70.73 45.36
C ASN E 164 -9.22 -70.31 46.66
N PHE E 165 -9.23 -69.01 46.91
CA PHE E 165 -9.86 -68.45 48.10
C PHE E 165 -10.81 -67.32 47.73
N TYR E 166 -11.56 -66.87 48.73
CA TYR E 166 -12.54 -65.80 48.64
C TYR E 166 -12.84 -65.30 50.04
N PRO E 167 -12.90 -63.98 50.27
CA PRO E 167 -12.73 -62.91 49.29
C PRO E 167 -11.27 -62.55 49.01
N LYS E 168 -11.07 -61.42 48.32
CA LYS E 168 -9.72 -61.04 47.93
C LYS E 168 -8.87 -60.60 49.11
N ASP E 169 -9.51 -60.26 50.24
CA ASP E 169 -8.82 -59.79 51.42
C ASP E 169 -8.01 -60.92 52.06
N ILE E 170 -6.69 -60.73 52.16
CA ILE E 170 -5.80 -61.72 52.75
C ILE E 170 -4.49 -61.05 53.14
N ASN E 171 -3.96 -61.45 54.31
CA ASN E 171 -2.69 -60.96 54.83
C ASN E 171 -1.79 -62.14 55.14
N VAL E 172 -0.64 -62.20 54.48
CA VAL E 172 0.33 -63.28 54.64
C VAL E 172 1.55 -62.77 55.42
N LYS E 173 2.07 -63.61 56.30
CA LYS E 173 3.19 -63.27 57.15
C LYS E 173 4.33 -64.26 56.94
N TRP E 174 5.56 -63.76 56.97
CA TRP E 174 6.77 -64.57 56.85
C TRP E 174 7.50 -64.63 58.18
N LYS E 175 7.96 -65.83 58.56
CA LYS E 175 8.64 -66.05 59.83
C LYS E 175 9.99 -66.71 59.61
N ILE E 176 11.06 -65.91 59.62
CA ILE E 176 12.43 -66.42 59.54
C ILE E 176 12.85 -66.80 60.95
N ASP E 177 12.70 -68.08 61.29
CA ASP E 177 13.01 -68.59 62.63
C ASP E 177 12.23 -67.81 63.70
N GLY E 178 10.98 -67.47 63.38
CA GLY E 178 10.16 -66.70 64.27
C GLY E 178 10.16 -65.19 64.03
N SER E 179 11.16 -64.68 63.31
CA SER E 179 11.24 -63.24 63.04
C SER E 179 10.33 -62.86 61.89
N GLU E 180 9.56 -61.78 62.08
CA GLU E 180 8.67 -61.29 61.03
C GLU E 180 9.50 -60.28 60.24
N ARG E 181 10.14 -60.77 59.17
CA ARG E 181 10.97 -59.94 58.30
C ARG E 181 10.27 -59.85 56.95
N GLN E 182 9.56 -58.74 56.74
CA GLN E 182 8.76 -58.52 55.55
C GLN E 182 9.52 -57.76 54.47
N ASN E 183 10.83 -57.57 54.63
CA ASN E 183 11.64 -56.89 53.63
C ASN E 183 12.01 -57.86 52.52
N GLY E 184 11.89 -57.39 51.28
CA GLY E 184 12.23 -58.21 50.14
C GLY E 184 11.24 -59.33 49.90
N VAL E 185 9.94 -58.98 49.84
CA VAL E 185 8.88 -59.96 49.62
C VAL E 185 8.20 -59.65 48.29
N LEU E 186 7.79 -60.71 47.58
CA LEU E 186 7.14 -60.61 46.28
C LEU E 186 5.78 -61.27 46.40
N ASN E 187 4.72 -60.47 46.47
CA ASN E 187 3.35 -60.95 46.61
C ASN E 187 2.57 -60.55 45.36
N SER E 188 2.07 -61.54 44.63
CA SER E 188 1.32 -61.32 43.40
C SER E 188 -0.05 -61.98 43.51
N TRP E 189 -1.07 -61.32 42.95
CA TRP E 189 -2.44 -61.78 43.00
C TRP E 189 -2.94 -62.13 41.60
N THR E 190 -3.98 -62.96 41.56
CA THR E 190 -4.65 -63.32 40.32
C THR E 190 -6.09 -62.80 40.35
N ASP E 191 -6.70 -62.73 39.17
CA ASP E 191 -8.05 -62.25 39.03
C ASP E 191 -9.04 -63.40 39.24
N GLN E 192 -10.33 -63.09 39.05
CA GLN E 192 -11.39 -64.08 39.20
C GLN E 192 -11.21 -65.25 38.24
N ASP E 193 -10.88 -66.42 38.79
CA ASP E 193 -10.70 -67.62 37.99
C ASP E 193 -12.01 -68.01 37.32
N SER E 194 -11.96 -68.27 36.00
CA SER E 194 -13.18 -68.59 35.27
C SER E 194 -13.85 -69.84 35.82
N LYS E 195 -13.06 -70.80 36.32
CA LYS E 195 -13.62 -72.07 36.76
C LYS E 195 -14.39 -71.91 38.07
N ASP E 196 -13.72 -71.44 39.12
CA ASP E 196 -14.32 -71.37 40.44
C ASP E 196 -14.51 -69.96 40.98
N SER E 197 -14.22 -68.91 40.19
CA SER E 197 -14.36 -67.52 40.65
C SER E 197 -13.61 -67.28 41.95
N THR E 198 -12.42 -67.87 42.05
CA THR E 198 -11.57 -67.77 43.22
C THR E 198 -10.31 -66.97 42.91
N TYR E 199 -9.62 -66.55 43.97
CA TYR E 199 -8.39 -65.80 43.86
C TYR E 199 -7.20 -66.66 44.29
N SER E 200 -6.03 -66.27 43.80
CA SER E 200 -4.77 -66.95 44.10
C SER E 200 -3.69 -65.92 44.34
N MET E 201 -2.78 -66.25 45.25
CA MET E 201 -1.71 -65.33 45.64
C MET E 201 -0.40 -66.09 45.80
N SER E 202 0.70 -65.45 45.38
CA SER E 202 2.04 -66.05 45.47
C SER E 202 2.96 -65.09 46.21
N SER E 203 3.32 -65.43 47.45
CA SER E 203 4.28 -64.68 48.23
C SER E 203 5.65 -65.33 48.10
N THR E 204 6.69 -64.53 47.85
CA THR E 204 8.03 -65.05 47.64
C THR E 204 9.02 -64.22 48.44
N LEU E 205 9.74 -64.85 49.36
CA LEU E 205 10.72 -64.17 50.20
C LEU E 205 12.11 -64.38 49.60
N THR E 206 12.63 -63.35 48.93
CA THR E 206 13.94 -63.41 48.28
C THR E 206 15.01 -62.95 49.28
N LEU E 207 15.97 -63.83 49.58
CA LEU E 207 17.13 -63.44 50.38
C LEU E 207 18.37 -64.15 49.85
N THR E 208 19.52 -63.80 50.42
CA THR E 208 20.80 -64.37 50.01
C THR E 208 21.01 -65.76 50.60
N LYS E 209 21.86 -66.53 49.90
CA LYS E 209 22.19 -67.88 50.35
C LYS E 209 22.90 -67.85 51.70
N ASP E 210 23.76 -66.86 51.92
CA ASP E 210 24.48 -66.72 53.19
C ASP E 210 23.50 -66.67 54.35
N GLU E 211 22.62 -65.67 54.34
CA GLU E 211 21.64 -65.50 55.42
C GLU E 211 20.72 -66.71 55.53
N TYR E 212 20.34 -67.31 54.41
CA TYR E 212 19.39 -68.42 54.42
C TYR E 212 19.79 -69.54 55.37
N GLU E 213 21.03 -70.01 55.22
CA GLU E 213 21.54 -71.12 56.01
C GLU E 213 21.79 -70.76 57.48
N ARG E 214 21.75 -69.46 57.83
CA ARG E 214 21.92 -69.07 59.22
C ARG E 214 20.71 -69.40 60.09
N HIS E 215 19.57 -69.75 59.48
CA HIS E 215 18.35 -70.10 60.20
C HIS E 215 17.89 -71.48 59.74
N ASN E 216 17.04 -72.11 60.56
CA ASN E 216 16.58 -73.47 60.31
C ASN E 216 15.12 -73.51 59.86
N SER E 217 14.17 -73.21 60.74
CA SER E 217 12.75 -73.34 60.39
C SER E 217 12.21 -72.04 59.83
N TYR E 218 11.49 -72.14 58.71
CA TYR E 218 10.90 -71.00 58.02
C TYR E 218 9.39 -71.20 57.97
N THR E 219 8.67 -70.35 58.69
CA THR E 219 7.21 -70.48 58.81
C THR E 219 6.50 -69.49 57.91
N CYS E 220 5.39 -69.93 57.33
CA CYS E 220 4.52 -69.10 56.52
C CYS E 220 3.08 -69.29 56.97
N GLU E 221 2.46 -68.23 57.47
CA GLU E 221 1.08 -68.26 57.92
C GLU E 221 0.33 -67.03 57.39
N ALA E 222 -0.96 -67.20 57.13
CA ALA E 222 -1.80 -66.16 56.53
C ALA E 222 -3.05 -65.91 57.36
N THR E 223 -3.46 -64.64 57.41
CA THR E 223 -4.63 -64.18 58.16
C THR E 223 -5.80 -63.98 57.19
N HIS E 224 -6.69 -64.96 57.12
CA HIS E 224 -7.86 -64.92 56.26
C HIS E 224 -9.14 -64.80 57.08
N LYS E 225 -10.19 -64.30 56.43
CA LYS E 225 -11.46 -64.07 57.09
C LYS E 225 -12.06 -65.36 57.63
N THR E 226 -11.75 -66.50 57.01
CA THR E 226 -12.40 -67.76 57.36
C THR E 226 -12.13 -68.16 58.81
N SER E 227 -10.88 -68.04 59.25
CA SER E 227 -10.49 -68.49 60.58
C SER E 227 -9.80 -67.39 61.35
N THR E 228 -10.03 -67.38 62.67
CA THR E 228 -9.33 -66.44 63.54
C THR E 228 -7.88 -66.86 63.74
N SER E 229 -7.65 -68.14 64.01
CA SER E 229 -6.28 -68.66 64.11
C SER E 229 -5.70 -68.82 62.71
N PRO E 230 -4.55 -68.21 62.42
CA PRO E 230 -4.00 -68.28 61.06
C PRO E 230 -3.55 -69.70 60.70
N ILE E 231 -3.69 -70.03 59.43
CA ILE E 231 -3.28 -71.33 58.90
C ILE E 231 -1.77 -71.31 58.71
N VAL E 232 -1.08 -72.26 59.34
CA VAL E 232 0.38 -72.31 59.32
C VAL E 232 0.86 -73.47 58.45
N LYS E 233 2.04 -73.29 57.85
CA LYS E 233 2.68 -74.34 57.05
C LYS E 233 4.16 -74.00 56.97
N SER E 234 5.00 -74.77 57.66
CA SER E 234 6.42 -74.47 57.78
C SER E 234 7.26 -75.72 57.58
N PHE E 235 8.54 -75.50 57.27
CA PHE E 235 9.53 -76.56 57.12
C PHE E 235 10.80 -76.19 57.87
N ASN E 236 11.53 -77.21 58.34
CA ASN E 236 12.76 -77.04 59.09
C ASN E 236 13.89 -77.76 58.35
N ARG E 237 14.94 -77.01 57.99
CA ARG E 237 16.07 -77.60 57.28
C ARG E 237 16.88 -78.47 58.23
N PRO F 183 -28.81 -4.89 19.08
CA PRO F 183 -28.94 -4.40 17.70
C PRO F 183 -29.60 -3.02 17.62
N HIS F 184 -28.77 -1.99 17.44
CA HIS F 184 -29.26 -0.62 17.36
C HIS F 184 -28.63 0.20 16.24
N ASN F 185 -27.53 -0.24 15.63
CA ASN F 185 -26.85 0.50 14.56
C ASN F 185 -26.53 -0.45 13.41
N ILE F 186 -27.58 -1.06 12.85
CA ILE F 186 -27.46 -1.94 11.70
C ILE F 186 -28.55 -1.58 10.71
N LEU F 187 -28.16 -1.39 9.45
CA LEU F 187 -29.10 -1.21 8.34
C LEU F 187 -29.05 -2.47 7.49
N PHE F 188 -30.10 -3.29 7.61
CA PHE F 188 -30.19 -4.56 6.91
C PHE F 188 -31.12 -4.46 5.71
N THR F 189 -30.63 -4.86 4.55
CA THR F 189 -31.40 -4.84 3.31
C THR F 189 -31.54 -6.28 2.81
N ASN F 190 -32.75 -6.82 2.95
CA ASN F 190 -33.03 -8.23 2.72
C ASN F 190 -33.45 -8.43 1.26
N LEU F 191 -32.58 -9.08 0.48
CA LEU F 191 -32.86 -9.38 -0.93
C LEU F 191 -32.47 -10.81 -1.29
N THR F 192 -32.71 -11.74 -0.38
CA THR F 192 -32.37 -13.14 -0.62
C THR F 192 -33.31 -14.00 0.23
N ASN F 193 -33.11 -15.31 0.16
CA ASN F 193 -34.01 -16.26 0.85
C ASN F 193 -33.29 -17.01 1.95
N PRO F 200 -30.72 -3.29 12.92
CA PRO F 200 -31.67 -4.38 12.68
C PRO F 200 -32.86 -3.93 11.82
N LYS F 201 -32.93 -2.63 11.52
CA LYS F 201 -33.96 -2.10 10.64
C LYS F 201 -33.87 -2.78 9.28
N THR F 202 -34.93 -3.52 8.91
CA THR F 202 -34.93 -4.33 7.71
C THR F 202 -35.60 -3.55 6.57
N TYR F 203 -34.79 -3.17 5.58
CA TYR F 203 -35.29 -2.61 4.34
C TYR F 203 -35.48 -3.73 3.33
N ASN F 204 -36.48 -3.57 2.47
CA ASN F 204 -36.62 -4.50 1.36
C ASN F 204 -36.79 -3.71 0.08
N GLU F 205 -37.21 -4.38 -1.00
CA GLU F 205 -37.27 -3.75 -2.32
C GLU F 205 -38.35 -2.66 -2.39
N SER F 206 -39.02 -2.35 -1.28
CA SER F 206 -39.98 -1.27 -1.24
C SER F 206 -39.34 0.09 -0.99
N ASN F 207 -38.28 0.14 -0.18
CA ASN F 207 -37.59 1.39 0.09
C ASN F 207 -36.81 1.89 -1.12
N PHE F 208 -36.48 1.01 -2.06
CA PHE F 208 -35.83 1.44 -3.29
C PHE F 208 -36.71 2.42 -4.05
N VAL F 209 -36.06 3.38 -4.70
CA VAL F 209 -36.74 4.32 -5.58
C VAL F 209 -36.17 4.12 -6.98
N SER F 210 -37.01 3.65 -7.89
CA SER F 210 -36.59 3.26 -9.25
C SER F 210 -35.42 2.28 -9.19
N ASN F 211 -35.49 1.35 -8.23
CA ASN F 211 -34.45 0.32 -8.04
C ASN F 211 -33.14 0.92 -7.57
N VAL F 212 -33.20 2.06 -6.89
CA VAL F 212 -32.01 2.70 -6.33
C VAL F 212 -32.19 2.83 -4.82
N LEU F 213 -31.09 2.73 -4.08
CA LEU F 213 -31.14 2.75 -2.62
C LEU F 213 -30.02 3.66 -2.11
N GLU F 214 -30.35 4.93 -1.87
CA GLU F 214 -29.40 5.89 -1.32
C GLU F 214 -29.33 5.73 0.19
N VAL F 215 -28.16 5.39 0.69
CA VAL F 215 -27.95 5.03 2.09
C VAL F 215 -27.00 6.03 2.71
N GLU F 216 -27.49 6.79 3.69
CA GLU F 216 -26.69 7.72 4.46
C GLU F 216 -26.22 7.02 5.73
N LEU F 217 -24.96 6.58 5.74
CA LEU F 217 -24.40 5.83 6.85
C LEU F 217 -23.78 6.80 7.85
N ASN F 218 -24.41 6.91 9.02
CA ASN F 218 -23.87 7.70 10.11
C ASN F 218 -22.51 7.13 10.53
N ASP F 219 -21.67 8.01 11.08
CA ASP F 219 -20.32 7.61 11.49
C ASP F 219 -20.36 6.39 12.40
N GLY F 220 -21.31 6.35 13.33
CA GLY F 220 -21.52 5.19 14.16
C GLY F 220 -22.64 4.31 13.64
N GLU F 221 -22.46 3.76 12.44
CA GLU F 221 -23.46 2.89 11.84
C GLU F 221 -22.78 1.78 11.06
N LEU F 222 -23.53 0.71 10.85
CA LEU F 222 -23.09 -0.44 10.07
C LEU F 222 -24.16 -0.76 9.02
N PHE F 223 -23.74 -1.44 7.97
CA PHE F 223 -24.64 -1.80 6.87
C PHE F 223 -24.37 -3.24 6.47
N VAL F 224 -25.37 -4.10 6.62
CA VAL F 224 -25.28 -5.49 6.24
C VAL F 224 -26.33 -5.74 5.16
N LEU F 225 -25.87 -6.09 3.96
CA LEU F 225 -26.74 -6.39 2.85
C LEU F 225 -26.73 -7.89 2.57
N ALA F 226 -27.90 -8.42 2.22
CA ALA F 226 -28.09 -9.84 1.91
C ALA F 226 -28.63 -9.94 0.50
N CYS F 227 -27.76 -10.26 -0.45
CA CYS F 227 -28.16 -10.43 -1.85
C CYS F 227 -27.03 -11.16 -2.58
N GLU F 228 -27.27 -11.44 -3.85
CA GLU F 228 -26.28 -12.08 -4.73
C GLU F 228 -25.70 -11.00 -5.63
N LEU F 229 -24.49 -10.55 -5.29
CA LEU F 229 -23.82 -9.48 -6.01
C LEU F 229 -23.56 -9.90 -7.46
N ILE F 230 -23.75 -8.95 -8.37
CA ILE F 230 -23.69 -9.26 -9.79
C ILE F 230 -22.30 -9.78 -10.16
N ASN F 231 -21.27 -8.99 -9.88
CA ASN F 231 -19.91 -9.41 -10.17
C ASN F 231 -19.17 -9.90 -8.94
N LYS F 232 -19.88 -10.10 -7.82
CA LYS F 232 -19.36 -10.57 -6.54
C LYS F 232 -18.38 -9.59 -5.91
N LYS F 233 -18.04 -8.50 -6.59
CA LYS F 233 -17.21 -7.43 -6.06
C LYS F 233 -18.05 -6.16 -6.10
N CYS F 234 -17.59 -5.13 -5.38
CA CYS F 234 -18.44 -3.95 -5.27
C CYS F 234 -17.62 -2.75 -4.82
N PHE F 235 -18.31 -1.62 -4.59
CA PHE F 235 -17.79 -0.45 -3.85
C PHE F 235 -16.73 0.33 -4.64
N GLN F 236 -17.10 0.75 -5.85
CA GLN F 236 -16.27 1.64 -6.65
C GLN F 236 -16.03 2.95 -5.86
N ASN F 247 -10.77 2.33 3.10
CA ASN F 247 -12.11 1.80 3.37
C ASN F 247 -12.02 0.41 3.95
N LYS F 248 -13.09 -0.03 4.61
CA LYS F 248 -13.10 -1.32 5.30
C LYS F 248 -14.41 -2.03 5.01
N ILE F 249 -14.33 -3.09 4.20
CA ILE F 249 -15.46 -3.87 3.73
C ILE F 249 -15.15 -5.34 3.95
N ILE F 250 -16.20 -6.14 4.14
CA ILE F 250 -16.06 -7.58 4.30
C ILE F 250 -17.06 -8.28 3.38
N TYR F 251 -16.55 -9.06 2.43
CA TYR F 251 -17.36 -9.82 1.48
C TYR F 251 -17.37 -11.28 1.92
N HIS F 252 -18.53 -11.77 2.37
CA HIS F 252 -18.65 -13.14 2.84
C HIS F 252 -19.84 -13.80 2.15
N LYS F 253 -19.54 -14.77 1.27
CA LYS F 253 -20.54 -15.58 0.56
C LYS F 253 -21.56 -14.63 -0.07
N ASN F 254 -22.86 -14.89 0.06
CA ASN F 254 -23.89 -13.99 -0.48
C ASN F 254 -24.29 -12.92 0.53
N LEU F 255 -23.30 -12.20 1.05
CA LEU F 255 -23.52 -11.19 2.08
C LEU F 255 -22.34 -10.25 2.12
N THR F 256 -22.59 -9.00 2.53
CA THR F 256 -21.58 -7.95 2.52
C THR F 256 -21.84 -6.97 3.67
N ILE F 257 -20.77 -6.50 4.30
CA ILE F 257 -20.83 -5.58 5.44
C ILE F 257 -19.80 -4.47 5.25
N PHE F 258 -20.22 -3.22 5.50
CA PHE F 258 -19.38 -2.05 5.28
C PHE F 258 -19.45 -1.11 6.46
N LYS F 259 -18.30 -0.56 6.85
CA LYS F 259 -18.18 0.36 7.97
C LYS F 259 -18.04 1.79 7.44
N ALA F 260 -18.67 2.72 8.14
CA ALA F 260 -18.66 4.12 7.71
C ALA F 260 -17.30 4.75 7.99
N PRO F 261 -16.70 5.42 7.01
CA PRO F 261 -15.43 6.13 7.25
C PRO F 261 -15.65 7.41 8.03
N PHE F 262 -14.66 7.75 8.85
CA PHE F 262 -14.80 8.93 9.70
C PHE F 262 -14.84 10.22 8.87
N TYR F 263 -13.98 10.34 7.87
CA TYR F 263 -13.89 11.55 7.06
C TYR F 263 -14.28 11.27 5.63
N VAL F 264 -14.98 12.22 5.03
CA VAL F 264 -15.40 12.16 3.64
C VAL F 264 -14.96 13.45 2.96
N THR F 265 -14.31 13.33 1.80
CA THR F 265 -13.75 14.52 1.16
C THR F 265 -14.77 15.23 0.27
N SER F 266 -15.41 14.52 -0.65
CA SER F 266 -16.43 15.09 -1.52
C SER F 266 -17.77 14.43 -1.23
N LYS F 267 -18.82 15.23 -1.21
CA LYS F 267 -20.16 14.71 -0.96
C LYS F 267 -20.59 13.72 -2.03
N ASP F 268 -19.90 13.70 -3.18
CA ASP F 268 -20.25 12.80 -4.26
C ASP F 268 -19.59 11.43 -4.15
N VAL F 269 -18.49 11.32 -3.40
CA VAL F 269 -17.81 10.04 -3.30
C VAL F 269 -18.73 9.03 -2.64
N ASN F 270 -18.74 7.82 -3.19
CA ASN F 270 -19.70 6.83 -2.75
C ASN F 270 -19.27 5.46 -3.27
N THR F 271 -19.70 4.44 -2.53
CA THR F 271 -19.44 3.04 -2.85
C THR F 271 -20.77 2.41 -3.24
N GLU F 272 -20.82 1.86 -4.46
CA GLU F 272 -22.07 1.43 -5.10
C GLU F 272 -22.09 -0.08 -5.30
N CYS F 273 -23.11 -0.74 -4.75
CA CYS F 273 -23.36 -2.17 -4.94
C CYS F 273 -24.59 -2.40 -5.81
N THR F 274 -24.53 -3.44 -6.63
CA THR F 274 -25.64 -3.84 -7.51
C THR F 274 -26.00 -5.28 -7.20
N CYS F 275 -27.27 -5.49 -6.86
CA CYS F 275 -27.82 -6.80 -6.54
C CYS F 275 -28.67 -7.33 -7.68
N LYS F 276 -28.86 -8.65 -7.72
CA LYS F 276 -29.71 -9.31 -8.71
C LYS F 276 -30.56 -10.35 -7.98
N PHE F 277 -31.82 -10.00 -7.74
CA PHE F 277 -32.77 -10.86 -7.04
C PHE F 277 -34.01 -11.05 -7.89
N LYS F 278 -34.40 -12.31 -8.11
CA LYS F 278 -35.56 -12.65 -8.92
C LYS F 278 -35.47 -12.02 -10.31
N ASN F 279 -34.31 -12.18 -10.96
CA ASN F 279 -34.04 -11.66 -12.30
C ASN F 279 -34.32 -10.16 -12.39
N ASN F 280 -33.95 -9.42 -11.35
CA ASN F 280 -34.14 -7.97 -11.31
C ASN F 280 -32.90 -7.33 -10.71
N ASN F 281 -32.57 -6.13 -11.19
CA ASN F 281 -31.35 -5.44 -10.79
C ASN F 281 -31.68 -4.28 -9.86
N TYR F 282 -31.05 -4.26 -8.70
CA TYR F 282 -31.23 -3.20 -7.70
C TYR F 282 -29.87 -2.60 -7.37
N LYS F 283 -29.82 -1.27 -7.31
CA LYS F 283 -28.58 -0.55 -7.05
C LYS F 283 -28.65 0.12 -5.68
N ILE F 284 -27.57 -0.01 -4.92
CA ILE F 284 -27.46 0.55 -3.58
C ILE F 284 -26.26 1.50 -3.56
N VAL F 285 -26.52 2.79 -3.39
CA VAL F 285 -25.47 3.79 -3.24
C VAL F 285 -25.28 4.08 -1.76
N LEU F 286 -24.05 3.98 -1.29
CA LEU F 286 -23.72 4.18 0.11
C LEU F 286 -22.65 5.27 0.22
N LYS F 287 -22.95 6.29 1.01
CA LYS F 287 -22.00 7.36 1.30
C LYS F 287 -22.28 7.88 2.69
N PRO F 288 -21.26 8.31 3.43
CA PRO F 288 -21.47 8.79 4.79
C PRO F 288 -22.10 10.19 4.80
N LYS F 289 -22.76 10.48 5.92
CA LYS F 289 -23.35 11.80 6.14
C LYS F 289 -22.28 12.87 5.96
N TYR F 290 -22.56 13.83 5.09
CA TYR F 290 -21.57 14.87 4.76
C TYR F 290 -21.51 15.89 5.88
N GLU F 291 -20.41 15.87 6.63
CA GLU F 291 -20.09 16.87 7.63
C GLU F 291 -18.67 17.35 7.37
N LYS F 292 -18.50 18.65 7.14
CA LYS F 292 -17.17 19.19 6.85
C LYS F 292 -16.42 19.37 8.17
N LYS F 293 -15.91 18.27 8.67
CA LYS F 293 -15.11 18.30 9.88
C LYS F 293 -13.80 19.03 9.62
N VAL F 294 -13.34 19.76 10.63
CA VAL F 294 -12.05 20.44 10.56
C VAL F 294 -10.97 19.48 11.03
N ILE F 295 -9.73 19.71 10.58
CA ILE F 295 -8.59 18.90 10.97
C ILE F 295 -7.76 19.71 11.97
N HIS F 296 -7.54 19.16 13.16
CA HIS F 296 -6.78 19.84 14.20
C HIS F 296 -5.30 19.50 14.00
N GLY F 297 -4.65 20.31 13.18
CA GLY F 297 -3.25 20.11 12.86
C GLY F 297 -2.70 21.31 12.12
N CYS F 298 -1.50 21.11 11.55
CA CYS F 298 -0.79 22.18 10.88
C CYS F 298 -0.68 21.86 9.39
N ASN F 299 -1.10 22.81 8.55
CA ASN F 299 -0.90 22.73 7.10
C ASN F 299 0.43 23.41 6.76
N PHE F 300 1.46 22.60 6.50
CA PHE F 300 2.77 23.14 6.13
C PHE F 300 2.83 23.56 4.67
N SER F 301 1.88 23.12 3.85
CA SER F 301 1.92 23.43 2.43
C SER F 301 1.43 24.85 2.17
N SER F 302 1.68 25.32 0.94
CA SER F 302 1.33 26.68 0.55
C SER F 302 0.12 26.78 -0.37
N ASN F 303 -0.18 25.72 -1.14
CA ASN F 303 -1.40 25.72 -1.94
C ASN F 303 -2.59 25.99 -1.03
N VAL F 304 -3.51 26.83 -1.52
CA VAL F 304 -4.70 27.21 -0.77
C VAL F 304 -5.97 26.60 -1.33
N SER F 305 -5.89 25.87 -2.44
CA SER F 305 -7.07 25.22 -3.02
C SER F 305 -7.23 23.78 -2.55
N SER F 306 -6.91 23.52 -1.29
CA SER F 306 -6.97 22.17 -0.74
C SER F 306 -8.41 21.80 -0.37
N LYS F 307 -8.65 20.49 -0.29
CA LYS F 307 -9.92 19.94 0.13
C LYS F 307 -10.01 19.78 1.65
N HIS F 308 -8.97 20.17 2.37
CA HIS F 308 -8.88 19.92 3.81
C HIS F 308 -8.60 21.25 4.53
N THR F 309 -9.15 21.37 5.73
CA THR F 309 -9.05 22.58 6.53
C THR F 309 -8.35 22.29 7.84
N PHE F 310 -7.28 23.04 8.12
CA PHE F 310 -6.45 22.80 9.29
C PHE F 310 -6.58 23.97 10.28
N THR F 311 -6.60 23.63 11.56
CA THR F 311 -6.73 24.65 12.60
C THR F 311 -5.51 25.56 12.63
N ASP F 312 -4.32 24.97 12.56
CA ASP F 312 -3.07 25.70 12.51
C ASP F 312 -2.42 25.52 11.14
N SER F 313 -1.40 26.33 10.87
CA SER F 313 -0.70 26.26 9.60
C SER F 313 0.62 27.01 9.70
N LEU F 314 1.61 26.52 8.95
CA LEU F 314 2.97 27.07 8.99
C LEU F 314 3.65 26.74 7.66
N ASP F 315 3.71 27.73 6.77
CA ASP F 315 4.30 27.52 5.45
C ASP F 315 5.78 27.19 5.62
N ILE F 316 6.14 25.92 5.45
CA ILE F 316 7.52 25.49 5.62
C ILE F 316 8.41 26.15 4.58
N SER F 317 7.85 26.49 3.42
CA SER F 317 8.65 27.09 2.36
C SER F 317 9.26 28.42 2.79
N LEU F 318 8.65 29.08 3.79
CA LEU F 318 9.16 30.37 4.24
C LEU F 318 10.24 30.24 5.31
N VAL F 319 10.32 29.10 6.00
CA VAL F 319 11.25 28.99 7.12
C VAL F 319 12.68 28.93 6.62
N ASP F 320 13.61 29.27 7.50
CA ASP F 320 15.02 29.26 7.15
C ASP F 320 15.47 27.84 6.81
N ASP F 321 16.45 27.75 5.91
CA ASP F 321 17.11 26.48 5.65
C ASP F 321 17.84 26.01 6.89
N SER F 322 18.00 24.69 7.01
CA SER F 322 18.72 24.07 8.11
C SER F 322 18.11 24.43 9.46
N ALA F 323 16.81 24.70 9.49
CA ALA F 323 16.10 25.08 10.69
C ALA F 323 15.10 24.00 11.08
N HIS F 324 14.56 24.13 12.28
CA HIS F 324 13.61 23.14 12.79
C HIS F 324 12.63 23.88 13.69
N ILE F 325 11.55 24.36 13.09
CA ILE F 325 10.54 25.18 13.74
C ILE F 325 9.37 24.29 14.16
N SER F 326 8.78 24.59 15.30
CA SER F 326 7.70 23.78 15.83
C SER F 326 6.35 24.42 15.55
N CYS F 327 5.33 23.56 15.43
CA CYS F 327 3.93 23.96 15.30
C CYS F 327 3.15 23.10 16.28
N ASN F 328 2.64 23.71 17.35
CA ASN F 328 1.94 22.97 18.39
C ASN F 328 0.42 23.04 18.17
N VAL F 329 -0.23 21.90 18.36
CA VAL F 329 -1.68 21.79 18.33
C VAL F 329 -2.12 21.09 19.59
N HIS F 330 -3.10 21.65 20.28
CA HIS F 330 -3.60 21.11 21.53
C HIS F 330 -5.08 20.79 21.43
N LEU F 331 -5.52 19.78 22.18
CA LEU F 331 -6.92 19.36 22.24
C LEU F 331 -7.30 19.13 23.70
N SER F 332 -8.41 19.75 24.15
CA SER F 332 -8.82 19.72 25.56
C SER F 332 -10.34 19.62 25.66
N GLU F 333 -10.85 18.40 25.56
CA GLU F 333 -12.27 18.11 25.71
C GLU F 333 -12.43 16.87 26.57
N PRO F 334 -13.58 16.70 27.23
CA PRO F 334 -13.81 15.45 27.96
C PRO F 334 -13.98 14.26 27.03
N LYS F 335 -14.81 14.42 26.00
CA LYS F 335 -14.99 13.44 24.94
C LYS F 335 -14.47 14.03 23.64
N TYR F 336 -13.95 13.17 22.77
CA TYR F 336 -13.36 13.60 21.53
C TYR F 336 -14.10 13.00 20.33
N ASN F 337 -14.12 13.76 19.25
CA ASN F 337 -14.63 13.32 17.96
C ASN F 337 -13.97 14.19 16.88
N HIS F 338 -12.65 14.08 16.78
CA HIS F 338 -11.84 15.03 16.04
C HIS F 338 -10.89 14.32 15.09
N LEU F 339 -10.35 15.11 14.16
CA LEU F 339 -9.38 14.65 13.16
C LEU F 339 -8.09 15.43 13.36
N VAL F 340 -7.00 14.71 13.57
CA VAL F 340 -5.69 15.29 13.81
C VAL F 340 -4.75 14.82 12.71
N GLY F 341 -4.17 15.76 11.99
CA GLY F 341 -3.27 15.41 10.90
C GLY F 341 -2.44 16.60 10.47
N LEU F 342 -1.75 16.42 9.34
CA LEU F 342 -0.90 17.47 8.80
C LEU F 342 -0.87 17.32 7.28
N ASN F 343 -0.48 18.40 6.61
CA ASN F 343 -0.32 18.44 5.17
C ASN F 343 1.13 18.83 4.86
N CYS F 344 1.96 17.83 4.63
CA CYS F 344 3.38 18.08 4.39
C CYS F 344 3.69 18.00 2.90
N PRO F 345 4.36 19.01 2.33
CA PRO F 345 4.74 18.93 0.91
C PRO F 345 5.94 18.02 0.65
N GLY F 346 6.55 17.46 1.69
CA GLY F 346 7.70 16.61 1.50
C GLY F 346 7.71 15.40 2.41
N ASP F 347 8.89 14.91 2.76
CA ASP F 347 8.99 13.71 3.59
C ASP F 347 8.36 13.94 4.96
N ILE F 348 7.82 12.87 5.53
CA ILE F 348 7.16 12.92 6.82
C ILE F 348 7.77 11.86 7.72
N ILE F 349 8.10 12.23 8.95
CA ILE F 349 8.77 11.33 9.88
C ILE F 349 7.99 11.24 11.19
N PRO F 350 7.65 10.03 11.66
CA PRO F 350 7.82 8.77 10.95
C PRO F 350 6.58 8.53 10.10
N ASP F 351 6.17 7.30 9.88
CA ASP F 351 4.89 7.06 9.20
C ASP F 351 3.77 7.53 10.13
N CYS F 352 3.26 8.73 9.89
CA CYS F 352 2.20 9.30 10.70
C CYS F 352 0.85 9.04 10.03
N PHE F 353 -0.14 8.73 10.84
CA PHE F 353 0.09 8.70 12.27
C PHE F 353 -0.03 7.32 12.86
N PHE F 354 0.26 6.31 12.05
CA PHE F 354 0.36 4.96 12.59
C PHE F 354 1.54 4.83 13.54
N GLN F 355 2.68 5.41 13.17
CA GLN F 355 3.81 5.60 14.05
C GLN F 355 3.94 7.08 14.38
N VAL F 356 4.43 7.37 15.58
CA VAL F 356 4.60 8.75 16.03
C VAL F 356 5.91 8.85 16.80
N TYR F 357 6.30 10.10 17.06
CA TYR F 357 7.58 10.43 17.68
C TYR F 357 7.33 10.87 19.12
N GLN F 358 8.02 10.23 20.07
CA GLN F 358 7.80 10.52 21.48
C GLN F 358 8.07 12.00 21.76
N PRO F 359 7.44 12.57 22.78
CA PRO F 359 7.69 13.97 23.14
C PRO F 359 9.10 14.17 23.69
N GLU F 360 9.48 15.45 23.76
CA GLU F 360 10.84 15.81 24.15
C GLU F 360 11.06 15.54 25.63
N SER F 361 12.26 15.08 25.96
CA SER F 361 12.63 14.79 27.35
C SER F 361 13.30 16.00 27.97
N GLU F 362 12.88 16.34 29.18
CA GLU F 362 13.50 17.45 29.91
C GLU F 362 14.97 17.18 30.15
N GLU F 363 15.28 16.03 30.74
CA GLU F 363 16.65 15.58 30.91
C GLU F 363 17.19 15.04 29.58
N LEU F 364 18.44 14.57 29.60
CA LEU F 364 19.09 14.15 28.37
C LEU F 364 18.77 12.67 28.08
N GLU F 365 17.52 12.45 27.68
CA GLU F 365 17.07 11.12 27.32
C GLU F 365 16.58 11.11 25.88
N PRO F 366 16.77 10.01 25.17
CA PRO F 366 16.33 9.97 23.76
C PRO F 366 14.83 9.75 23.64
N SER F 367 14.29 10.30 22.56
CA SER F 367 12.89 10.10 22.20
C SER F 367 12.80 9.14 21.02
N ASN F 368 11.87 8.19 21.10
CA ASN F 368 11.78 7.06 20.19
C ASN F 368 10.50 7.11 19.39
N ILE F 369 10.42 6.22 18.40
CA ILE F 369 9.23 6.08 17.56
C ILE F 369 8.37 4.97 18.14
N VAL F 370 7.09 5.27 18.36
CA VAL F 370 6.15 4.32 18.93
C VAL F 370 4.92 4.26 18.05
N TYR F 371 4.14 3.18 18.23
CA TYR F 371 2.87 3.02 17.55
C TYR F 371 1.80 3.81 18.29
N LEU F 372 1.03 4.61 17.54
CA LEU F 372 0.08 5.53 18.15
C LEU F 372 -0.88 4.81 19.08
N ASP F 373 -1.32 3.60 18.69
CA ASP F 373 -2.24 2.83 19.52
C ASP F 373 -1.69 2.67 20.93
N SER F 374 -0.41 2.34 21.06
CA SER F 374 0.19 2.20 22.37
C SER F 374 0.32 3.55 23.08
N GLN F 375 0.63 4.60 22.31
CA GLN F 375 0.94 5.89 22.91
C GLN F 375 -0.28 6.48 23.62
N ILE F 376 -1.39 6.64 22.88
CA ILE F 376 -2.59 7.21 23.47
C ILE F 376 -3.47 6.17 24.15
N ASN F 377 -3.19 4.88 23.96
CA ASN F 377 -3.81 3.80 24.73
C ASN F 377 -5.32 3.73 24.51
N ILE F 378 -5.73 3.80 23.24
CA ILE F 378 -7.12 3.55 22.85
C ILE F 378 -7.14 2.56 21.68
N GLY F 379 -8.34 2.11 21.35
CA GLY F 379 -8.51 0.98 20.47
C GLY F 379 -8.66 1.26 19.00
N ASP F 380 -9.90 1.51 18.56
CA ASP F 380 -10.22 1.62 17.13
C ASP F 380 -9.84 3.01 16.62
N ILE F 381 -8.53 3.22 16.47
CA ILE F 381 -8.02 4.44 15.86
C ILE F 381 -8.14 4.30 14.35
N GLU F 382 -8.99 5.12 13.73
CA GLU F 382 -9.09 5.15 12.29
C GLU F 382 -8.00 6.03 11.69
N TYR F 383 -7.48 5.62 10.54
CA TYR F 383 -6.41 6.31 9.85
C TYR F 383 -6.84 6.65 8.43
N TYR F 384 -6.25 7.71 7.87
CA TYR F 384 -6.66 8.19 6.56
C TYR F 384 -5.49 8.93 5.92
N GLU F 385 -5.35 8.76 4.61
CA GLU F 385 -4.27 9.36 3.83
C GLU F 385 -4.83 10.00 2.58
N ASP F 386 -4.10 10.99 2.07
CA ASP F 386 -4.53 11.72 0.87
C ASP F 386 -3.32 12.41 0.27
N ALA F 387 -3.46 12.80 -1.00
CA ALA F 387 -2.36 13.41 -1.74
C ALA F 387 -2.93 14.43 -2.73
N GLU F 388 -2.49 15.68 -2.60
CA GLU F 388 -2.86 16.77 -3.50
C GLU F 388 -1.61 17.26 -4.21
N GLY F 389 -1.36 16.74 -5.41
CA GLY F 389 -0.11 17.00 -6.10
C GLY F 389 1.06 16.37 -5.37
N ASP F 390 1.95 17.20 -4.83
CA ASP F 390 3.06 16.69 -4.02
C ASP F 390 2.73 16.69 -2.53
N ASP F 391 1.68 17.39 -2.13
CA ASP F 391 1.34 17.50 -0.71
C ASP F 391 0.76 16.19 -0.21
N LYS F 392 1.25 15.71 0.92
CA LYS F 392 0.74 14.51 1.57
C LYS F 392 -0.11 14.89 2.78
N ILE F 393 -1.28 14.27 2.90
CA ILE F 393 -2.24 14.56 3.96
C ILE F 393 -2.46 13.27 4.74
N LYS F 394 -1.75 13.11 5.85
CA LYS F 394 -1.90 11.96 6.74
C LYS F 394 -2.55 12.45 8.03
N LEU F 395 -3.60 11.76 8.47
CA LEU F 395 -4.32 12.12 9.68
C LEU F 395 -4.82 10.85 10.38
N PHE F 396 -5.38 11.05 11.57
CA PHE F 396 -6.00 10.00 12.34
C PHE F 396 -7.20 10.57 13.08
N GLY F 397 -8.21 9.72 13.29
CA GLY F 397 -9.39 10.10 14.02
C GLY F 397 -9.31 9.66 15.47
N ILE F 398 -10.17 10.25 16.29
CA ILE F 398 -10.20 9.97 17.72
C ILE F 398 -11.61 10.16 18.24
N VAL F 399 -12.17 9.12 18.85
CA VAL F 399 -13.54 9.15 19.37
C VAL F 399 -13.52 8.59 20.78
N GLY F 400 -14.21 9.27 21.69
CA GLY F 400 -14.25 8.86 23.07
C GLY F 400 -13.28 9.65 23.93
N SER F 401 -13.17 9.24 25.18
CA SER F 401 -12.29 9.88 26.13
C SER F 401 -10.88 9.30 25.98
N ILE F 402 -10.00 9.63 26.92
CA ILE F 402 -8.60 9.20 26.85
C ILE F 402 -8.05 8.85 28.23
N PRO F 403 -7.26 7.78 28.36
CA PRO F 403 -6.83 7.39 29.72
C PRO F 403 -5.98 8.44 30.41
N LYS F 404 -4.92 8.90 29.77
CA LYS F 404 -4.00 9.83 30.41
C LYS F 404 -3.54 10.86 29.38
N THR F 405 -3.43 12.11 29.84
CA THR F 405 -2.93 13.21 29.01
C THR F 405 -1.57 12.89 28.42
N THR F 406 -1.47 12.75 27.10
CA THR F 406 -0.23 12.36 26.46
C THR F 406 0.00 13.23 25.22
N SER F 407 1.25 13.27 24.77
CA SER F 407 1.65 14.13 23.66
C SER F 407 2.57 13.36 22.73
N PHE F 408 2.68 13.86 21.49
CA PHE F 408 3.52 13.24 20.48
C PHE F 408 3.85 14.27 19.40
N THR F 409 4.72 13.87 18.48
CA THR F 409 5.26 14.78 17.47
C THR F 409 5.39 14.04 16.14
N CYS F 410 5.21 14.81 15.06
CA CYS F 410 5.41 14.32 13.70
C CYS F 410 6.21 15.34 12.92
N ILE F 411 7.20 14.86 12.17
CA ILE F 411 8.21 15.72 11.55
C ILE F 411 7.97 15.80 10.06
N CYS F 412 8.12 17.01 9.51
CA CYS F 412 7.92 17.27 8.09
C CYS F 412 9.12 18.05 7.58
N LYS F 413 9.81 17.50 6.59
CA LYS F 413 10.95 18.16 5.95
C LYS F 413 10.70 18.35 4.46
N LYS F 414 11.23 19.45 3.93
CA LYS F 414 11.12 19.80 2.52
C LYS F 414 12.39 20.52 2.08
N ASP F 415 13.15 19.89 1.19
CA ASP F 415 14.43 20.41 0.70
C ASP F 415 15.32 20.57 1.93
N LYS F 416 15.93 21.73 2.15
CA LYS F 416 16.75 21.97 3.33
C LYS F 416 15.95 22.51 4.50
N LYS F 417 14.65 22.72 4.34
CA LYS F 417 13.80 23.24 5.40
C LYS F 417 13.12 22.09 6.14
N SER F 418 12.82 22.33 7.41
CA SER F 418 12.22 21.29 8.25
C SER F 418 11.28 21.94 9.25
N ALA F 419 10.34 21.14 9.74
CA ALA F 419 9.37 21.57 10.73
C ALA F 419 8.89 20.33 11.46
N TYR F 420 8.13 20.55 12.53
CA TYR F 420 7.54 19.44 13.28
C TYR F 420 6.31 19.92 14.02
N MET F 421 5.27 19.07 14.02
CA MET F 421 4.00 19.35 14.66
C MET F 421 3.90 18.56 15.97
N THR F 422 3.69 19.27 17.08
CA THR F 422 3.55 18.65 18.40
C THR F 422 2.09 18.69 18.82
N VAL F 423 1.55 17.52 19.12
CA VAL F 423 0.14 17.38 19.49
C VAL F 423 0.07 17.02 20.98
N THR F 424 -1.00 17.48 21.61
CA THR F 424 -1.20 17.28 23.04
C THR F 424 -2.68 17.14 23.30
N ILE F 425 -3.09 16.03 23.89
CA ILE F 425 -4.48 15.73 24.18
C ILE F 425 -4.56 15.36 25.66
N ASP F 426 -5.66 15.76 26.31
CA ASP F 426 -5.76 15.67 27.76
C ASP F 426 -7.12 15.13 28.18
N SER F 427 -7.14 14.59 29.40
CA SER F 427 -8.32 14.10 30.12
C SER F 427 -7.86 13.62 31.48
N ALA F 428 -8.83 13.49 32.39
CA ALA F 428 -8.63 12.95 33.74
C ALA F 428 -7.48 13.63 34.49
N ASP G 1 26.37 29.69 5.99
CA ASP G 1 25.36 28.96 6.76
C ASP G 1 25.93 28.42 8.07
N VAL G 2 25.47 27.23 8.47
CA VAL G 2 25.89 26.63 9.72
C VAL G 2 27.37 26.27 9.67
N LYS G 3 28.05 26.40 10.80
CA LYS G 3 29.50 26.22 10.85
C LYS G 3 29.92 25.91 12.28
N LEU G 4 30.70 24.84 12.45
CA LEU G 4 31.22 24.42 13.75
C LEU G 4 32.73 24.21 13.65
N VAL G 5 33.48 24.88 14.54
CA VAL G 5 34.94 24.98 14.45
C VAL G 5 35.54 24.47 15.75
N GLU G 6 36.03 23.24 15.75
CA GLU G 6 36.75 22.73 16.90
C GLU G 6 38.11 23.39 17.01
N SER G 7 38.67 23.37 18.22
CA SER G 7 39.97 23.96 18.50
C SER G 7 40.48 23.45 19.84
N GLY G 8 41.79 23.59 20.04
CA GLY G 8 42.44 23.26 21.29
C GLY G 8 43.10 21.91 21.36
N GLY G 9 43.03 21.11 20.30
CA GLY G 9 43.63 19.80 20.34
C GLY G 9 45.15 19.82 20.19
N GLY G 10 45.78 18.73 20.64
CA GLY G 10 47.22 18.59 20.58
C GLY G 10 47.74 17.35 21.30
N LEU G 11 49.00 17.39 21.73
CA LEU G 11 49.61 16.28 22.44
C LEU G 11 49.55 16.52 23.94
N VAL G 12 48.99 15.56 24.66
CA VAL G 12 48.92 15.59 26.11
C VAL G 12 49.60 14.33 26.64
N LYS G 13 50.45 14.50 27.66
CA LYS G 13 51.13 13.35 28.23
C LYS G 13 50.15 12.53 29.06
N LEU G 14 50.59 11.30 29.38
CA LEU G 14 49.74 10.32 30.05
C LEU G 14 49.20 10.87 31.35
N GLY G 15 47.87 10.87 31.48
CA GLY G 15 47.20 11.36 32.67
C GLY G 15 46.95 12.84 32.70
N GLY G 16 47.32 13.58 31.65
CA GLY G 16 47.16 15.01 31.65
C GLY G 16 45.72 15.43 31.47
N SER G 17 45.54 16.73 31.21
CA SER G 17 44.23 17.33 31.08
C SER G 17 44.27 18.42 30.02
N LEU G 18 43.15 18.60 29.32
CA LEU G 18 43.09 19.52 28.19
C LEU G 18 41.64 19.93 27.96
N LYS G 19 41.46 21.18 27.53
CA LYS G 19 40.16 21.75 27.24
C LYS G 19 40.04 22.00 25.75
N LEU G 20 39.00 21.43 25.13
CA LEU G 20 38.68 21.65 23.74
C LEU G 20 37.46 22.55 23.64
N SER G 21 37.50 23.49 22.71
CA SER G 21 36.39 24.41 22.50
C SER G 21 35.91 24.34 21.06
N CYS G 22 34.64 24.66 20.86
CA CYS G 22 34.00 24.62 19.56
C CYS G 22 33.24 25.93 19.35
N ALA G 23 33.52 26.60 18.23
CA ALA G 23 32.84 27.84 17.88
C ALA G 23 31.70 27.55 16.92
N ALA G 24 30.54 28.16 17.18
CA ALA G 24 29.34 27.94 16.38
C ALA G 24 28.92 29.23 15.71
N SER G 25 28.45 29.12 14.46
CA SER G 25 28.01 30.29 13.72
C SER G 25 26.98 29.88 12.70
N GLY G 26 26.09 30.82 12.39
CA GLY G 26 25.12 30.65 11.32
C GLY G 26 23.83 29.98 11.69
N PHE G 27 23.52 29.87 12.99
CA PHE G 27 22.27 29.27 13.42
C PHE G 27 22.02 29.65 14.88
N THR G 28 20.82 29.37 15.34
CA THR G 28 20.43 29.66 16.72
C THR G 28 21.04 28.59 17.61
N PHE G 29 22.23 28.88 18.12
CA PHE G 29 22.99 27.94 18.93
C PHE G 29 22.17 27.42 20.10
N SER G 30 21.38 28.29 20.73
CA SER G 30 20.65 27.94 21.93
C SER G 30 19.54 26.92 21.69
N SER G 31 19.20 26.62 20.44
CA SER G 31 18.09 25.73 20.15
C SER G 31 18.52 24.37 19.64
N TYR G 32 19.79 24.00 19.79
CA TYR G 32 20.30 22.76 19.23
C TYR G 32 21.13 22.01 20.26
N TYR G 33 20.86 20.71 20.38
CA TYR G 33 21.66 19.82 21.20
C TYR G 33 23.06 19.70 20.60
N MET G 34 24.09 19.97 21.40
CA MET G 34 25.47 19.82 20.97
C MET G 34 26.07 18.55 21.56
N SER G 35 27.08 18.01 20.89
CA SER G 35 27.71 16.77 21.32
C SER G 35 29.13 16.68 20.77
N TRP G 36 30.02 16.11 21.59
CA TRP G 36 31.39 15.80 21.17
C TRP G 36 31.46 14.32 20.82
N VAL G 37 31.94 14.02 19.62
CA VAL G 37 32.06 12.65 19.11
C VAL G 37 33.46 12.48 18.54
N ARG G 38 34.14 11.40 18.94
CA ARG G 38 35.50 11.14 18.54
C ARG G 38 35.57 10.02 17.50
N GLN G 39 36.74 9.88 16.88
CA GLN G 39 36.99 8.84 15.89
C GLN G 39 38.33 8.20 16.20
N THR G 40 38.32 6.90 16.48
CA THR G 40 39.50 6.17 16.90
C THR G 40 40.41 5.88 15.70
N PRO G 41 41.66 5.46 15.95
CA PRO G 41 42.54 5.09 14.83
C PRO G 41 42.01 3.92 14.02
N GLU G 42 41.24 3.04 14.64
CA GLU G 42 40.56 1.93 14.00
C GLU G 42 39.33 2.38 13.18
N LYS G 43 39.12 3.70 13.08
CA LYS G 43 38.03 4.32 12.32
C LYS G 43 36.67 3.95 12.90
N ARG G 44 36.49 4.31 14.17
CA ARG G 44 35.25 4.07 14.90
C ARG G 44 34.76 5.37 15.50
N LEU G 45 33.46 5.65 15.32
CA LEU G 45 32.83 6.83 15.88
C LEU G 45 32.22 6.51 17.24
N GLU G 46 32.54 7.34 18.24
CA GLU G 46 32.08 7.14 19.60
C GLU G 46 31.61 8.46 20.18
N LEU G 47 30.46 8.44 20.84
CA LEU G 47 29.93 9.62 21.52
C LEU G 47 30.69 9.85 22.82
N VAL G 48 31.29 11.02 22.96
CA VAL G 48 32.05 11.36 24.14
C VAL G 48 31.18 12.01 25.20
N ALA G 49 30.43 13.03 24.82
CA ALA G 49 29.56 13.75 25.74
C ALA G 49 28.53 14.54 24.96
N ALA G 50 27.43 14.86 25.62
CA ALA G 50 26.33 15.57 24.98
C ALA G 50 25.69 16.51 25.99
N ILE G 51 24.98 17.51 25.47
CA ILE G 51 24.37 18.53 26.29
C ILE G 51 23.07 18.98 25.62
N ASN G 52 22.14 19.47 26.43
CA ASN G 52 20.86 19.91 25.91
C ASN G 52 20.92 21.38 25.50
N ASN G 53 19.82 21.84 24.90
CA ASN G 53 19.79 23.17 24.31
C ASN G 53 20.06 24.27 25.33
N ASN G 54 19.51 24.12 26.53
CA ASN G 54 19.69 25.12 27.57
C ASN G 54 20.89 24.85 28.47
N GLY G 55 21.65 23.80 28.20
CA GLY G 55 22.83 23.49 28.97
C GLY G 55 22.58 22.84 30.31
N GLY G 56 21.32 22.61 30.69
CA GLY G 56 21.01 22.02 31.97
C GLY G 56 21.53 20.61 32.16
N SER G 57 20.91 19.64 31.49
CA SER G 57 21.24 18.23 31.65
C SER G 57 22.29 17.78 30.65
N THR G 58 23.12 16.84 31.08
CA THR G 58 24.21 16.31 30.26
C THR G 58 24.31 14.81 30.48
N TYR G 59 24.93 14.13 29.50
CA TYR G 59 25.18 12.70 29.58
C TYR G 59 26.62 12.41 29.16
N TYR G 60 27.21 11.39 29.79
CA TYR G 60 28.55 10.93 29.49
C TYR G 60 28.48 9.41 29.59
N PRO G 61 28.90 8.69 28.55
CA PRO G 61 28.98 7.22 28.68
C PRO G 61 30.00 6.84 29.74
N ASP G 62 29.75 5.69 30.38
CA ASP G 62 30.53 5.27 31.53
C ASP G 62 32.02 5.25 31.24
N THR G 63 32.38 5.11 29.96
CA THR G 63 33.79 5.04 29.58
C THR G 63 34.54 6.29 30.00
N VAL G 64 33.88 7.45 29.95
CA VAL G 64 34.50 8.72 30.28
C VAL G 64 33.78 9.45 31.41
N LYS G 65 32.79 8.82 32.04
CA LYS G 65 31.99 9.52 33.05
C LYS G 65 32.86 9.95 34.21
N GLY G 66 32.74 11.23 34.60
CA GLY G 66 33.53 11.81 35.66
C GLY G 66 34.86 12.38 35.21
N ARG G 67 35.46 11.79 34.17
CA ARG G 67 36.75 12.25 33.68
C ARG G 67 36.60 13.49 32.80
N PHE G 68 35.62 13.47 31.91
CA PHE G 68 35.38 14.57 30.98
C PHE G 68 34.18 15.40 31.44
N THR G 69 34.09 16.63 30.92
CA THR G 69 33.05 17.57 31.35
C THR G 69 32.71 18.50 30.19
N ILE G 70 31.49 18.39 29.69
CA ILE G 70 31.01 19.25 28.61
C ILE G 70 30.40 20.51 29.25
N SER G 71 30.29 21.56 28.45
CA SER G 71 29.77 22.85 28.89
C SER G 71 29.50 23.71 27.67
N ARG G 72 28.62 24.69 27.82
CA ARG G 72 28.28 25.57 26.71
C ARG G 72 27.99 26.97 27.21
N ASP G 73 28.48 27.96 26.45
CA ASP G 73 28.24 29.38 26.70
C ASP G 73 27.40 29.89 25.52
N ASN G 74 26.09 29.91 25.70
CA ASN G 74 25.19 30.30 24.62
C ASN G 74 25.37 31.78 24.25
N ALA G 75 25.78 32.61 25.21
CA ALA G 75 26.02 34.01 24.88
C ALA G 75 27.21 34.18 23.94
N LYS G 76 28.21 33.31 24.04
CA LYS G 76 29.38 33.36 23.17
C LYS G 76 29.33 32.35 22.03
N ASN G 77 28.26 31.56 21.93
CA ASN G 77 28.14 30.54 20.91
C ASN G 77 29.35 29.60 20.93
N THR G 78 29.62 29.02 22.10
CA THR G 78 30.77 28.15 22.30
C THR G 78 30.38 26.89 23.05
N LEU G 79 31.09 25.82 22.75
CA LEU G 79 30.95 24.52 23.40
C LEU G 79 32.32 24.07 23.85
N ASN G 80 32.43 23.67 25.12
CA ASN G 80 33.70 23.29 25.70
C ASN G 80 33.60 21.91 26.32
N LEU G 81 34.74 21.22 26.39
CA LEU G 81 34.80 19.86 26.92
C LEU G 81 36.12 19.71 27.68
N GLN G 82 36.06 19.84 29.00
CA GLN G 82 37.26 19.72 29.82
C GLN G 82 37.52 18.24 30.09
N MET G 83 38.55 17.70 29.45
CA MET G 83 38.94 16.30 29.59
C MET G 83 40.09 16.20 30.58
N ASN G 84 39.91 15.38 31.62
CA ASN G 84 40.91 15.18 32.65
C ASN G 84 41.29 13.70 32.72
N SER G 85 42.48 13.46 33.29
CA SER G 85 43.00 12.11 33.48
C SER G 85 43.03 11.33 32.17
N LEU G 86 43.47 11.99 31.10
CA LEU G 86 43.43 11.39 29.77
C LEU G 86 44.32 10.15 29.71
N LYS G 87 43.79 9.09 29.10
CA LYS G 87 44.50 7.85 28.87
C LYS G 87 44.86 7.71 27.40
N SER G 88 45.77 6.77 27.11
CA SER G 88 46.20 6.55 25.73
C SER G 88 45.03 6.19 24.82
N GLU G 89 44.01 5.53 25.37
CA GLU G 89 42.84 5.16 24.56
C GLU G 89 42.08 6.38 24.08
N ASP G 90 42.21 7.52 24.76
CA ASP G 90 41.51 8.73 24.35
C ASP G 90 42.10 9.38 23.11
N THR G 91 43.24 8.89 22.61
CA THR G 91 43.82 9.40 21.38
C THR G 91 42.83 9.27 20.24
N ALA G 92 42.29 10.39 19.76
CA ALA G 92 41.30 10.34 18.68
C ALA G 92 41.12 11.73 18.09
N LEU G 93 40.40 11.77 16.98
CA LEU G 93 39.98 13.02 16.37
C LEU G 93 38.59 13.37 16.88
N TYR G 94 38.46 14.52 17.54
CA TYR G 94 37.23 14.91 18.23
C TYR G 94 36.43 15.86 17.36
N TYR G 95 35.20 15.46 17.05
CA TYR G 95 34.28 16.27 16.26
C TYR G 95 33.29 17.01 17.15
N CYS G 96 32.85 18.17 16.68
CA CYS G 96 31.80 18.96 17.34
C CYS G 96 30.59 18.94 16.43
N THR G 97 29.52 18.27 16.86
CA THR G 97 28.36 18.04 16.02
C THR G 97 27.09 18.41 16.78
N ARG G 98 26.03 18.68 16.03
CA ARG G 98 24.79 19.18 16.60
C ARG G 98 23.65 18.22 16.34
N GLN G 99 22.55 18.45 17.08
CA GLN G 99 21.33 17.68 16.96
C GLN G 99 20.16 18.56 17.35
N HIS G 100 18.96 18.14 16.96
CA HIS G 100 17.75 18.86 17.30
C HIS G 100 16.64 17.84 17.54
N TYR G 101 15.85 18.07 18.60
CA TYR G 101 14.71 17.20 18.85
C TYR G 101 13.81 17.13 17.62
N GLY G 102 13.67 18.26 16.93
CA GLY G 102 12.82 18.35 15.75
C GLY G 102 13.37 17.72 14.48
N ASN G 103 14.52 17.03 14.55
CA ASN G 103 14.99 16.25 13.40
C ASN G 103 15.39 14.86 13.84
N LEU G 104 14.75 14.35 14.89
CA LEU G 104 14.95 13.00 15.45
C LEU G 104 16.41 12.79 15.82
N TYR G 105 16.97 13.81 16.47
CA TYR G 105 18.34 13.85 16.95
C TYR G 105 19.30 13.35 15.88
N PHE G 106 19.33 14.12 14.78
CA PHE G 106 20.14 13.80 13.62
C PHE G 106 21.37 14.71 13.62
N PHE G 107 22.55 14.13 13.41
CA PHE G 107 23.78 14.90 13.31
C PHE G 107 23.86 15.53 11.92
N ASP G 108 23.11 16.61 11.72
CA ASP G 108 23.13 17.23 10.40
C ASP G 108 24.34 18.13 10.16
N TYR G 109 25.12 18.45 11.19
CA TYR G 109 26.32 19.26 11.01
C TYR G 109 27.40 18.78 11.96
N TRP G 110 28.54 18.41 11.38
CA TRP G 110 29.77 18.05 12.07
C TRP G 110 30.82 19.14 11.81
N GLY G 111 31.98 18.96 12.44
CA GLY G 111 33.11 19.84 12.22
C GLY G 111 34.24 19.12 11.50
N GLN G 112 35.32 19.86 11.26
CA GLN G 112 36.48 19.23 10.66
C GLN G 112 37.30 18.44 11.68
N GLY G 113 37.04 18.64 12.97
CA GLY G 113 37.69 17.86 14.01
C GLY G 113 38.99 18.49 14.48
N THR G 114 39.32 18.22 15.73
CA THR G 114 40.60 18.58 16.31
C THR G 114 41.25 17.31 16.85
N THR G 115 42.54 17.14 16.58
CA THR G 115 43.22 15.87 16.81
C THR G 115 43.85 15.85 18.20
N LEU G 116 43.47 14.86 18.99
CA LEU G 116 44.01 14.67 20.33
C LEU G 116 44.92 13.45 20.34
N THR G 117 46.14 13.64 20.85
CA THR G 117 47.11 12.56 20.98
C THR G 117 47.51 12.45 22.44
N VAL G 118 47.25 11.30 23.04
CA VAL G 118 47.57 11.07 24.44
C VAL G 118 48.71 10.07 24.51
N SER G 119 49.93 10.59 24.60
CA SER G 119 51.12 9.76 24.65
C SER G 119 52.23 10.49 25.38
N SER G 120 53.22 9.73 25.82
CA SER G 120 54.37 10.29 26.53
C SER G 120 55.53 10.60 25.61
N ALA G 121 55.44 10.24 24.33
CA ALA G 121 56.51 10.53 23.39
C ALA G 121 56.68 12.03 23.22
N LYS G 122 57.91 12.46 23.01
CA LYS G 122 58.22 13.88 22.92
C LYS G 122 57.81 14.45 21.58
N THR G 123 57.36 15.70 21.59
CA THR G 123 57.01 16.40 20.38
C THR G 123 58.25 16.63 19.53
N THR G 124 58.22 16.14 18.29
CA THR G 124 59.38 16.17 17.41
C THR G 124 59.01 16.82 16.09
N PRO G 125 59.83 17.72 15.55
CA PRO G 125 59.50 18.39 14.29
C PRO G 125 59.77 17.49 13.10
N PRO G 126 59.15 17.77 11.96
CA PRO G 126 59.35 16.91 10.78
C PRO G 126 60.64 17.28 10.04
N SER G 127 61.06 16.34 9.19
CA SER G 127 62.23 16.53 8.33
C SER G 127 61.79 16.27 6.90
N VAL G 128 61.53 17.34 6.15
CA VAL G 128 61.04 17.24 4.79
C VAL G 128 62.21 16.90 3.86
N TYR G 129 62.05 15.83 3.09
CA TYR G 129 63.02 15.43 2.08
C TYR G 129 62.35 15.46 0.70
N PRO G 130 62.99 16.07 -0.29
CA PRO G 130 62.39 16.10 -1.64
C PRO G 130 62.58 14.77 -2.35
N LEU G 131 61.60 14.42 -3.17
CA LEU G 131 61.62 13.19 -3.95
C LEU G 131 61.65 13.57 -5.43
N ALA G 132 62.81 13.42 -6.06
CA ALA G 132 63.00 13.77 -7.46
C ALA G 132 64.01 12.83 -8.10
N PRO G 133 63.81 12.46 -9.36
CA PRO G 133 64.78 11.60 -10.04
C PRO G 133 65.90 12.38 -10.69
N GLY G 134 66.78 11.69 -11.41
CA GLY G 134 67.89 12.33 -12.08
C GLY G 134 68.11 11.87 -13.50
N ASN G 140 58.22 9.38 -21.42
CA ASN G 140 58.56 10.66 -20.83
C ASN G 140 57.46 11.68 -21.11
N SER G 141 56.20 11.25 -20.95
CA SER G 141 55.08 12.15 -21.19
C SER G 141 54.78 12.98 -19.95
N MET G 142 54.72 12.36 -18.79
CA MET G 142 54.49 13.06 -17.53
C MET G 142 55.64 12.78 -16.57
N VAL G 143 55.52 13.29 -15.35
CA VAL G 143 56.52 13.07 -14.31
C VAL G 143 55.83 13.11 -12.96
N THR G 144 56.20 12.18 -12.09
CA THR G 144 55.65 12.07 -10.75
C THR G 144 56.71 12.49 -9.73
N LEU G 145 56.43 13.55 -9.00
CA LEU G 145 57.30 14.05 -7.94
C LEU G 145 56.68 13.73 -6.58
N GLY G 146 57.51 13.79 -5.55
CA GLY G 146 57.11 13.39 -4.21
C GLY G 146 57.69 14.30 -3.15
N CYS G 147 57.24 14.08 -1.92
CA CYS G 147 57.65 14.88 -0.78
C CYS G 147 57.55 14.01 0.46
N LEU G 148 58.71 13.63 1.01
CA LEU G 148 58.77 12.73 2.15
C LEU G 148 58.80 13.52 3.45
N VAL G 149 57.80 13.31 4.30
CA VAL G 149 57.74 13.85 5.65
C VAL G 149 58.08 12.73 6.61
N LYS G 150 59.13 12.90 7.40
CA LYS G 150 59.66 11.80 8.19
C LYS G 150 60.03 12.27 9.59
N GLY G 151 59.70 11.44 10.58
CA GLY G 151 60.17 11.63 11.94
C GLY G 151 59.58 12.83 12.66
N TYR G 152 58.26 12.94 12.65
CA TYR G 152 57.57 14.01 13.37
C TYR G 152 56.62 13.40 14.39
N PHE G 153 56.19 14.24 15.34
CA PHE G 153 55.26 13.82 16.37
C PHE G 153 54.63 15.02 17.06
N PRO G 154 53.29 15.06 17.14
CA PRO G 154 52.41 14.10 16.51
C PRO G 154 51.63 14.71 15.35
N GLU G 155 50.86 13.91 14.61
CA GLU G 155 49.79 14.44 13.79
C GLU G 155 48.86 15.30 14.63
N PRO G 156 48.26 16.36 14.07
CA PRO G 156 48.05 16.89 12.71
C PRO G 156 49.29 17.33 11.92
N VAL G 157 49.19 17.19 10.61
CA VAL G 157 50.19 17.65 9.65
C VAL G 157 49.48 17.90 8.33
N THR G 158 49.93 18.93 7.59
CA THR G 158 49.30 19.33 6.34
C THR G 158 50.35 19.42 5.24
N VAL G 159 50.12 18.66 4.17
CA VAL G 159 50.99 18.68 2.99
C VAL G 159 50.18 19.21 1.82
N THR G 160 50.64 20.32 1.24
CA THR G 160 50.05 20.89 0.03
C THR G 160 51.14 21.16 -1.00
N TRP G 161 50.71 21.33 -2.24
CA TRP G 161 51.61 21.54 -3.38
C TRP G 161 51.33 22.88 -4.02
N ASN G 162 52.38 23.65 -4.24
CA ASN G 162 52.29 25.00 -4.81
C ASN G 162 51.24 25.84 -4.07
N SER G 163 51.29 25.76 -2.73
CA SER G 163 50.42 26.54 -1.85
C SER G 163 48.94 26.24 -2.09
N GLY G 164 48.64 25.03 -2.57
CA GLY G 164 47.29 24.59 -2.80
C GLY G 164 46.85 24.64 -4.26
N SER G 165 47.51 25.43 -5.10
CA SER G 165 47.10 25.54 -6.50
C SER G 165 47.22 24.21 -7.21
N LEU G 166 48.31 23.48 -6.97
CA LEU G 166 48.47 22.12 -7.50
C LEU G 166 47.62 21.19 -6.66
N SER G 167 46.43 20.88 -7.16
CA SER G 167 45.49 20.01 -6.45
C SER G 167 45.22 18.70 -7.16
N SER G 168 45.16 18.70 -8.50
CA SER G 168 44.86 17.49 -9.24
C SER G 168 46.10 16.61 -9.38
N GLY G 169 45.88 15.29 -9.31
CA GLY G 169 46.99 14.36 -9.39
C GLY G 169 47.86 14.33 -8.14
N VAL G 170 47.27 14.54 -6.98
CA VAL G 170 48.00 14.61 -5.72
C VAL G 170 47.44 13.55 -4.78
N HIS G 171 48.28 12.57 -4.40
CA HIS G 171 47.94 11.56 -3.40
C HIS G 171 48.78 11.82 -2.17
N THR G 172 48.13 12.15 -1.06
CA THR G 172 48.80 12.33 0.22
C THR G 172 48.51 11.09 1.06
N PHE G 173 49.49 10.20 1.13
CA PHE G 173 49.30 8.94 1.81
C PHE G 173 49.24 9.17 3.32
N PRO G 174 48.49 8.35 4.05
CA PRO G 174 48.38 8.52 5.50
C PRO G 174 49.71 8.26 6.20
N ALA G 175 49.75 8.66 7.46
CA ALA G 175 50.96 8.57 8.26
C ALA G 175 51.04 7.23 8.97
N VAL G 176 52.27 6.84 9.30
CA VAL G 176 52.56 5.58 9.98
C VAL G 176 53.62 5.83 11.04
N LEU G 177 53.56 5.04 12.12
CA LEU G 177 54.56 5.12 13.18
C LEU G 177 55.77 4.27 12.80
N GLU G 178 56.94 4.91 12.79
CA GLU G 178 58.19 4.21 12.46
C GLU G 178 58.69 3.44 13.68
N SER G 179 59.27 4.14 14.65
CA SER G 179 59.52 3.61 15.99
C SER G 179 58.55 4.23 16.97
N ASP G 180 58.65 5.53 17.24
CA ASP G 180 57.59 6.27 17.91
C ASP G 180 57.36 7.62 17.26
N LEU G 181 57.75 7.79 15.99
CA LEU G 181 57.52 9.00 15.24
C LEU G 181 56.80 8.68 13.94
N TYR G 182 56.02 9.65 13.45
CA TYR G 182 55.24 9.45 12.24
C TYR G 182 56.11 9.66 10.99
N THR G 183 55.61 9.14 9.87
CA THR G 183 56.26 9.31 8.57
C THR G 183 55.20 9.15 7.49
N LEU G 184 55.16 10.10 6.56
CA LEU G 184 54.21 10.03 5.46
C LEU G 184 54.84 10.63 4.20
N SER G 185 54.09 10.59 3.11
CA SER G 185 54.57 11.10 1.85
C SER G 185 53.39 11.53 1.00
N SER G 186 53.64 12.44 0.05
CA SER G 186 52.63 12.93 -0.86
C SER G 186 53.18 12.93 -2.27
N SER G 187 52.45 12.31 -3.18
CA SER G 187 52.83 12.27 -4.59
C SER G 187 52.13 13.39 -5.35
N VAL G 188 52.77 13.81 -6.44
CA VAL G 188 52.19 14.78 -7.36
C VAL G 188 52.67 14.44 -8.76
N THR G 189 51.74 14.43 -9.72
CA THR G 189 52.02 14.01 -11.09
C THR G 189 51.65 15.16 -12.03
N VAL G 190 52.67 15.73 -12.65
CA VAL G 190 52.49 16.81 -13.63
C VAL G 190 53.12 16.34 -14.94
N PRO G 191 52.76 16.96 -16.06
CA PRO G 191 53.38 16.58 -17.34
C PRO G 191 54.86 16.88 -17.35
N SER G 192 55.54 16.40 -18.39
CA SER G 192 56.97 16.62 -18.48
C SER G 192 57.30 18.04 -18.87
N SER G 193 56.34 18.78 -19.40
CA SER G 193 56.60 20.16 -19.81
C SER G 193 57.03 21.06 -18.66
N PRO G 194 56.35 21.07 -17.50
CA PRO G 194 56.83 21.92 -16.41
C PRO G 194 57.95 21.33 -15.56
N TRP G 195 58.39 20.09 -15.81
CA TRP G 195 59.44 19.53 -14.96
C TRP G 195 60.75 20.32 -15.00
N PRO G 196 61.28 20.78 -16.15
CA PRO G 196 62.50 21.58 -16.09
C PRO G 196 62.23 23.07 -16.06
N SER G 197 61.01 23.45 -16.40
CA SER G 197 60.72 24.86 -16.62
C SER G 197 60.11 25.53 -15.40
N GLU G 198 59.02 24.96 -14.88
CA GLU G 198 58.29 25.59 -13.79
C GLU G 198 58.58 24.90 -12.46
N THR G 199 58.41 25.65 -11.39
CA THR G 199 58.79 25.21 -10.05
C THR G 199 57.61 24.56 -9.34
N VAL G 200 57.90 23.50 -8.57
CA VAL G 200 56.90 22.76 -7.81
C VAL G 200 57.43 22.54 -6.41
N THR G 201 56.64 22.94 -5.41
CA THR G 201 57.06 22.98 -4.02
C THR G 201 55.99 22.35 -3.15
N CYS G 202 56.43 21.51 -2.21
CA CYS G 202 55.53 20.94 -1.20
C CYS G 202 55.63 21.76 0.08
N ASN G 203 54.48 22.06 0.66
CA ASN G 203 54.38 22.91 1.84
C ASN G 203 53.92 22.04 3.00
N VAL G 204 54.86 21.63 3.84
CA VAL G 204 54.58 20.79 5.00
C VAL G 204 54.53 21.68 6.23
N ALA G 205 53.45 21.55 7.01
CA ALA G 205 53.28 22.30 8.24
C ALA G 205 53.00 21.34 9.39
N HIS G 206 53.59 21.63 10.55
CA HIS G 206 53.43 20.81 11.75
C HIS G 206 53.08 21.75 12.89
N PRO G 207 51.78 21.97 13.14
CA PRO G 207 51.39 22.94 14.17
C PRO G 207 51.91 22.61 15.56
N ALA G 208 51.97 21.32 15.91
CA ALA G 208 52.41 20.94 17.25
C ALA G 208 53.82 21.43 17.54
N SER G 209 54.70 21.36 16.56
CA SER G 209 56.06 21.85 16.71
C SER G 209 56.23 23.28 16.21
N SER G 210 55.15 23.93 15.78
CA SER G 210 55.18 25.30 15.30
C SER G 210 56.21 25.47 14.18
N THR G 211 56.06 24.65 13.14
CA THR G 211 57.04 24.53 12.07
C THR G 211 56.35 24.52 10.72
N LYS G 212 56.88 25.30 9.79
CA LYS G 212 56.41 25.34 8.40
C LYS G 212 57.59 25.19 7.46
N VAL G 213 57.52 24.22 6.56
CA VAL G 213 58.62 23.91 5.64
C VAL G 213 58.09 23.93 4.22
N ASP G 214 58.86 24.55 3.33
CA ASP G 214 58.57 24.60 1.90
C ASP G 214 59.82 24.14 1.16
N LYS G 215 59.72 22.99 0.49
CA LYS G 215 60.84 22.37 -0.20
C LYS G 215 60.56 22.38 -1.69
N LYS G 216 61.34 23.17 -2.44
CA LYS G 216 61.22 23.21 -3.89
C LYS G 216 61.93 22.02 -4.48
N ILE G 217 61.20 21.26 -5.30
CA ILE G 217 61.72 20.00 -5.85
C ILE G 217 62.61 20.33 -7.06
N VAL G 218 63.90 20.05 -6.92
CA VAL G 218 64.87 20.34 -7.99
C VAL G 218 65.42 19.01 -8.50
N PRO G 219 65.94 18.95 -9.73
CA PRO G 219 66.44 17.68 -10.24
C PRO G 219 67.68 17.21 -9.48
N ARG G 220 67.90 15.90 -9.52
CA ARG G 220 69.08 15.31 -8.90
C ARG G 220 70.32 15.66 -9.72
N ASP G 221 71.33 16.20 -9.06
CA ASP G 221 72.54 16.68 -9.74
C ASP G 221 73.78 15.91 -9.31
N GLN H 1 23.98 -0.11 26.76
CA GLN H 1 24.79 -0.11 25.56
C GLN H 1 24.22 -1.05 24.50
N ILE H 2 24.15 -0.56 23.27
CA ILE H 2 23.62 -1.31 22.15
C ILE H 2 24.74 -1.42 21.12
N VAL H 3 25.08 -2.66 20.75
CA VAL H 3 26.12 -2.91 19.76
C VAL H 3 25.50 -2.93 18.37
N LEU H 4 26.04 -2.11 17.47
CA LEU H 4 25.59 -2.04 16.09
C LEU H 4 26.62 -2.74 15.22
N SER H 5 26.20 -3.85 14.59
CA SER H 5 27.05 -4.66 13.73
C SER H 5 26.76 -4.31 12.27
N GLN H 6 27.79 -3.92 11.53
CA GLN H 6 27.66 -3.56 10.13
C GLN H 6 28.30 -4.65 9.27
N SER H 7 27.51 -5.21 8.35
CA SER H 7 27.95 -6.26 7.45
C SER H 7 27.45 -5.98 6.04
N PRO H 8 28.29 -6.19 5.02
CA PRO H 8 29.67 -6.65 5.14
C PRO H 8 30.63 -5.53 5.52
N ALA H 9 31.84 -5.88 5.98
CA ALA H 9 32.83 -4.86 6.28
C ALA H 9 33.28 -4.14 5.01
N ILE H 10 33.49 -4.89 3.93
CA ILE H 10 33.85 -4.35 2.62
C ILE H 10 32.81 -4.84 1.63
N LEU H 11 32.18 -3.91 0.92
CA LEU H 11 31.12 -4.23 -0.05
C LEU H 11 31.63 -3.93 -1.45
N SER H 12 32.00 -4.98 -2.18
CA SER H 12 32.51 -4.86 -3.54
C SER H 12 31.37 -4.98 -4.53
N ALA H 13 31.27 -4.01 -5.44
CA ALA H 13 30.18 -4.00 -6.41
C ALA H 13 30.61 -3.24 -7.66
N SER H 14 30.03 -3.63 -8.81
CA SER H 14 30.26 -2.96 -10.07
C SER H 14 29.18 -1.91 -10.32
N PRO H 15 29.50 -0.85 -11.08
CA PRO H 15 28.53 0.23 -11.26
C PRO H 15 27.21 -0.27 -11.86
N GLY H 16 26.11 0.22 -11.29
CA GLY H 16 24.77 -0.20 -11.67
C GLY H 16 24.17 -1.26 -10.77
N GLU H 17 24.99 -2.01 -10.03
CA GLU H 17 24.48 -3.08 -9.19
C GLU H 17 23.57 -2.54 -8.09
N LYS H 18 22.63 -3.39 -7.67
CA LYS H 18 21.71 -3.10 -6.57
C LYS H 18 22.31 -3.72 -5.31
N VAL H 19 22.89 -2.86 -4.47
CA VAL H 19 23.62 -3.30 -3.29
C VAL H 19 22.86 -2.88 -2.04
N THR H 20 23.10 -3.61 -0.96
CA THR H 20 22.45 -3.36 0.31
C THR H 20 23.38 -3.78 1.44
N MET H 21 23.61 -2.87 2.38
CA MET H 21 24.35 -3.17 3.59
C MET H 21 23.37 -3.37 4.75
N THR H 22 23.87 -3.95 5.83
CA THR H 22 23.02 -4.37 6.93
C THR H 22 23.57 -3.89 8.25
N CYS H 23 22.70 -3.30 9.07
CA CYS H 23 23.03 -2.83 10.42
C CYS H 23 22.21 -3.68 11.39
N ARG H 24 22.88 -4.65 12.02
CA ARG H 24 22.25 -5.56 12.97
C ARG H 24 22.51 -5.07 14.38
N ALA H 25 21.44 -4.81 15.14
CA ALA H 25 21.53 -4.27 16.48
C ALA H 25 21.41 -5.37 17.51
N SER H 26 22.15 -5.22 18.62
CA SER H 26 22.12 -6.23 19.68
C SER H 26 20.73 -6.38 20.26
N SER H 27 20.10 -5.27 20.63
CA SER H 27 18.71 -5.24 21.07
C SER H 27 17.89 -4.47 20.03
N SER H 28 16.59 -4.38 20.28
CA SER H 28 15.72 -3.68 19.34
C SER H 28 15.94 -2.18 19.44
N VAL H 29 15.90 -1.51 18.29
CA VAL H 29 16.04 -0.07 18.21
C VAL H 29 14.94 0.49 17.33
N THR H 30 14.45 1.69 17.65
CA THR H 30 13.31 2.25 16.93
C THR H 30 13.70 2.96 15.64
N TYR H 31 14.98 3.31 15.46
CA TYR H 31 15.39 3.99 14.24
C TYR H 31 16.90 3.85 14.10
N ILE H 32 17.37 4.11 12.87
CA ILE H 32 18.79 4.09 12.55
C ILE H 32 19.08 5.27 11.63
N HIS H 33 20.03 6.11 12.02
CA HIS H 33 20.55 7.18 11.19
C HIS H 33 21.73 6.66 10.38
N TRP H 34 21.90 7.22 9.18
CA TRP H 34 22.98 6.83 8.29
C TRP H 34 23.82 8.04 7.93
N TYR H 35 25.15 7.87 8.00
CA TYR H 35 26.10 8.92 7.67
C TYR H 35 27.15 8.36 6.71
N GLN H 36 27.50 9.18 5.72
CA GLN H 36 28.51 8.83 4.72
C GLN H 36 29.79 9.60 5.02
N GLN H 37 30.92 8.91 4.98
CA GLN H 37 32.21 9.54 5.23
C GLN H 37 33.17 9.16 4.12
N LYS H 38 33.69 10.17 3.41
CA LYS H 38 34.72 10.05 2.40
C LYS H 38 36.04 10.62 2.93
N PRO H 39 37.18 9.99 2.61
CA PRO H 39 38.46 10.37 3.24
C PRO H 39 38.72 11.88 3.19
N GLY H 40 39.39 12.37 4.23
CA GLY H 40 39.71 13.78 4.34
C GLY H 40 38.62 14.65 4.91
N SER H 41 37.43 14.11 5.14
CA SER H 41 36.30 14.90 5.61
C SER H 41 35.60 14.16 6.76
N SER H 42 34.83 14.93 7.51
CA SER H 42 34.04 14.38 8.61
C SER H 42 32.84 13.65 8.05
N PRO H 43 32.16 12.83 8.88
CA PRO H 43 30.94 12.18 8.43
C PRO H 43 29.91 13.19 7.94
N LYS H 44 29.09 12.75 7.00
CA LYS H 44 28.06 13.59 6.42
C LYS H 44 26.70 12.95 6.65
N PRO H 45 25.70 13.70 7.10
CA PRO H 45 24.36 13.12 7.27
C PRO H 45 23.82 12.62 5.94
N TRP H 46 23.35 11.38 5.94
CA TRP H 46 22.92 10.73 4.70
C TRP H 46 21.45 10.31 4.75
N ILE H 47 21.09 9.39 5.63
CA ILE H 47 19.71 8.92 5.74
C ILE H 47 19.20 9.21 7.15
N GLN H 48 18.08 9.93 7.23
CA GLN H 48 17.47 10.35 8.46
C GLN H 48 16.28 9.46 8.79
N ALA H 49 16.16 9.07 10.05
CA ALA H 49 15.01 8.31 10.56
C ALA H 49 14.75 7.07 9.72
N THR H 50 15.78 6.26 9.57
CA THR H 50 15.73 4.96 8.90
C THR H 50 15.53 5.06 7.39
N SER H 51 14.63 5.92 6.92
CA SER H 51 14.29 5.95 5.51
C SER H 51 14.35 7.32 4.85
N SER H 52 14.29 8.41 5.60
CA SER H 52 14.28 9.73 5.00
C SER H 52 15.68 10.11 4.54
N LEU H 53 15.77 10.70 3.35
CA LEU H 53 17.05 11.05 2.75
C LEU H 53 17.43 12.49 3.12
N ALA H 54 18.69 12.67 3.51
CA ALA H 54 19.20 14.01 3.74
C ALA H 54 19.15 14.82 2.46
N SER H 55 19.18 16.14 2.62
CA SER H 55 19.07 17.03 1.49
C SER H 55 20.25 16.82 0.54
N GLY H 56 19.94 16.66 -0.75
CA GLY H 56 20.96 16.42 -1.74
C GLY H 56 21.36 14.99 -1.93
N VAL H 57 20.97 14.09 -1.03
CA VAL H 57 21.30 12.67 -1.19
C VAL H 57 20.52 12.12 -2.39
N PRO H 58 21.18 11.48 -3.35
CA PRO H 58 20.49 11.06 -4.57
C PRO H 58 19.40 10.04 -4.28
N ALA H 59 18.37 10.04 -5.13
CA ALA H 59 17.21 9.17 -4.92
C ALA H 59 17.57 7.69 -4.96
N ARG H 60 18.68 7.33 -5.61
CA ARG H 60 19.06 5.91 -5.67
C ARG H 60 19.26 5.33 -4.27
N PHE H 61 19.60 6.16 -3.30
CA PHE H 61 19.79 5.69 -1.94
C PHE H 61 18.45 5.42 -1.28
N SER H 62 18.45 4.44 -0.39
CA SER H 62 17.22 4.04 0.28
C SER H 62 17.56 3.37 1.60
N GLY H 63 16.70 3.58 2.58
CA GLY H 63 16.88 2.97 3.89
C GLY H 63 15.61 2.28 4.34
N SER H 64 15.79 1.20 5.09
CA SER H 64 14.66 0.39 5.55
C SER H 64 15.12 -0.47 6.72
N GLY H 65 14.15 -1.08 7.38
CA GLY H 65 14.41 -1.98 8.48
C GLY H 65 13.68 -1.55 9.74
N SER H 66 13.73 -2.44 10.72
CA SER H 66 13.05 -2.26 12.00
C SER H 66 13.63 -3.26 12.99
N GLY H 67 13.37 -3.01 14.26
CA GLY H 67 13.81 -3.93 15.30
C GLY H 67 15.31 -4.05 15.40
N THR H 68 15.84 -5.23 15.08
CA THR H 68 17.28 -5.47 15.13
C THR H 68 17.91 -5.60 13.76
N SER H 69 17.18 -5.28 12.69
CA SER H 69 17.68 -5.43 11.33
C SER H 69 17.30 -4.18 10.53
N TYR H 70 18.30 -3.40 10.14
CA TYR H 70 18.12 -2.25 9.27
C TYR H 70 19.07 -2.39 8.08
N SER H 71 18.89 -1.51 7.10
CA SER H 71 19.66 -1.66 5.88
C SER H 71 19.74 -0.33 5.15
N LEU H 72 20.70 -0.25 4.23
CA LEU H 72 20.84 0.85 3.28
C LEU H 72 21.05 0.24 1.90
N SER H 73 20.32 0.76 0.92
CA SER H 73 20.31 0.17 -0.41
C SER H 73 20.56 1.22 -1.49
N ILE H 74 21.34 0.85 -2.49
CA ILE H 74 21.59 1.68 -3.67
C ILE H 74 21.07 0.94 -4.89
N SER H 75 20.16 1.57 -5.62
CA SER H 75 19.51 0.89 -6.75
C SER H 75 20.49 0.68 -7.90
N ARG H 76 21.11 1.75 -8.37
CA ARG H 76 22.13 1.68 -9.42
C ARG H 76 23.38 2.38 -8.89
N VAL H 77 24.34 1.57 -8.44
CA VAL H 77 25.55 2.12 -7.82
C VAL H 77 26.29 2.99 -8.84
N GLU H 78 26.68 4.18 -8.39
CA GLU H 78 27.47 5.11 -9.19
C GLU H 78 28.86 5.23 -8.58
N ALA H 79 29.81 5.67 -9.40
CA ALA H 79 31.20 5.72 -8.96
C ALA H 79 31.38 6.61 -7.74
N GLU H 80 30.58 7.67 -7.64
CA GLU H 80 30.69 8.62 -6.54
C GLU H 80 30.20 8.06 -5.22
N ASP H 81 29.61 6.87 -5.21
CA ASP H 81 29.09 6.31 -3.98
C ASP H 81 30.14 5.58 -3.16
N ALA H 82 31.34 5.38 -3.70
CA ALA H 82 32.40 4.69 -2.96
C ALA H 82 32.82 5.48 -1.73
N ALA H 83 32.51 4.95 -0.55
CA ALA H 83 32.82 5.61 0.71
C ALA H 83 32.56 4.62 1.83
N THR H 84 32.76 5.08 3.07
CA THR H 84 32.42 4.33 4.25
C THR H 84 31.10 4.84 4.80
N TYR H 85 30.20 3.91 5.14
CA TYR H 85 28.87 4.23 5.62
C TYR H 85 28.71 3.76 7.05
N TYR H 86 28.23 4.65 7.93
CA TYR H 86 28.01 4.34 9.34
C TYR H 86 26.54 4.47 9.70
N CYS H 87 26.05 3.49 10.45
CA CYS H 87 24.71 3.53 11.03
C CYS H 87 24.78 3.91 12.50
N GLN H 88 23.82 4.71 12.95
CA GLN H 88 23.80 5.28 14.28
C GLN H 88 22.43 5.03 14.91
N GLN H 89 22.45 4.67 16.19
CA GLN H 89 21.22 4.49 16.96
C GLN H 89 21.24 5.41 18.18
N TRP H 90 20.04 5.76 18.63
CA TRP H 90 19.88 6.33 19.97
C TRP H 90 18.49 6.04 20.50
N SER H 91 18.18 4.75 20.67
CA SER H 91 16.95 4.33 21.35
C SER H 91 17.14 4.21 22.85
N SER H 92 18.38 4.23 23.32
CA SER H 92 18.71 4.20 24.73
C SER H 92 20.13 4.69 24.90
N ASN H 93 20.39 5.34 26.02
CA ASN H 93 21.74 5.77 26.35
C ASN H 93 22.62 4.53 26.49
N PRO H 94 23.83 4.50 25.89
CA PRO H 94 24.41 5.59 25.10
C PRO H 94 24.11 5.51 23.62
N LEU H 95 24.23 6.62 22.91
CA LEU H 95 24.15 6.62 21.46
C LEU H 95 25.39 5.93 20.90
N THR H 96 25.18 4.89 20.09
CA THR H 96 26.28 4.11 19.54
C THR H 96 26.24 4.13 18.03
N PHE H 97 27.43 4.09 17.42
CA PHE H 97 27.58 4.02 15.98
C PHE H 97 27.89 2.59 15.56
N GLY H 98 28.04 2.39 14.25
CA GLY H 98 28.43 1.11 13.70
C GLY H 98 29.89 1.09 13.31
N ALA H 99 30.41 -0.13 13.12
CA ALA H 99 31.80 -0.27 12.68
C ALA H 99 32.02 0.36 11.31
N GLY H 100 31.01 0.33 10.46
CA GLY H 100 31.08 0.90 9.13
C GLY H 100 31.08 -0.17 8.05
N THR H 101 30.57 0.20 6.88
CA THR H 101 30.66 -0.61 5.67
C THR H 101 31.34 0.24 4.60
N LYS H 102 32.57 -0.14 4.25
CA LYS H 102 33.31 0.57 3.21
C LYS H 102 32.91 0.05 1.85
N LEU H 103 32.57 0.95 0.94
CA LEU H 103 32.00 0.60 -0.35
C LEU H 103 33.11 0.55 -1.39
N GLU H 104 33.42 -0.66 -1.87
CA GLU H 104 34.36 -0.85 -2.96
C GLU H 104 33.60 -0.97 -4.27
N LEU H 105 34.07 -0.24 -5.29
CA LEU H 105 33.42 -0.21 -6.59
C LEU H 105 34.36 -0.76 -7.65
N LYS H 106 33.87 -1.75 -8.40
CA LYS H 106 34.67 -2.38 -9.44
C LYS H 106 34.99 -1.40 -10.55
N ARG H 107 36.12 -1.63 -11.20
CA ARG H 107 36.66 -0.67 -12.15
C ARG H 107 37.46 -1.44 -13.19
N ALA H 108 37.93 -0.72 -14.21
CA ALA H 108 38.85 -1.31 -15.15
C ALA H 108 40.11 -1.75 -14.43
N ASP H 109 40.57 -2.96 -14.73
CA ASP H 109 41.81 -3.46 -14.16
C ASP H 109 42.96 -2.53 -14.51
N ALA H 110 43.47 -1.81 -13.51
CA ALA H 110 44.46 -0.77 -13.71
C ALA H 110 45.80 -1.22 -13.13
N ALA H 111 46.87 -1.02 -13.90
CA ALA H 111 48.21 -1.27 -13.40
C ALA H 111 48.74 -0.03 -12.66
N PRO H 112 49.41 -0.23 -11.53
CA PRO H 112 49.89 0.93 -10.75
C PRO H 112 51.03 1.64 -11.46
N THR H 113 50.97 2.98 -11.48
CA THR H 113 52.05 3.81 -12.03
C THR H 113 53.13 3.88 -10.96
N VAL H 114 54.07 2.96 -11.05
CA VAL H 114 55.14 2.87 -10.05
C VAL H 114 56.18 3.95 -10.30
N SER H 115 56.86 4.37 -9.24
CA SER H 115 57.97 5.31 -9.38
C SER H 115 58.83 5.22 -8.12
N ILE H 116 60.13 4.98 -8.31
CA ILE H 116 61.06 4.85 -7.19
C ILE H 116 61.89 6.13 -7.10
N PHE H 117 62.40 6.42 -5.89
CA PHE H 117 63.17 7.64 -5.61
C PHE H 117 64.35 7.25 -4.72
N PRO H 118 65.57 7.60 -5.09
CA PRO H 118 66.71 7.40 -4.19
C PRO H 118 66.66 8.42 -3.05
N PRO H 119 67.35 8.13 -1.94
CA PRO H 119 67.32 9.08 -0.81
C PRO H 119 67.98 10.40 -1.19
N SER H 120 67.36 11.50 -0.74
CA SER H 120 67.84 12.82 -1.11
C SER H 120 69.22 13.06 -0.52
N SER H 121 70.05 13.79 -1.27
CA SER H 121 71.40 14.10 -0.79
C SER H 121 71.36 14.88 0.52
N GLU H 122 70.27 15.62 0.76
CA GLU H 122 70.11 16.33 2.04
C GLU H 122 70.00 15.33 3.19
N GLN H 123 69.20 14.28 3.02
CA GLN H 123 69.06 13.28 4.06
C GLN H 123 70.35 12.51 4.28
N LEU H 124 71.12 12.29 3.21
CA LEU H 124 72.38 11.56 3.33
C LEU H 124 73.34 12.26 4.27
N THR H 125 73.44 13.59 4.16
CA THR H 125 74.32 14.34 5.04
C THR H 125 73.91 14.19 6.50
N SER H 126 72.62 14.03 6.76
CA SER H 126 72.15 13.87 8.13
C SER H 126 72.44 12.49 8.69
N GLY H 127 72.93 11.56 7.87
CA GLY H 127 73.18 10.21 8.33
C GLY H 127 72.12 9.17 8.00
N GLY H 128 70.99 9.55 7.41
CA GLY H 128 69.96 8.61 7.03
C GLY H 128 69.86 8.45 5.53
N ALA H 129 68.98 7.53 5.11
CA ALA H 129 68.87 7.19 3.68
C ALA H 129 67.59 6.37 3.54
N SER H 130 66.53 7.00 3.05
CA SER H 130 65.24 6.38 2.83
C SER H 130 64.94 6.37 1.35
N VAL H 131 64.56 5.21 0.83
CA VAL H 131 64.15 5.03 -0.56
C VAL H 131 62.64 4.96 -0.60
N VAL H 132 62.02 5.80 -1.46
CA VAL H 132 60.58 5.87 -1.57
C VAL H 132 60.14 5.21 -2.87
N CYS H 133 58.98 4.56 -2.82
CA CYS H 133 58.42 3.85 -3.97
C CYS H 133 56.92 4.06 -3.97
N PHE H 134 56.41 4.78 -4.98
CA PHE H 134 54.99 5.05 -5.12
C PHE H 134 54.34 4.04 -6.05
N LEU H 135 53.10 3.68 -5.76
CA LEU H 135 52.31 2.79 -6.60
C LEU H 135 50.89 3.34 -6.66
N ASN H 136 50.60 4.11 -7.72
CA ASN H 136 49.40 4.93 -7.76
C ASN H 136 48.43 4.45 -8.84
N ASN H 137 47.14 4.66 -8.54
CA ASN H 137 46.04 4.48 -9.48
C ASN H 137 46.03 3.08 -10.07
N PHE H 138 45.89 2.10 -9.18
CA PHE H 138 45.77 0.71 -9.58
C PHE H 138 44.44 0.14 -9.12
N TYR H 139 44.02 -0.93 -9.79
CA TYR H 139 42.86 -1.74 -9.43
C TYR H 139 43.04 -3.17 -9.92
N PRO H 140 42.71 -4.18 -9.09
CA PRO H 140 42.12 -4.15 -7.75
C PRO H 140 43.04 -3.65 -6.63
N LYS H 141 42.48 -3.58 -5.43
CA LYS H 141 43.24 -3.11 -4.29
C LYS H 141 44.33 -4.09 -3.89
N ASP H 142 44.13 -5.38 -4.16
CA ASP H 142 45.08 -6.40 -3.75
C ASP H 142 46.42 -6.19 -4.44
N ILE H 143 47.48 -6.04 -3.65
CA ILE H 143 48.81 -5.78 -4.19
C ILE H 143 49.83 -6.12 -3.11
N ASN H 144 51.07 -6.37 -3.53
CA ASN H 144 52.16 -6.76 -2.65
C ASN H 144 53.42 -6.00 -3.05
N VAL H 145 54.27 -5.72 -2.06
CA VAL H 145 55.48 -4.93 -2.26
C VAL H 145 56.63 -5.55 -1.48
N LYS H 146 57.79 -5.64 -2.12
CA LYS H 146 59.03 -6.12 -1.51
C LYS H 146 60.21 -5.32 -2.05
N TRP H 147 61.24 -5.17 -1.22
CA TRP H 147 62.47 -4.45 -1.58
C TRP H 147 63.60 -5.45 -1.75
N LYS H 148 64.31 -5.37 -2.87
CA LYS H 148 65.40 -6.28 -3.20
C LYS H 148 66.70 -5.49 -3.30
N ILE H 149 67.42 -5.41 -2.18
CA ILE H 149 68.73 -4.76 -2.13
C ILE H 149 69.76 -5.72 -2.74
N ASP H 150 70.27 -5.38 -3.93
CA ASP H 150 71.24 -6.20 -4.65
C ASP H 150 70.75 -7.64 -4.83
N GLY H 151 69.42 -7.80 -4.94
CA GLY H 151 68.80 -9.09 -5.09
C GLY H 151 68.18 -9.64 -3.82
N SER H 152 68.73 -9.30 -2.66
CA SER H 152 68.27 -9.85 -1.39
C SER H 152 67.20 -8.95 -0.77
N GLU H 153 66.18 -9.58 -0.18
CA GLU H 153 65.07 -8.84 0.41
C GLU H 153 65.49 -8.18 1.72
N ARG H 154 64.84 -7.04 2.04
CA ARG H 154 65.14 -6.24 3.23
C ARG H 154 63.83 -5.71 3.81
N GLN H 155 63.04 -6.60 4.39
CA GLN H 155 61.77 -6.20 4.97
C GLN H 155 61.94 -5.31 6.21
N ASN H 156 63.11 -5.40 6.86
CA ASN H 156 63.33 -4.59 8.06
C ASN H 156 63.53 -3.13 7.67
N GLY H 157 62.69 -2.26 8.20
CA GLY H 157 62.75 -0.84 7.92
C GLY H 157 61.81 -0.35 6.86
N VAL H 158 60.79 -1.11 6.51
CA VAL H 158 59.88 -0.80 5.42
C VAL H 158 58.55 -0.34 6.01
N LEU H 159 58.11 0.85 5.62
CA LEU H 159 56.83 1.40 6.02
C LEU H 159 55.93 1.53 4.80
N ASN H 160 54.66 1.12 4.96
CA ASN H 160 53.71 1.11 3.86
C ASN H 160 52.46 1.87 4.26
N SER H 161 51.86 2.58 3.30
CA SER H 161 50.65 3.35 3.53
C SER H 161 49.77 3.26 2.29
N TRP H 162 48.47 3.12 2.51
CA TRP H 162 47.50 2.91 1.45
C TRP H 162 46.39 3.95 1.56
N THR H 163 45.95 4.48 0.43
CA THR H 163 44.78 5.33 0.41
C THR H 163 43.53 4.48 0.15
N ASP H 164 42.40 4.97 0.65
CA ASP H 164 41.14 4.33 0.30
C ASP H 164 40.78 4.61 -1.16
N GLN H 165 39.70 3.99 -1.61
CA GLN H 165 39.31 4.11 -3.01
C GLN H 165 39.02 5.56 -3.37
N ASP H 166 39.62 6.00 -4.47
CA ASP H 166 39.35 7.34 -4.98
C ASP H 166 37.93 7.39 -5.53
N SER H 167 37.14 8.35 -5.03
CA SER H 167 35.76 8.46 -5.46
C SER H 167 35.62 8.86 -6.92
N LYS H 168 36.67 9.47 -7.50
CA LYS H 168 36.58 9.93 -8.89
C LYS H 168 36.83 8.78 -9.87
N ASP H 169 38.01 8.16 -9.81
CA ASP H 169 38.40 7.15 -10.78
C ASP H 169 38.38 5.72 -10.22
N SER H 170 37.96 5.55 -8.97
CA SER H 170 37.77 4.24 -8.34
C SER H 170 39.07 3.43 -8.24
N THR H 171 40.22 4.09 -8.30
CA THR H 171 41.50 3.42 -8.18
C THR H 171 42.08 3.59 -6.78
N TYR H 172 43.18 2.87 -6.52
CA TYR H 172 43.87 2.91 -5.24
C TYR H 172 45.32 3.35 -5.45
N SER H 173 45.97 3.73 -4.35
CA SER H 173 47.35 4.19 -4.41
C SER H 173 48.06 3.84 -3.11
N MET H 174 49.34 3.49 -3.22
CA MET H 174 50.13 3.00 -2.11
C MET H 174 51.54 3.57 -2.16
N SER H 175 52.09 3.85 -0.98
CA SER H 175 53.46 4.33 -0.84
C SER H 175 54.26 3.43 0.09
N SER H 176 55.48 3.11 -0.32
CA SER H 176 56.40 2.27 0.44
C SER H 176 57.73 2.97 0.56
N THR H 177 58.37 2.81 1.72
CA THR H 177 59.62 3.51 2.02
C THR H 177 60.50 2.64 2.89
N LEU H 178 61.64 2.22 2.34
CA LEU H 178 62.67 1.48 3.06
C LEU H 178 63.72 2.46 3.57
N THR H 179 63.81 2.58 4.90
CA THR H 179 64.80 3.44 5.53
C THR H 179 66.05 2.65 5.89
N LEU H 180 67.21 3.29 5.74
CA LEU H 180 68.49 2.65 5.97
C LEU H 180 69.47 3.68 6.52
N THR H 181 70.47 3.19 7.24
CA THR H 181 71.56 4.04 7.67
C THR H 181 72.40 4.45 6.46
N LYS H 182 72.98 5.64 6.54
CA LYS H 182 73.85 6.12 5.46
C LYS H 182 74.95 5.10 5.15
N ASP H 183 75.52 4.50 6.19
CA ASP H 183 76.58 3.51 5.98
C ASP H 183 76.03 2.30 5.23
N GLU H 184 74.92 1.75 5.69
CA GLU H 184 74.37 0.55 5.05
C GLU H 184 73.94 0.85 3.61
N TYR H 185 73.44 2.06 3.37
CA TYR H 185 73.03 2.43 2.01
C TYR H 185 74.22 2.42 1.06
N GLU H 186 75.37 2.89 1.53
CA GLU H 186 76.55 2.98 0.67
C GLU H 186 77.15 1.62 0.36
N ARG H 187 76.87 0.62 1.20
CA ARG H 187 77.53 -0.69 1.06
C ARG H 187 76.95 -1.50 -0.07
N HIS H 188 75.84 -1.07 -0.66
CA HIS H 188 75.17 -1.78 -1.73
C HIS H 188 75.01 -0.87 -2.94
N ASN H 189 74.68 -1.47 -4.08
CA ASN H 189 74.50 -0.75 -5.34
C ASN H 189 73.06 -0.77 -5.81
N SER H 190 72.46 -1.96 -5.95
CA SER H 190 71.15 -2.10 -6.56
C SER H 190 70.06 -1.99 -5.50
N TYR H 191 69.06 -1.14 -5.75
CA TYR H 191 67.93 -1.00 -4.84
C TYR H 191 66.63 -1.14 -5.63
N THR H 192 65.94 -2.25 -5.44
CA THR H 192 64.78 -2.63 -6.22
C THR H 192 63.49 -2.53 -5.40
N CYS H 193 62.39 -2.22 -6.10
CA CYS H 193 61.06 -2.14 -5.51
C CYS H 193 60.16 -3.06 -6.33
N GLU H 194 59.86 -4.24 -5.80
CA GLU H 194 59.09 -5.26 -6.49
C GLU H 194 57.64 -5.21 -6.04
N ALA H 195 56.72 -5.33 -7.00
CA ALA H 195 55.29 -5.23 -6.71
C ALA H 195 54.54 -6.33 -7.45
N THR H 196 53.66 -7.03 -6.72
CA THR H 196 52.92 -8.18 -7.25
C THR H 196 51.44 -7.82 -7.32
N HIS H 197 50.91 -7.72 -8.53
CA HIS H 197 49.55 -7.24 -8.75
C HIS H 197 48.87 -8.12 -9.78
N LYS H 198 47.54 -8.13 -9.70
CA LYS H 198 46.74 -8.97 -10.59
C LYS H 198 46.98 -8.61 -12.06
N THR H 199 47.42 -7.38 -12.30
CA THR H 199 47.56 -6.91 -13.67
C THR H 199 48.69 -7.60 -14.43
N SER H 200 49.50 -8.40 -13.76
CA SER H 200 50.63 -9.05 -14.42
C SER H 200 51.01 -10.32 -13.69
N THR H 201 51.47 -11.31 -14.47
CA THR H 201 51.98 -12.54 -13.88
C THR H 201 53.36 -12.34 -13.27
N SER H 202 54.21 -11.55 -13.92
CA SER H 202 55.52 -11.17 -13.42
C SER H 202 55.42 -9.88 -12.63
N PRO H 203 56.21 -9.73 -11.57
CA PRO H 203 56.05 -8.54 -10.71
C PRO H 203 56.59 -7.29 -11.38
N ILE H 204 55.87 -6.19 -11.21
CA ILE H 204 56.29 -4.89 -11.73
C ILE H 204 57.43 -4.40 -10.83
N VAL H 205 58.66 -4.49 -11.32
CA VAL H 205 59.82 -4.06 -10.56
C VAL H 205 60.27 -2.69 -11.03
N LYS H 206 60.88 -1.94 -10.12
CA LYS H 206 61.49 -0.66 -10.44
C LYS H 206 62.74 -0.53 -9.59
N SER H 207 63.90 -0.58 -10.24
CA SER H 207 65.18 -0.55 -9.56
C SER H 207 65.97 0.67 -10.02
N PHE H 208 66.80 1.17 -9.12
CA PHE H 208 67.80 2.19 -9.46
C PHE H 208 69.16 1.72 -8.98
N ASN H 209 70.17 1.96 -9.80
CA ASN H 209 71.54 1.59 -9.48
C ASN H 209 72.34 2.84 -9.19
N ARG H 210 73.16 2.79 -8.15
CA ARG H 210 74.07 3.89 -7.85
C ARG H 210 75.21 3.89 -8.85
N ASN H 211 74.87 3.79 -10.14
CA ASN H 211 75.82 3.71 -11.24
C ASN H 211 76.95 2.73 -10.95
N VAL I 21 -45.00 23.29 13.50
CA VAL I 21 -43.93 23.20 12.53
C VAL I 21 -43.73 24.55 11.84
N MET I 22 -42.52 25.06 11.89
CA MET I 22 -42.19 26.41 11.42
C MET I 22 -41.28 26.31 10.21
N LEU I 23 -41.87 26.51 9.03
CA LEU I 23 -41.11 26.57 7.77
C LEU I 23 -41.28 27.98 7.20
N VAL I 24 -40.26 28.80 7.35
CA VAL I 24 -40.29 30.21 6.90
C VAL I 24 -39.09 30.42 5.99
N GLU I 25 -39.36 30.70 4.71
CA GLU I 25 -38.32 30.94 3.72
C GLU I 25 -38.24 32.43 3.39
N SER I 26 -37.06 32.85 2.94
CA SER I 26 -36.83 34.25 2.61
C SER I 26 -35.70 34.35 1.60
N GLY I 27 -35.58 35.52 0.98
CA GLY I 27 -34.50 35.79 0.05
C GLY I 27 -34.93 36.12 -1.37
N GLY I 28 -36.23 36.21 -1.65
CA GLY I 28 -36.67 36.46 -3.02
C GLY I 28 -36.52 37.91 -3.42
N ASP I 29 -35.89 38.13 -4.58
CA ASP I 29 -35.62 39.47 -5.09
C ASP I 29 -35.66 39.45 -6.62
N LEU I 30 -35.84 40.63 -7.20
CA LEU I 30 -35.76 40.76 -8.66
C LEU I 30 -34.31 40.54 -9.09
N VAL I 31 -34.08 39.49 -9.87
CA VAL I 31 -32.74 39.16 -10.34
C VAL I 31 -32.68 39.31 -11.85
N LYS I 32 -31.55 39.78 -12.35
CA LYS I 32 -31.40 39.90 -13.79
C LYS I 32 -31.12 38.54 -14.41
N PRO I 33 -31.60 38.30 -15.62
CA PRO I 33 -31.36 37.01 -16.27
C PRO I 33 -29.88 36.74 -16.41
N GLY I 34 -29.49 35.48 -16.17
CA GLY I 34 -28.11 35.08 -16.14
C GLY I 34 -27.49 35.14 -14.76
N GLY I 35 -27.96 36.05 -13.91
CA GLY I 35 -27.45 36.17 -12.57
C GLY I 35 -27.89 35.02 -11.67
N SER I 36 -27.44 35.08 -10.42
CA SER I 36 -27.71 34.04 -9.45
C SER I 36 -28.43 34.60 -8.23
N LEU I 37 -28.93 33.69 -7.39
CA LEU I 37 -29.64 34.04 -6.17
C LEU I 37 -29.82 32.82 -5.27
N LYS I 38 -29.40 32.92 -4.01
CA LYS I 38 -29.54 31.85 -3.04
C LYS I 38 -30.60 32.25 -2.01
N VAL I 39 -31.67 31.45 -1.90
CA VAL I 39 -32.74 31.67 -0.93
C VAL I 39 -32.65 30.59 0.15
N SER I 40 -33.02 30.97 1.38
CA SER I 40 -32.92 30.10 2.53
C SER I 40 -34.30 29.79 3.12
N CYS I 41 -34.33 28.74 3.93
CA CYS I 41 -35.54 28.28 4.61
C CYS I 41 -35.20 27.96 6.05
N ALA I 42 -35.97 28.51 6.99
CA ALA I 42 -35.73 28.33 8.42
C ALA I 42 -36.67 27.26 8.97
N ALA I 43 -36.09 26.14 9.42
CA ALA I 43 -36.83 25.03 9.98
C ALA I 43 -36.92 25.16 11.49
N SER I 44 -38.09 24.85 12.04
CA SER I 44 -38.31 24.89 13.49
C SER I 44 -39.55 24.08 13.83
N GLY I 45 -39.51 23.43 14.98
CA GLY I 45 -40.63 22.63 15.45
C GLY I 45 -40.56 21.17 15.07
N PHE I 46 -39.38 20.64 14.81
CA PHE I 46 -39.19 19.24 14.46
C PHE I 46 -37.69 18.97 14.38
N THR I 47 -37.34 17.68 14.36
CA THR I 47 -35.95 17.25 14.28
C THR I 47 -35.50 17.37 12.82
N PHE I 48 -34.89 18.51 12.50
CA PHE I 48 -34.46 18.78 11.13
C PHE I 48 -33.63 17.64 10.55
N SER I 49 -32.66 17.14 11.32
CA SER I 49 -31.77 16.09 10.83
C SER I 49 -32.49 14.78 10.53
N ASN I 50 -33.78 14.64 10.86
CA ASN I 50 -34.49 13.40 10.63
C ASN I 50 -35.45 13.46 9.45
N TYR I 51 -35.70 14.62 8.85
CA TYR I 51 -36.62 14.71 7.74
C TYR I 51 -35.92 15.33 6.53
N ALA I 52 -36.23 14.81 5.34
CA ALA I 52 -35.63 15.32 4.12
C ALA I 52 -36.49 16.44 3.53
N MET I 53 -35.82 17.47 3.02
CA MET I 53 -36.48 18.67 2.53
C MET I 53 -36.41 18.77 1.01
N SER I 54 -37.36 19.54 0.46
CA SER I 54 -37.45 19.75 -0.97
C SER I 54 -37.95 21.16 -1.27
N TRP I 55 -37.59 21.67 -2.44
CA TRP I 55 -38.09 22.94 -2.95
C TRP I 55 -39.06 22.69 -4.10
N VAL I 56 -40.19 23.40 -4.09
CA VAL I 56 -41.20 23.30 -5.13
C VAL I 56 -41.67 24.70 -5.46
N ARG I 57 -41.47 25.13 -6.72
CA ARG I 57 -41.90 26.44 -7.13
C ARG I 57 -43.30 26.41 -7.74
N GLN I 58 -43.97 27.57 -7.70
CA GLN I 58 -45.29 27.75 -8.28
C GLN I 58 -45.24 28.92 -9.25
N THR I 59 -45.39 28.63 -10.54
CA THR I 59 -45.36 29.67 -11.55
C THR I 59 -46.54 30.62 -11.38
N PRO I 60 -46.48 31.81 -12.01
CA PRO I 60 -47.65 32.70 -11.95
C PRO I 60 -48.90 32.07 -12.57
N GLU I 61 -48.73 31.12 -13.49
CA GLU I 61 -49.81 30.32 -14.04
C GLU I 61 -50.36 29.28 -13.06
N LYS I 62 -49.93 29.38 -11.80
CA LYS I 62 -50.36 28.47 -10.73
C LYS I 62 -50.02 27.02 -11.07
N ARG I 63 -48.84 26.80 -11.63
CA ARG I 63 -48.33 25.47 -11.92
C ARG I 63 -47.26 25.10 -10.89
N LEU I 64 -47.29 23.85 -10.43
CA LEU I 64 -46.37 23.38 -9.40
C LEU I 64 -45.26 22.56 -10.04
N GLU I 65 -44.02 23.04 -9.89
CA GLU I 65 -42.84 22.37 -10.42
C GLU I 65 -41.91 21.99 -9.26
N TRP I 66 -41.47 20.74 -9.24
CA TRP I 66 -40.48 20.31 -8.27
C TRP I 66 -39.11 20.85 -8.64
N VAL I 67 -38.41 21.41 -7.67
CA VAL I 67 -37.12 22.07 -7.91
C VAL I 67 -35.94 21.21 -7.48
N ALA I 68 -35.94 20.73 -6.24
CA ALA I 68 -34.81 19.93 -5.76
C ALA I 68 -35.21 19.20 -4.48
N THR I 69 -34.50 18.12 -4.20
CA THR I 69 -34.66 17.32 -2.99
C THR I 69 -33.30 17.06 -2.38
N ILE I 70 -33.21 17.11 -1.06
CA ILE I 70 -31.97 16.87 -0.33
C ILE I 70 -32.22 15.84 0.76
N SER I 71 -31.24 14.97 1.00
CA SER I 71 -31.37 13.94 2.03
C SER I 71 -31.18 14.55 3.42
N SER I 72 -31.59 13.80 4.43
CA SER I 72 -31.53 14.27 5.82
C SER I 72 -30.15 14.80 6.19
N GLY I 73 -29.09 14.13 5.71
CA GLY I 73 -27.75 14.55 6.06
C GLY I 73 -27.00 15.20 4.93
N ALA I 74 -27.74 15.75 3.96
CA ALA I 74 -27.18 16.54 2.86
C ALA I 74 -26.09 15.80 2.09
N SER I 75 -26.21 14.47 2.03
CA SER I 75 -25.29 13.68 1.22
C SER I 75 -25.80 13.39 -0.17
N TYR I 76 -27.11 13.21 -0.35
CA TYR I 76 -27.71 12.95 -1.64
C TYR I 76 -28.66 14.08 -2.01
N THR I 77 -28.58 14.52 -3.27
CA THR I 77 -29.44 15.55 -3.81
C THR I 77 -30.12 15.05 -5.08
N HIS I 78 -31.21 15.71 -5.44
CA HIS I 78 -31.94 15.38 -6.65
C HIS I 78 -32.44 16.64 -7.32
N TYR I 79 -32.26 16.73 -8.63
CA TYR I 79 -32.68 17.88 -9.41
C TYR I 79 -33.25 17.36 -10.72
N PRO I 80 -34.33 17.98 -11.22
CA PRO I 80 -34.81 17.64 -12.56
C PRO I 80 -33.94 18.25 -13.64
N ASP I 81 -34.06 17.69 -14.84
CA ASP I 81 -33.25 18.15 -15.98
C ASP I 81 -33.33 19.66 -16.18
N SER I 82 -34.48 20.27 -15.86
CA SER I 82 -34.66 21.70 -16.06
C SER I 82 -33.55 22.51 -15.39
N VAL I 83 -33.32 22.31 -14.10
CA VAL I 83 -32.38 23.11 -13.34
C VAL I 83 -31.08 22.36 -13.04
N LYS I 84 -30.91 21.15 -13.56
CA LYS I 84 -29.69 20.41 -13.29
C LYS I 84 -28.47 21.16 -13.80
N GLY I 85 -27.50 21.36 -12.92
CA GLY I 85 -26.32 22.12 -13.23
C GLY I 85 -26.46 23.61 -13.02
N ARG I 86 -27.69 24.11 -12.93
CA ARG I 86 -27.97 25.52 -12.69
C ARG I 86 -28.24 25.82 -11.23
N PHE I 87 -29.07 25.00 -10.58
CA PHE I 87 -29.41 25.19 -9.17
C PHE I 87 -28.61 24.21 -8.32
N THR I 88 -28.44 24.56 -7.05
CA THR I 88 -27.70 23.73 -6.09
C THR I 88 -28.36 23.86 -4.72
N ILE I 89 -28.98 22.77 -4.24
CA ILE I 89 -29.58 22.76 -2.91
C ILE I 89 -28.53 22.42 -1.86
N SER I 90 -28.76 22.89 -0.64
CA SER I 90 -27.86 22.66 0.48
C SER I 90 -28.62 22.85 1.77
N ARG I 91 -28.03 22.39 2.88
CA ARG I 91 -28.64 22.53 4.18
C ARG I 91 -27.59 22.53 5.28
N ASP I 92 -27.87 23.27 6.34
CA ASP I 92 -27.02 23.35 7.54
C ASP I 92 -27.79 22.70 8.68
N ASN I 93 -27.57 21.41 8.90
CA ASN I 93 -28.28 20.70 9.97
C ASN I 93 -28.06 21.36 11.32
N ALA I 94 -26.89 21.95 11.54
CA ALA I 94 -26.65 22.64 12.82
C ALA I 94 -27.48 23.90 12.91
N LYS I 95 -27.44 24.74 11.88
CA LYS I 95 -28.20 25.98 11.86
C LYS I 95 -29.67 25.79 11.53
N ASN I 96 -30.08 24.54 11.26
CA ASN I 96 -31.48 24.20 10.96
C ASN I 96 -32.04 25.05 9.81
N THR I 97 -31.29 25.08 8.70
CA THR I 97 -31.67 25.90 7.56
C THR I 97 -31.48 25.11 6.27
N LEU I 98 -32.26 25.48 5.26
CA LEU I 98 -32.22 24.87 3.95
C LEU I 98 -31.92 25.97 2.93
N TYR I 99 -30.87 25.77 2.13
CA TYR I 99 -30.44 26.76 1.16
C TYR I 99 -30.66 26.24 -0.26
N LEU I 100 -30.87 27.18 -1.18
CA LEU I 100 -31.10 26.88 -2.59
C LEU I 100 -30.43 27.95 -3.44
N GLN I 101 -29.28 27.61 -4.01
CA GLN I 101 -28.54 28.50 -4.90
C GLN I 101 -29.05 28.30 -6.32
N MET I 102 -29.37 29.39 -7.01
CA MET I 102 -29.92 29.35 -8.36
C MET I 102 -29.03 30.19 -9.26
N SER I 103 -28.22 29.53 -10.09
CA SER I 103 -27.36 30.24 -11.02
C SER I 103 -27.93 30.20 -12.44
N SER I 104 -27.44 31.14 -13.26
CA SER I 104 -27.85 31.29 -14.65
C SER I 104 -29.37 31.29 -14.79
N LEU I 105 -30.03 32.09 -13.95
CA LEU I 105 -31.48 32.13 -13.92
C LEU I 105 -32.05 32.59 -15.26
N ARG I 106 -33.27 32.11 -15.56
CA ARG I 106 -33.95 32.40 -16.81
C ARG I 106 -35.36 32.89 -16.50
N SER I 107 -35.97 33.53 -17.49
CA SER I 107 -37.31 34.09 -17.30
C SER I 107 -38.29 33.05 -16.79
N GLU I 108 -38.12 31.80 -17.22
CA GLU I 108 -39.03 30.75 -16.76
C GLU I 108 -38.87 30.48 -15.27
N ASP I 109 -37.68 30.72 -14.72
CA ASP I 109 -37.49 30.48 -13.29
C ASP I 109 -38.16 31.54 -12.43
N THR I 110 -39.04 32.35 -13.00
CA THR I 110 -39.74 33.38 -12.25
C THR I 110 -40.97 32.76 -11.62
N ALA I 111 -40.82 32.31 -10.38
CA ALA I 111 -41.88 31.57 -9.73
C ALA I 111 -41.87 31.84 -8.23
N MET I 112 -42.89 31.31 -7.58
CA MET I 112 -43.04 31.39 -6.13
C MET I 112 -42.50 30.09 -5.53
N TYR I 113 -41.31 30.15 -4.94
CA TYR I 113 -40.62 28.96 -4.43
C TYR I 113 -41.06 28.64 -3.01
N TYR I 114 -41.43 27.36 -2.78
CA TYR I 114 -41.95 26.91 -1.49
C TYR I 114 -40.99 25.89 -0.87
N CYS I 115 -40.73 26.03 0.42
CA CYS I 115 -39.89 25.10 1.17
C CYS I 115 -40.77 24.03 1.82
N GLY I 116 -40.63 22.79 1.36
CA GLY I 116 -41.45 21.70 1.83
C GLY I 116 -40.63 20.59 2.48
N ARG I 117 -41.26 19.87 3.41
CA ARG I 117 -40.64 18.77 4.13
C ARG I 117 -41.26 17.46 3.69
N GLN I 118 -40.43 16.53 3.23
CA GLN I 118 -40.93 15.24 2.76
C GLN I 118 -41.34 14.34 3.93
N VAL I 119 -42.32 13.48 3.66
CA VAL I 119 -42.78 12.52 4.66
C VAL I 119 -41.65 11.58 5.02
N ASN I 120 -41.45 11.35 6.32
CA ASN I 120 -40.48 10.37 6.79
C ASN I 120 -41.12 9.10 7.35
N ARG I 121 -42.45 9.05 7.46
CA ARG I 121 -43.10 7.87 8.02
C ARG I 121 -42.78 6.65 7.15
N HIS I 122 -42.71 6.85 5.84
CA HIS I 122 -42.38 5.81 4.89
C HIS I 122 -40.91 6.00 4.52
N ASP I 123 -40.08 5.04 4.89
CA ASP I 123 -38.63 5.14 4.78
C ASP I 123 -38.17 5.11 3.32
N ARG I 124 -38.37 6.20 2.59
CA ARG I 124 -38.06 6.23 1.17
C ARG I 124 -37.60 7.62 0.75
N ALA I 125 -36.55 7.66 -0.07
CA ALA I 125 -35.96 8.92 -0.52
C ALA I 125 -36.99 9.87 -1.14
N LEU I 126 -37.91 9.33 -1.93
CA LEU I 126 -38.92 10.12 -2.65
C LEU I 126 -40.29 9.90 -2.03
N ASP I 127 -40.94 10.99 -1.60
CA ASP I 127 -42.23 10.91 -0.95
C ASP I 127 -42.93 12.26 -1.09
N ALA I 128 -44.17 12.31 -0.62
CA ALA I 128 -44.92 13.56 -0.62
C ALA I 128 -44.36 14.51 0.44
N MET I 129 -45.03 15.65 0.62
CA MET I 129 -44.55 16.72 1.48
C MET I 129 -45.53 17.01 2.60
N ASP I 130 -45.07 16.79 3.84
CA ASP I 130 -45.93 17.01 5.01
C ASP I 130 -46.42 18.44 5.08
N TYR I 131 -45.50 19.40 5.16
CA TYR I 131 -45.85 20.79 5.39
C TYR I 131 -45.21 21.66 4.31
N TRP I 132 -45.72 22.89 4.19
CA TRP I 132 -45.30 23.81 3.16
C TRP I 132 -45.05 25.18 3.77
N GLY I 133 -44.00 25.85 3.30
CA GLY I 133 -43.68 27.18 3.76
C GLY I 133 -44.65 28.22 3.23
N GLN I 134 -44.44 29.46 3.70
CA GLN I 134 -45.28 30.56 3.26
C GLN I 134 -45.03 30.90 1.79
N GLY I 135 -43.76 30.89 1.36
CA GLY I 135 -43.41 31.18 -0.01
C GLY I 135 -42.66 32.48 -0.20
N THR I 136 -41.59 32.44 -1.00
CA THR I 136 -40.79 33.62 -1.33
C THR I 136 -40.76 33.79 -2.86
N SER I 137 -41.09 35.00 -3.32
CA SER I 137 -41.27 35.26 -4.74
C SER I 137 -39.95 35.56 -5.44
N VAL I 138 -39.73 34.92 -6.59
CA VAL I 138 -38.60 35.19 -7.45
C VAL I 138 -39.12 35.78 -8.76
N THR I 139 -38.40 36.78 -9.29
CA THR I 139 -38.75 37.42 -10.56
C THR I 139 -37.47 37.63 -11.37
N VAL I 140 -37.18 36.68 -12.26
CA VAL I 140 -36.03 36.79 -13.14
C VAL I 140 -36.41 37.70 -14.30
N SER I 141 -36.05 38.98 -14.19
CA SER I 141 -36.40 39.96 -15.20
C SER I 141 -35.25 40.91 -15.45
N PRO I 142 -35.12 41.42 -16.68
CA PRO I 142 -34.09 42.42 -17.00
C PRO I 142 -34.60 43.86 -17.05
N ALA I 143 -35.83 44.12 -16.59
CA ALA I 143 -36.41 45.44 -16.69
C ALA I 143 -35.90 46.35 -15.59
N LYS I 144 -36.06 47.65 -15.82
CA LYS I 144 -35.67 48.68 -14.86
C LYS I 144 -36.84 48.99 -13.95
N THR I 145 -36.60 48.99 -12.63
CA THR I 145 -37.64 49.27 -11.65
C THR I 145 -38.05 50.72 -11.78
N THR I 146 -39.25 50.94 -12.30
CA THR I 146 -39.79 52.27 -12.51
C THR I 146 -40.95 52.53 -11.55
N PRO I 147 -41.13 53.76 -11.10
CA PRO I 147 -42.25 54.07 -10.20
C PRO I 147 -43.56 54.09 -10.97
N PRO I 148 -44.70 53.97 -10.28
CA PRO I 148 -45.98 53.98 -10.98
C PRO I 148 -46.54 55.38 -11.17
N SER I 149 -47.29 55.53 -12.26
CA SER I 149 -48.01 56.75 -12.57
C SER I 149 -49.48 56.54 -12.24
N VAL I 150 -49.94 57.19 -11.17
CA VAL I 150 -51.31 57.02 -10.69
C VAL I 150 -52.21 58.05 -11.37
N TYR I 151 -53.32 57.58 -11.94
CA TYR I 151 -54.27 58.45 -12.61
C TYR I 151 -55.67 58.24 -12.03
N PRO I 152 -56.36 59.31 -11.65
CA PRO I 152 -57.71 59.16 -11.11
C PRO I 152 -58.73 58.86 -12.19
N LEU I 153 -59.80 58.17 -11.79
CA LEU I 153 -60.88 57.79 -12.71
C LEU I 153 -62.21 58.30 -12.15
N ALA I 154 -62.66 59.44 -12.66
CA ALA I 154 -63.95 60.03 -12.31
C ALA I 154 -64.89 59.98 -13.51
N PRO I 155 -66.20 59.81 -13.28
CA PRO I 155 -67.15 59.72 -14.41
C PRO I 155 -67.29 61.05 -15.17
N ASN I 162 -76.98 58.29 -11.31
CA ASN I 162 -77.45 56.92 -11.22
C ASN I 162 -77.72 56.52 -9.77
N SER I 163 -78.10 55.26 -9.56
CA SER I 163 -78.36 54.77 -8.22
C SER I 163 -77.08 54.72 -7.39
N MET I 164 -75.97 54.28 -7.99
CA MET I 164 -74.70 54.14 -7.29
C MET I 164 -73.57 54.56 -8.21
N VAL I 165 -72.81 55.58 -7.79
CA VAL I 165 -71.71 56.12 -8.56
C VAL I 165 -70.45 55.28 -8.31
N THR I 166 -69.85 54.76 -9.39
CA THR I 166 -68.61 54.02 -9.33
C THR I 166 -67.42 54.95 -9.57
N LEU I 167 -66.30 54.66 -8.90
CA LEU I 167 -65.07 55.43 -9.02
C LEU I 167 -63.89 54.47 -9.14
N GLY I 168 -62.81 54.95 -9.76
CA GLY I 168 -61.66 54.11 -10.03
C GLY I 168 -60.34 54.82 -9.77
N CYS I 169 -59.27 54.07 -9.96
CA CYS I 169 -57.91 54.55 -9.76
C CYS I 169 -56.97 53.64 -10.55
N LEU I 170 -56.26 54.21 -11.53
CA LEU I 170 -55.39 53.45 -12.42
C LEU I 170 -53.93 53.58 -12.01
N VAL I 171 -53.23 52.44 -11.96
CA VAL I 171 -51.80 52.38 -11.72
C VAL I 171 -51.16 51.84 -12.99
N LYS I 172 -50.50 52.72 -13.75
CA LYS I 172 -49.94 52.32 -15.04
C LYS I 172 -48.44 52.65 -15.10
N GLY I 173 -47.71 51.82 -15.84
CA GLY I 173 -46.29 51.99 -16.08
C GLY I 173 -45.41 51.84 -14.86
N TYR I 174 -45.42 50.67 -14.22
CA TYR I 174 -44.61 50.42 -13.05
C TYR I 174 -43.93 49.07 -13.17
N PHE I 175 -42.84 48.90 -12.40
CA PHE I 175 -42.09 47.66 -12.36
C PHE I 175 -41.28 47.63 -11.07
N PRO I 176 -41.24 46.50 -10.35
CA PRO I 176 -42.01 45.29 -10.60
C PRO I 176 -43.17 45.12 -9.63
N GLU I 177 -43.82 43.96 -9.69
CA GLU I 177 -44.83 43.63 -8.70
C GLU I 177 -44.18 43.57 -7.31
N PRO I 178 -44.94 43.78 -6.24
CA PRO I 178 -46.36 44.15 -6.17
C PRO I 178 -46.56 45.64 -5.97
N VAL I 179 -47.82 46.06 -6.06
CA VAL I 179 -48.22 47.41 -5.69
C VAL I 179 -49.45 47.29 -4.79
N THR I 180 -49.47 48.07 -3.73
CA THR I 180 -50.56 48.04 -2.77
C THR I 180 -51.50 49.21 -3.01
N VAL I 181 -52.80 48.97 -2.84
CA VAL I 181 -53.81 50.00 -3.00
C VAL I 181 -54.89 49.82 -1.93
N THR I 182 -55.42 50.95 -1.46
CA THR I 182 -56.50 50.98 -0.48
C THR I 182 -57.27 52.28 -0.71
N TRP I 183 -58.45 52.39 -0.10
CA TRP I 183 -59.34 53.54 -0.30
C TRP I 183 -59.67 54.18 1.04
N ASN I 184 -59.39 55.48 1.14
CA ASN I 184 -59.66 56.27 2.35
C ASN I 184 -58.98 55.68 3.57
N SER I 185 -57.71 55.28 3.41
CA SER I 185 -56.91 54.71 4.49
C SER I 185 -57.58 53.50 5.14
N GLY I 186 -58.37 52.75 4.39
CA GLY I 186 -59.03 51.58 4.93
C GLY I 186 -60.37 51.85 5.59
N SER I 187 -60.99 52.99 5.34
CA SER I 187 -62.26 53.30 5.97
C SER I 187 -63.36 52.36 5.50
N LEU I 188 -63.43 52.10 4.19
CA LEU I 188 -64.42 51.20 3.61
C LEU I 188 -63.72 50.12 2.78
N SER I 189 -64.24 48.90 2.89
CA SER I 189 -63.67 47.73 2.23
C SER I 189 -64.67 46.99 1.38
N SER I 190 -65.92 46.91 1.84
CA SER I 190 -66.97 46.22 1.10
C SER I 190 -67.36 47.02 -0.14
N GLY I 191 -67.71 46.29 -1.20
CA GLY I 191 -68.10 46.91 -2.45
C GLY I 191 -66.96 47.48 -3.27
N VAL I 192 -65.73 47.05 -2.99
CA VAL I 192 -64.55 47.51 -3.70
C VAL I 192 -63.96 46.34 -4.47
N HIS I 193 -63.41 46.61 -5.66
CA HIS I 193 -62.86 45.57 -6.52
C HIS I 193 -61.55 46.08 -7.12
N THR I 194 -60.43 45.53 -6.66
CA THR I 194 -59.13 45.79 -7.26
C THR I 194 -58.80 44.71 -8.30
N PHE I 195 -58.01 45.09 -9.31
CA PHE I 195 -57.75 44.19 -10.41
C PHE I 195 -56.28 43.83 -10.50
N PRO I 196 -55.95 42.59 -10.89
CA PRO I 196 -54.55 42.19 -11.00
C PRO I 196 -53.82 42.91 -12.12
N ALA I 197 -52.49 42.98 -11.96
CA ALA I 197 -51.64 43.64 -12.95
C ALA I 197 -51.48 42.78 -14.20
N VAL I 198 -51.21 43.44 -15.32
CA VAL I 198 -51.02 42.78 -16.61
C VAL I 198 -49.74 43.27 -17.24
N LEU I 199 -48.98 42.34 -17.86
CA LEU I 199 -47.72 42.68 -18.51
C LEU I 199 -47.97 43.45 -19.80
N GLN I 200 -48.01 44.77 -19.68
CA GLN I 200 -48.26 45.68 -20.80
C GLN I 200 -46.98 46.41 -21.20
N SER I 201 -46.50 46.13 -22.41
CA SER I 201 -45.36 46.84 -22.99
C SER I 201 -44.17 46.85 -22.03
N ASP I 202 -43.76 45.64 -21.64
CA ASP I 202 -42.64 45.40 -20.72
C ASP I 202 -42.94 45.84 -19.30
N LEU I 203 -44.09 46.45 -19.05
CA LEU I 203 -44.40 47.00 -17.73
C LEU I 203 -45.76 46.50 -17.25
N TYR I 204 -45.94 46.47 -15.94
CA TYR I 204 -47.22 46.06 -15.36
C TYR I 204 -48.20 47.23 -15.34
N THR I 205 -49.48 46.90 -15.17
CA THR I 205 -50.54 47.91 -15.09
C THR I 205 -51.78 47.30 -14.47
N LEU I 206 -52.39 48.01 -13.50
CA LEU I 206 -53.62 47.53 -12.89
C LEU I 206 -54.51 48.72 -12.50
N SER I 207 -55.68 48.41 -11.94
CA SER I 207 -56.63 49.44 -11.52
C SER I 207 -57.53 48.86 -10.42
N SER I 208 -58.26 49.76 -9.77
CA SER I 208 -59.22 49.40 -8.73
C SER I 208 -60.54 50.14 -8.95
N SER I 209 -61.62 49.58 -8.41
CA SER I 209 -62.95 50.13 -8.56
C SER I 209 -63.65 50.18 -7.21
N VAL I 210 -64.17 51.35 -6.85
CA VAL I 210 -64.91 51.57 -5.61
C VAL I 210 -66.24 52.23 -5.96
N THR I 211 -67.34 51.53 -5.71
CA THR I 211 -68.68 52.03 -5.95
C THR I 211 -69.29 52.54 -4.65
N VAL I 212 -69.78 53.78 -4.66
CA VAL I 212 -70.36 54.42 -3.48
C VAL I 212 -71.73 54.95 -3.85
N PRO I 213 -72.59 55.19 -2.85
CA PRO I 213 -73.90 55.79 -3.14
C PRO I 213 -73.77 57.19 -3.72
N SER I 214 -74.75 57.54 -4.57
CA SER I 214 -74.74 58.86 -5.21
C SER I 214 -74.75 59.99 -4.19
N SER I 215 -75.34 59.76 -3.01
CA SER I 215 -75.38 60.82 -2.01
C SER I 215 -73.98 61.10 -1.44
N THR I 216 -73.15 60.08 -1.31
CA THR I 216 -71.85 60.22 -0.68
C THR I 216 -70.78 60.84 -1.60
N TRP I 217 -71.08 61.03 -2.89
CA TRP I 217 -70.08 61.62 -3.79
C TRP I 217 -70.78 62.49 -4.83
N PRO I 218 -70.19 63.65 -5.19
CA PRO I 218 -68.90 64.18 -4.73
C PRO I 218 -68.97 65.00 -3.44
N SER I 219 -69.84 64.61 -2.50
CA SER I 219 -69.92 65.31 -1.23
C SER I 219 -68.75 64.97 -0.32
N GLU I 220 -68.31 63.72 -0.33
CA GLU I 220 -67.17 63.26 0.47
C GLU I 220 -65.98 63.00 -0.43
N THR I 221 -64.78 63.19 0.12
CA THR I 221 -63.54 63.01 -0.62
C THR I 221 -63.07 61.56 -0.48
N VAL I 222 -62.86 60.91 -1.62
CA VAL I 222 -62.33 59.55 -1.67
C VAL I 222 -60.89 59.63 -2.15
N THR I 223 -59.97 59.04 -1.38
CA THR I 223 -58.54 59.12 -1.65
C THR I 223 -58.01 57.74 -1.98
N CYS I 224 -57.39 57.61 -3.16
CA CYS I 224 -56.75 56.38 -3.59
C CYS I 224 -55.36 56.28 -2.98
N ASN I 225 -55.14 55.26 -2.14
CA ASN I 225 -53.88 55.10 -1.41
C ASN I 225 -53.05 54.03 -2.09
N VAL I 226 -52.02 54.43 -2.82
CA VAL I 226 -51.15 53.52 -3.55
C VAL I 226 -49.82 53.40 -2.80
N ALA I 227 -49.10 52.32 -3.09
CA ALA I 227 -47.80 52.07 -2.46
C ALA I 227 -46.98 51.12 -3.31
N HIS I 228 -45.85 51.61 -3.85
CA HIS I 228 -44.91 50.77 -4.58
C HIS I 228 -43.63 50.65 -3.77
N PRO I 229 -43.46 49.57 -3.00
CA PRO I 229 -42.26 49.45 -2.16
C PRO I 229 -40.96 49.42 -2.96
N ALA I 230 -40.95 48.71 -4.08
CA ALA I 230 -39.74 48.58 -4.90
C ALA I 230 -39.18 49.93 -5.35
N SER I 231 -39.99 50.99 -5.37
CA SER I 231 -39.52 52.32 -5.70
C SER I 231 -39.85 53.34 -4.61
N SER I 232 -40.29 52.88 -3.44
CA SER I 232 -40.59 53.74 -2.29
C SER I 232 -41.40 54.98 -2.67
N THR I 233 -42.52 54.75 -3.34
CA THR I 233 -43.42 55.83 -3.74
C THR I 233 -44.72 55.67 -2.99
N LYS I 234 -45.22 56.78 -2.44
CA LYS I 234 -46.50 56.82 -1.75
C LYS I 234 -47.36 57.90 -2.41
N VAL I 235 -48.39 57.49 -3.13
CA VAL I 235 -49.30 58.42 -3.80
C VAL I 235 -50.67 58.29 -3.14
N ASP I 236 -51.30 59.43 -2.86
CA ASP I 236 -52.62 59.49 -2.25
C ASP I 236 -53.48 60.50 -3.03
N LYS I 237 -53.84 60.13 -4.26
CA LYS I 237 -54.63 61.00 -5.12
C LYS I 237 -56.11 60.90 -4.78
N LYS I 238 -56.73 62.04 -4.51
CA LYS I 238 -58.17 62.07 -4.33
C LYS I 238 -58.87 62.21 -5.69
N ILE I 239 -60.11 61.76 -5.73
CA ILE I 239 -60.90 61.78 -6.94
C ILE I 239 -61.72 63.07 -6.97
N VAL I 240 -61.50 63.89 -7.99
CA VAL I 240 -62.19 65.17 -8.17
C VAL I 240 -62.90 65.13 -9.52
N PRO I 241 -64.19 65.48 -9.59
CA PRO I 241 -64.94 65.47 -10.86
C PRO I 241 -64.63 66.68 -11.74
N ILE J 22 -43.71 10.98 -15.80
CA ILE J 22 -45.07 10.53 -15.54
C ILE J 22 -46.03 11.72 -15.60
N VAL J 23 -46.71 11.88 -16.74
CA VAL J 23 -47.60 13.01 -16.98
C VAL J 23 -48.88 12.85 -16.14
N MET J 24 -49.18 13.86 -15.32
CA MET J 24 -50.39 13.90 -14.50
C MET J 24 -51.39 14.91 -15.06
N SER J 25 -52.58 14.42 -15.45
CA SER J 25 -53.68 15.21 -15.96
C SER J 25 -54.80 15.31 -14.92
N GLN J 26 -55.49 16.45 -14.90
CA GLN J 26 -56.61 16.68 -13.97
C GLN J 26 -57.77 17.30 -14.75
N SER J 27 -58.78 16.49 -15.11
CA SER J 27 -59.97 17.01 -15.78
C SER J 27 -61.15 17.08 -14.80
N PRO J 28 -61.95 18.15 -14.85
CA PRO J 28 -61.82 19.30 -15.75
C PRO J 28 -60.95 20.42 -15.19
N SER J 29 -60.77 21.48 -15.97
CA SER J 29 -59.99 22.62 -15.49
C SER J 29 -60.73 23.37 -14.40
N SER J 30 -61.98 23.78 -14.66
CA SER J 30 -62.81 24.49 -13.70
C SER J 30 -64.03 23.63 -13.37
N LEU J 31 -64.50 23.74 -12.14
CA LEU J 31 -65.61 22.93 -11.64
C LEU J 31 -66.56 23.80 -10.84
N ALA J 32 -67.71 24.14 -11.43
CA ALA J 32 -68.74 24.90 -10.75
C ALA J 32 -69.51 23.97 -9.82
N VAL J 33 -69.44 24.22 -8.51
CA VAL J 33 -70.05 23.34 -7.52
C VAL J 33 -71.05 24.13 -6.68
N SER J 34 -71.94 23.39 -6.04
CA SER J 34 -72.95 23.94 -5.14
C SER J 34 -72.68 23.43 -3.72
N VAL J 35 -72.83 24.32 -2.75
CA VAL J 35 -72.58 24.02 -1.35
C VAL J 35 -73.33 22.76 -0.92
N GLY J 36 -72.59 21.74 -0.47
CA GLY J 36 -73.13 20.51 0.04
C GLY J 36 -73.18 19.37 -0.97
N GLU J 37 -73.26 19.67 -2.25
CA GLU J 37 -73.35 18.64 -3.27
C GLU J 37 -72.06 17.80 -3.33
N LYS J 38 -72.18 16.66 -4.00
CA LYS J 38 -71.04 15.76 -4.18
C LYS J 38 -70.16 16.23 -5.32
N VAL J 39 -68.84 16.15 -5.13
CA VAL J 39 -67.86 16.63 -6.09
C VAL J 39 -66.81 15.55 -6.33
N THR J 40 -66.46 15.34 -7.60
CA THR J 40 -65.45 14.36 -8.01
C THR J 40 -64.44 14.99 -8.95
N MET J 41 -63.17 14.68 -8.76
CA MET J 41 -62.07 15.18 -9.58
C MET J 41 -61.28 14.02 -10.15
N SER J 42 -60.92 14.09 -11.43
CA SER J 42 -60.19 13.04 -12.11
C SER J 42 -58.69 13.36 -12.17
N CYS J 43 -57.87 12.31 -12.15
CA CYS J 43 -56.42 12.45 -12.29
C CYS J 43 -55.89 11.23 -13.05
N LYS J 44 -55.66 11.41 -14.36
CA LYS J 44 -55.14 10.34 -15.20
C LYS J 44 -53.62 10.41 -15.29
N SER J 45 -52.97 9.28 -15.03
CA SER J 45 -51.52 9.16 -15.05
C SER J 45 -51.05 8.59 -16.37
N SER J 46 -49.79 8.87 -16.70
CA SER J 46 -49.21 8.35 -17.94
C SER J 46 -48.65 6.94 -17.78
N GLN J 47 -48.36 6.51 -16.55
CA GLN J 47 -47.76 5.22 -16.30
C GLN J 47 -48.34 4.64 -15.02
N SER J 48 -48.12 3.35 -14.82
CA SER J 48 -48.55 2.69 -13.60
C SER J 48 -47.81 3.26 -12.39
N LEU J 49 -48.51 3.31 -11.26
CA LEU J 49 -47.98 3.85 -10.02
C LEU J 49 -48.19 2.87 -8.87
N PHE J 50 -48.22 1.58 -9.18
CA PHE J 50 -48.63 0.54 -8.25
C PHE J 50 -47.49 -0.47 -8.08
N TYR J 51 -46.76 -0.38 -6.99
CA TYR J 51 -45.84 -1.47 -6.63
C TYR J 51 -46.67 -2.67 -6.20
N SER J 52 -46.60 -3.74 -7.00
CA SER J 52 -47.45 -4.90 -6.77
C SER J 52 -47.27 -5.49 -5.37
N SER J 53 -46.03 -5.69 -4.95
CA SER J 53 -45.80 -6.29 -3.63
C SER J 53 -46.35 -5.40 -2.51
N ASN J 54 -46.19 -4.08 -2.64
CA ASN J 54 -46.71 -3.18 -1.62
C ASN J 54 -48.20 -2.94 -1.75
N GLN J 55 -48.73 -3.04 -2.97
CA GLN J 55 -50.13 -2.74 -3.25
C GLN J 55 -50.51 -1.37 -2.72
N LYS J 56 -49.67 -0.39 -3.05
CA LYS J 56 -49.86 1.01 -2.66
C LYS J 56 -49.66 1.84 -3.91
N ASN J 57 -50.48 2.87 -4.08
CA ASN J 57 -50.35 3.80 -5.20
C ASN J 57 -49.58 5.02 -4.74
N TYR J 58 -48.55 5.39 -5.50
CA TYR J 58 -47.66 6.49 -5.10
C TYR J 58 -48.19 7.83 -5.62
N LEU J 59 -49.37 8.19 -5.15
CA LEU J 59 -50.04 9.42 -5.55
C LEU J 59 -50.47 10.20 -4.31
N ALA J 60 -50.55 11.52 -4.47
CA ALA J 60 -50.97 12.40 -3.38
C ALA J 60 -51.83 13.54 -3.94
N TRP J 61 -52.76 14.01 -3.11
CA TRP J 61 -53.66 15.11 -3.44
C TRP J 61 -53.39 16.30 -2.53
N TYR J 62 -53.42 17.50 -3.09
CA TYR J 62 -53.17 18.72 -2.34
C TYR J 62 -54.31 19.72 -2.50
N GLN J 63 -54.46 20.58 -1.51
CA GLN J 63 -55.45 21.66 -1.51
C GLN J 63 -54.74 22.98 -1.32
N GLN J 64 -54.84 23.86 -2.32
CA GLN J 64 -54.21 25.17 -2.27
C GLN J 64 -55.28 26.23 -2.05
N LYS J 65 -55.47 26.64 -0.80
CA LYS J 65 -56.44 27.66 -0.47
C LYS J 65 -56.06 28.98 -1.15
N PRO J 66 -57.05 29.79 -1.57
CA PRO J 66 -56.73 31.07 -2.21
C PRO J 66 -55.93 31.98 -1.28
N GLY J 67 -54.81 32.47 -1.79
CA GLY J 67 -53.92 33.28 -0.98
C GLY J 67 -53.30 32.47 0.13
N GLN J 68 -52.81 31.28 -0.20
CA GLN J 68 -52.29 30.36 0.81
C GLN J 68 -51.44 29.30 0.11
N SER J 69 -50.53 28.72 0.89
CA SER J 69 -49.72 27.63 0.38
C SER J 69 -50.53 26.34 0.30
N PRO J 70 -50.12 25.40 -0.56
CA PRO J 70 -50.80 24.11 -0.60
C PRO J 70 -50.67 23.34 0.71
N LYS J 71 -51.54 22.35 0.87
CA LYS J 71 -51.58 21.51 2.06
C LYS J 71 -51.92 20.09 1.65
N LEU J 72 -51.16 19.13 2.17
CA LEU J 72 -51.38 17.73 1.84
C LEU J 72 -52.70 17.23 2.43
N LEU J 73 -53.46 16.51 1.62
CA LEU J 73 -54.71 15.90 2.05
C LEU J 73 -54.59 14.37 2.12
N ILE J 74 -54.23 13.73 1.01
CA ILE J 74 -54.22 12.28 0.90
C ILE J 74 -52.87 11.83 0.35
N TYR J 75 -52.40 10.68 0.84
CA TYR J 75 -51.23 10.00 0.29
C TYR J 75 -51.55 8.51 0.14
N TRP J 76 -50.62 7.78 -0.47
CA TRP J 76 -50.83 6.39 -0.90
C TRP J 76 -52.07 6.40 -1.80
N ALA J 77 -52.99 5.46 -1.66
CA ALA J 77 -54.14 5.51 -2.54
C ALA J 77 -55.31 6.26 -1.92
N SER J 78 -55.61 5.94 -0.67
CA SER J 78 -56.72 6.54 0.06
C SER J 78 -56.33 7.00 1.46
N THR J 79 -55.08 6.78 1.87
CA THR J 79 -54.62 7.09 3.22
C THR J 79 -54.55 8.60 3.39
N ARG J 80 -55.52 9.16 4.10
CA ARG J 80 -55.52 10.59 4.35
C ARG J 80 -54.62 10.93 5.53
N GLU J 81 -54.22 12.20 5.59
CA GLU J 81 -53.29 12.70 6.59
C GLU J 81 -54.03 13.00 7.90
N SER J 82 -53.27 13.03 8.99
CA SER J 82 -53.82 13.29 10.32
C SER J 82 -54.29 14.74 10.40
N GLY J 83 -55.61 14.94 10.47
CA GLY J 83 -56.20 16.26 10.49
C GLY J 83 -56.99 16.62 9.26
N VAL J 84 -57.14 15.69 8.32
CA VAL J 84 -57.89 15.91 7.09
C VAL J 84 -59.33 15.45 7.30
N PRO J 85 -60.33 16.24 6.87
CA PRO J 85 -61.73 15.85 7.11
C PRO J 85 -62.09 14.51 6.50
N ASP J 86 -63.16 13.92 7.05
CA ASP J 86 -63.62 12.61 6.60
C ASP J 86 -64.34 12.66 5.25
N ARG J 87 -64.93 13.81 4.91
CA ARG J 87 -65.68 13.92 3.65
C ARG J 87 -64.78 13.76 2.44
N PHE J 88 -63.50 14.12 2.55
CA PHE J 88 -62.56 13.99 1.44
C PHE J 88 -62.18 12.51 1.30
N THR J 89 -62.74 11.86 0.29
CA THR J 89 -62.53 10.43 0.06
C THR J 89 -62.01 10.25 -1.38
N GLY J 90 -60.71 10.10 -1.52
CA GLY J 90 -60.09 9.85 -2.81
C GLY J 90 -59.80 8.38 -3.00
N SER J 91 -59.93 7.92 -4.25
CA SER J 91 -59.66 6.52 -4.57
C SER J 91 -59.21 6.40 -6.01
N GLY J 92 -58.31 5.44 -6.25
CA GLY J 92 -57.82 5.20 -7.59
C GLY J 92 -56.89 4.00 -7.60
N SER J 93 -56.51 3.60 -8.81
CA SER J 93 -55.62 2.47 -9.00
C SER J 93 -55.08 2.52 -10.43
N GLY J 94 -53.85 2.04 -10.59
CA GLY J 94 -53.23 2.03 -11.90
C GLY J 94 -52.99 3.43 -12.43
N THR J 95 -53.76 3.86 -13.42
CA THR J 95 -53.65 5.21 -13.94
C THR J 95 -54.85 6.09 -13.64
N ASP J 96 -55.99 5.51 -13.27
CA ASP J 96 -57.19 6.28 -12.94
C ASP J 96 -57.20 6.63 -11.46
N PHE J 97 -57.39 7.92 -11.16
CA PHE J 97 -57.42 8.38 -9.77
C PHE J 97 -58.45 9.48 -9.63
N THR J 98 -59.28 9.39 -8.60
CA THR J 98 -60.39 10.32 -8.41
C THR J 98 -60.48 10.76 -6.94
N LEU J 99 -60.79 12.04 -6.74
CA LEU J 99 -61.01 12.63 -5.42
C LEU J 99 -62.48 13.02 -5.29
N THR J 100 -63.17 12.35 -4.36
CA THR J 100 -64.60 12.55 -4.15
C THR J 100 -64.85 13.25 -2.81
N ILE J 101 -65.70 14.26 -2.81
CA ILE J 101 -66.11 14.99 -1.62
C ILE J 101 -67.59 14.71 -1.36
N SER J 102 -67.91 14.30 -0.12
CA SER J 102 -69.28 13.98 0.22
C SER J 102 -70.17 15.22 0.25
N SER J 103 -69.79 16.21 1.07
CA SER J 103 -70.56 17.44 1.22
C SER J 103 -69.59 18.62 1.17
N VAL J 104 -69.70 19.45 0.13
CA VAL J 104 -68.79 20.56 -0.07
C VAL J 104 -69.09 21.66 0.94
N LYS J 105 -68.11 21.96 1.79
CA LYS J 105 -68.20 23.11 2.67
C LYS J 105 -67.75 24.36 1.94
N ALA J 106 -68.27 25.51 2.37
CA ALA J 106 -67.86 26.79 1.79
C ALA J 106 -66.42 27.15 2.11
N GLU J 107 -65.75 26.39 2.97
CA GLU J 107 -64.36 26.65 3.34
C GLU J 107 -63.37 26.05 2.37
N ASP J 108 -63.59 24.81 1.95
CA ASP J 108 -62.65 24.06 1.12
C ASP J 108 -62.83 24.33 -0.38
N LEU J 109 -63.13 25.56 -0.77
CA LEU J 109 -63.22 25.95 -2.17
C LEU J 109 -61.85 26.42 -2.62
N ALA J 110 -61.02 25.48 -3.08
CA ALA J 110 -59.64 25.76 -3.43
C ALA J 110 -59.29 25.04 -4.73
N VAL J 111 -58.05 25.22 -5.17
CA VAL J 111 -57.51 24.50 -6.31
C VAL J 111 -56.88 23.21 -5.81
N TYR J 112 -57.35 22.07 -6.33
CA TYR J 112 -56.90 20.77 -5.89
C TYR J 112 -55.91 20.17 -6.89
N TYR J 113 -54.76 19.74 -6.38
CA TYR J 113 -53.66 19.26 -7.20
C TYR J 113 -53.42 17.78 -7.00
N CYS J 114 -52.88 17.16 -8.05
CA CYS J 114 -52.55 15.75 -8.09
C CYS J 114 -51.04 15.61 -8.31
N GLN J 115 -50.40 14.71 -7.58
CA GLN J 115 -48.95 14.54 -7.67
C GLN J 115 -48.58 13.08 -7.57
N GLN J 116 -47.60 12.68 -8.39
CA GLN J 116 -47.02 11.35 -8.33
C GLN J 116 -45.66 11.42 -7.66
N TYR J 117 -45.35 10.41 -6.85
CA TYR J 117 -44.03 10.30 -6.23
C TYR J 117 -43.48 8.90 -6.40
N TYR J 118 -43.91 8.23 -7.49
CA TYR J 118 -43.45 6.88 -7.78
C TYR J 118 -41.97 6.86 -8.15
N SER J 119 -41.62 7.59 -9.21
CA SER J 119 -40.24 7.66 -9.69
C SER J 119 -39.86 9.11 -9.94
N TYR J 120 -38.56 9.38 -9.87
CA TYR J 120 -38.05 10.71 -10.15
C TYR J 120 -38.26 11.04 -11.63
N PRO J 121 -38.71 12.26 -11.96
CA PRO J 121 -39.07 13.35 -11.04
C PRO J 121 -40.55 13.35 -10.69
N PRO J 122 -40.88 13.79 -9.48
CA PRO J 122 -42.30 13.92 -9.12
C PRO J 122 -42.98 15.01 -9.95
N THR J 123 -44.07 14.64 -10.61
CA THR J 123 -44.80 15.53 -11.49
C THR J 123 -46.18 15.86 -10.90
N PHE J 124 -46.61 17.11 -11.11
CA PHE J 124 -47.87 17.61 -10.58
C PHE J 124 -48.96 17.64 -11.64
N GLY J 125 -50.17 17.96 -11.20
CA GLY J 125 -51.32 18.03 -12.07
C GLY J 125 -51.71 19.46 -12.44
N GLY J 126 -52.68 19.56 -13.34
CA GLY J 126 -53.14 20.86 -13.79
C GLY J 126 -54.00 21.59 -12.77
N GLY J 127 -54.73 20.85 -11.94
CA GLY J 127 -55.57 21.47 -10.94
C GLY J 127 -57.00 21.65 -11.39
N THR J 128 -57.95 21.40 -10.48
CA THR J 128 -59.37 21.60 -10.75
C THR J 128 -59.87 22.67 -9.79
N LYS J 129 -60.14 23.86 -10.32
CA LYS J 129 -60.68 24.94 -9.50
C LYS J 129 -62.14 24.68 -9.15
N LEU J 130 -62.52 24.98 -7.91
CA LEU J 130 -63.89 24.84 -7.44
C LEU J 130 -64.53 26.21 -7.34
N GLU J 131 -65.54 26.45 -8.16
CA GLU J 131 -66.30 27.69 -8.16
C GLU J 131 -67.67 27.47 -7.53
N ILE J 132 -68.28 28.58 -7.11
CA ILE J 132 -69.59 28.55 -6.47
C ILE J 132 -70.66 28.81 -7.52
N LYS J 133 -71.73 28.00 -7.49
CA LYS J 133 -72.82 28.11 -8.46
C LYS J 133 -73.89 29.04 -7.89
N ARG J 134 -73.64 30.34 -8.02
CA ARG J 134 -74.61 31.35 -7.65
C ARG J 134 -75.53 31.67 -8.83
N ALA J 135 -76.63 32.35 -8.52
CA ALA J 135 -77.59 32.75 -9.54
C ALA J 135 -76.97 33.74 -10.52
N ASP J 136 -77.05 33.42 -11.81
CA ASP J 136 -76.50 34.21 -12.91
C ASP J 136 -76.78 35.69 -12.75
N ALA J 137 -75.72 36.48 -12.59
CA ALA J 137 -75.83 37.91 -12.33
C ALA J 137 -75.27 38.71 -13.50
N ALA J 138 -75.98 39.79 -13.88
CA ALA J 138 -75.54 40.69 -14.93
C ALA J 138 -74.54 41.70 -14.35
N PRO J 139 -73.59 42.15 -15.16
CA PRO J 139 -72.58 43.09 -14.64
C PRO J 139 -73.09 44.53 -14.66
N THR J 140 -72.44 45.35 -13.84
CA THR J 140 -72.71 46.78 -13.81
C THR J 140 -71.49 47.47 -14.41
N VAL J 141 -71.60 47.81 -15.70
CA VAL J 141 -70.49 48.43 -16.41
C VAL J 141 -70.34 49.89 -16.02
N SER J 142 -69.12 50.41 -16.19
CA SER J 142 -68.82 51.80 -15.88
C SER J 142 -67.58 52.25 -16.65
N ILE J 143 -67.74 53.27 -17.49
CA ILE J 143 -66.63 53.79 -18.29
C ILE J 143 -66.02 55.01 -17.61
N PHE J 144 -64.75 55.27 -17.91
CA PHE J 144 -64.00 56.38 -17.35
C PHE J 144 -63.12 57.05 -18.41
N PRO J 145 -63.27 58.36 -18.62
CA PRO J 145 -62.40 59.05 -19.57
C PRO J 145 -61.00 59.24 -18.99
N PRO J 146 -59.99 59.42 -19.83
CA PRO J 146 -58.63 59.63 -19.33
C PRO J 146 -58.54 60.91 -18.49
N SER J 147 -57.76 60.83 -17.42
CA SER J 147 -57.64 61.97 -16.51
C SER J 147 -56.87 63.11 -17.16
N SER J 148 -57.21 64.33 -16.76
CA SER J 148 -56.54 65.51 -17.28
C SER J 148 -55.03 65.43 -17.10
N GLU J 149 -54.60 64.95 -15.94
CA GLU J 149 -53.17 64.81 -15.65
C GLU J 149 -52.50 63.84 -16.62
N GLN J 150 -53.17 62.74 -16.95
CA GLN J 150 -52.60 61.77 -17.89
C GLN J 150 -52.38 62.39 -19.26
N LEU J 151 -53.35 63.19 -19.74
CA LEU J 151 -53.21 63.83 -21.04
C LEU J 151 -51.94 64.67 -21.12
N THR J 152 -51.62 65.38 -20.05
CA THR J 152 -50.44 66.24 -20.03
C THR J 152 -49.17 65.47 -20.39
N SER J 153 -49.05 64.23 -19.91
CA SER J 153 -47.86 63.43 -20.17
C SER J 153 -47.77 62.97 -21.63
N GLY J 154 -48.84 63.09 -22.40
CA GLY J 154 -48.85 62.70 -23.80
C GLY J 154 -49.57 61.42 -24.12
N GLY J 155 -50.38 60.89 -23.21
CA GLY J 155 -51.11 59.67 -23.45
C GLY J 155 -52.52 59.77 -22.91
N ALA J 156 -53.37 58.89 -23.40
CA ALA J 156 -54.77 58.85 -22.98
C ALA J 156 -55.30 57.43 -23.11
N SER J 157 -55.72 56.86 -21.98
CA SER J 157 -56.29 55.51 -21.94
C SER J 157 -57.65 55.56 -21.28
N VAL J 158 -58.59 54.79 -21.83
CA VAL J 158 -59.95 54.70 -21.33
C VAL J 158 -60.11 53.35 -20.64
N VAL J 159 -60.68 53.37 -19.44
CA VAL J 159 -60.88 52.17 -18.64
C VAL J 159 -62.37 51.88 -18.54
N CYS J 160 -62.76 50.66 -18.90
CA CYS J 160 -64.13 50.19 -18.80
C CYS J 160 -64.21 49.13 -17.70
N PHE J 161 -64.98 49.41 -16.65
CA PHE J 161 -65.09 48.52 -15.50
C PHE J 161 -66.34 47.63 -15.63
N LEU J 162 -66.16 46.35 -15.32
CA LEU J 162 -67.25 45.37 -15.41
C LEU J 162 -67.10 44.45 -14.20
N ASN J 163 -68.02 44.52 -13.25
CA ASN J 163 -67.84 43.80 -12.00
C ASN J 163 -69.14 43.15 -11.53
N ASN J 164 -68.99 42.26 -10.55
CA ASN J 164 -70.08 41.55 -9.89
C ASN J 164 -71.03 40.88 -10.89
N PHE J 165 -70.49 39.97 -11.70
CA PHE J 165 -71.31 39.22 -12.64
C PHE J 165 -71.03 37.73 -12.51
N TYR J 166 -71.85 36.95 -13.21
CA TYR J 166 -71.81 35.48 -13.23
C TYR J 166 -72.54 35.01 -14.47
N PRO J 167 -72.00 34.04 -15.22
CA PRO J 167 -70.76 33.29 -14.99
C PRO J 167 -69.51 34.00 -15.48
N LYS J 168 -68.41 33.26 -15.61
CA LYS J 168 -67.14 33.87 -16.01
C LYS J 168 -67.17 34.35 -17.45
N ASP J 169 -67.81 33.59 -18.34
CA ASP J 169 -67.86 33.88 -19.76
C ASP J 169 -68.37 35.30 -20.03
N ILE J 170 -67.53 36.11 -20.68
CA ILE J 170 -67.90 37.49 -20.99
C ILE J 170 -66.97 38.01 -22.08
N ASN J 171 -67.53 38.78 -23.01
CA ASN J 171 -66.77 39.41 -24.10
C ASN J 171 -67.04 40.91 -24.11
N VAL J 172 -65.97 41.71 -24.01
CA VAL J 172 -66.05 43.16 -24.01
C VAL J 172 -65.53 43.69 -25.35
N LYS J 173 -66.21 44.71 -25.88
CA LYS J 173 -65.88 45.33 -27.16
C LYS J 173 -65.65 46.82 -26.99
N TRP J 174 -64.67 47.34 -27.72
CA TRP J 174 -64.32 48.77 -27.71
C TRP J 174 -64.70 49.41 -29.04
N LYS J 175 -65.29 50.61 -28.97
CA LYS J 175 -65.78 51.32 -30.15
C LYS J 175 -65.18 52.74 -30.19
N ILE J 176 -64.14 52.92 -31.00
CA ILE J 176 -63.54 54.24 -31.23
C ILE J 176 -64.36 54.91 -32.32
N ASP J 177 -65.31 55.76 -31.93
CA ASP J 177 -66.21 56.44 -32.87
C ASP J 177 -66.92 55.43 -33.78
N GLY J 178 -67.28 54.28 -33.20
CA GLY J 178 -67.94 53.22 -33.94
C GLY J 178 -67.02 52.18 -34.54
N SER J 179 -65.74 52.51 -34.72
CA SER J 179 -64.79 51.58 -35.30
C SER J 179 -64.23 50.63 -34.23
N GLU J 180 -64.14 49.35 -34.60
CA GLU J 180 -63.65 48.28 -33.72
C GLU J 180 -62.13 48.14 -33.81
N ARG J 181 -61.42 48.76 -32.87
CA ARG J 181 -59.97 48.60 -32.74
C ARG J 181 -59.68 47.89 -31.41
N GLN J 182 -59.34 46.61 -31.49
CA GLN J 182 -58.99 45.83 -30.30
C GLN J 182 -57.51 45.81 -30.00
N ASN J 183 -56.69 46.51 -30.80
CA ASN J 183 -55.26 46.54 -30.55
C ASN J 183 -54.94 47.40 -29.34
N GLY J 184 -54.05 46.91 -28.48
CA GLY J 184 -53.66 47.64 -27.29
C GLY J 184 -54.72 47.69 -26.22
N VAL J 185 -55.26 46.53 -25.86
CA VAL J 185 -56.31 46.40 -24.86
C VAL J 185 -55.77 45.60 -23.68
N LEU J 186 -56.21 45.98 -22.47
CA LEU J 186 -55.74 45.40 -21.21
C LEU J 186 -56.93 44.81 -20.46
N ASN J 187 -57.04 43.48 -20.45
CA ASN J 187 -58.16 42.79 -19.83
C ASN J 187 -57.67 41.95 -18.66
N SER J 188 -58.16 42.26 -17.45
CA SER J 188 -57.81 41.56 -16.22
C SER J 188 -59.07 41.07 -15.53
N TRP J 189 -59.00 39.87 -14.94
CA TRP J 189 -60.12 39.24 -14.25
C TRP J 189 -59.80 39.07 -12.77
N THR J 190 -60.85 38.93 -11.96
CA THR J 190 -60.72 38.69 -10.53
C THR J 190 -61.31 37.33 -10.18
N ASP J 191 -60.98 36.86 -8.98
CA ASP J 191 -61.46 35.57 -8.50
C ASP J 191 -62.84 35.71 -7.86
N GLN J 192 -63.36 34.59 -7.36
CA GLN J 192 -64.65 34.56 -6.69
C GLN J 192 -64.66 35.42 -5.43
N ASP J 193 -65.40 36.53 -5.48
CA ASP J 193 -65.50 37.42 -4.34
C ASP J 193 -66.12 36.71 -3.15
N SER J 194 -65.46 36.83 -1.98
CA SER J 194 -65.96 36.15 -0.79
C SER J 194 -67.38 36.57 -0.45
N LYS J 195 -67.69 37.85 -0.63
CA LYS J 195 -68.99 38.36 -0.20
C LYS J 195 -70.11 37.83 -1.09
N ASP J 196 -69.97 38.00 -2.40
CA ASP J 196 -71.06 37.74 -3.33
C ASP J 196 -70.76 36.67 -4.36
N SER J 197 -69.59 36.02 -4.29
CA SER J 197 -69.21 34.96 -5.21
C SER J 197 -69.33 35.40 -6.67
N THR J 198 -68.97 36.65 -6.94
CA THR J 198 -69.04 37.21 -8.27
C THR J 198 -67.65 37.52 -8.81
N TYR J 199 -67.58 37.74 -10.12
CA TYR J 199 -66.35 38.04 -10.83
C TYR J 199 -66.33 39.50 -11.27
N SER J 200 -65.12 40.00 -11.52
CA SER J 200 -64.93 41.38 -11.95
C SER J 200 -63.86 41.43 -13.03
N MET J 201 -64.05 42.33 -13.99
CA MET J 201 -63.13 42.47 -15.12
C MET J 201 -62.87 43.93 -15.41
N SER J 202 -61.62 44.25 -15.78
CA SER J 202 -61.22 45.61 -16.11
C SER J 202 -60.57 45.63 -17.48
N SER J 203 -61.27 46.18 -18.47
CA SER J 203 -60.73 46.37 -19.81
C SER J 203 -60.23 47.80 -19.95
N THR J 204 -59.04 47.97 -20.52
CA THR J 204 -58.39 49.27 -20.63
C THR J 204 -57.83 49.45 -22.03
N LEU J 205 -58.31 50.47 -22.74
CA LEU J 205 -57.87 50.78 -24.10
C LEU J 205 -56.81 51.89 -24.02
N THR J 206 -55.55 51.50 -24.23
CA THR J 206 -54.43 52.42 -24.17
C THR J 206 -54.22 53.10 -25.52
N LEU J 207 -54.17 54.43 -25.51
CA LEU J 207 -53.90 55.20 -26.71
C LEU J 207 -52.99 56.38 -26.39
N THR J 208 -52.50 57.00 -27.45
CA THR J 208 -51.75 58.24 -27.38
C THR J 208 -52.71 59.42 -27.37
N LYS J 209 -52.22 60.55 -26.87
CA LYS J 209 -53.05 61.77 -26.85
C LYS J 209 -53.41 62.20 -28.27
N ASP J 210 -52.48 62.06 -29.21
CA ASP J 210 -52.73 62.48 -30.59
C ASP J 210 -53.96 61.81 -31.17
N GLU J 211 -53.93 60.47 -31.29
CA GLU J 211 -55.06 59.74 -31.88
C GLU J 211 -56.34 59.96 -31.08
N TYR J 212 -56.22 60.04 -29.75
CA TYR J 212 -57.40 60.23 -28.90
C TYR J 212 -58.22 61.45 -29.32
N GLU J 213 -57.56 62.61 -29.50
CA GLU J 213 -58.33 63.81 -29.84
C GLU J 213 -58.95 63.78 -31.23
N ARG J 214 -58.57 62.82 -32.08
CA ARG J 214 -59.13 62.72 -33.42
C ARG J 214 -60.56 62.18 -33.45
N HIS J 215 -61.06 61.64 -32.34
CA HIS J 215 -62.40 61.09 -32.27
C HIS J 215 -63.19 61.76 -31.16
N ASN J 216 -64.52 61.61 -31.22
CA ASN J 216 -65.40 62.29 -30.28
C ASN J 216 -65.99 61.30 -29.27
N SER J 217 -66.88 60.40 -29.71
CA SER J 217 -67.58 59.48 -28.82
C SER J 217 -66.85 58.14 -28.68
N TYR J 218 -66.74 57.65 -27.45
CA TYR J 218 -66.04 56.41 -27.16
C TYR J 218 -67.02 55.44 -26.49
N THR J 219 -67.38 54.38 -27.20
CA THR J 219 -68.37 53.41 -26.74
C THR J 219 -67.72 52.14 -26.21
N CYS J 220 -68.32 51.59 -25.15
CA CYS J 220 -67.90 50.34 -24.53
C CYS J 220 -69.14 49.48 -24.35
N GLU J 221 -69.11 48.27 -24.93
CA GLU J 221 -70.24 47.34 -24.88
C GLU J 221 -69.77 45.96 -24.44
N ALA J 222 -70.66 45.23 -23.78
CA ALA J 222 -70.33 43.92 -23.23
C ALA J 222 -71.33 42.88 -23.71
N THR J 223 -70.82 41.71 -24.08
CA THR J 223 -71.63 40.60 -24.55
C THR J 223 -71.66 39.54 -23.44
N HIS J 224 -72.72 39.56 -22.63
CA HIS J 224 -72.85 38.59 -21.55
C HIS J 224 -74.04 37.68 -21.80
N LYS J 225 -74.02 36.53 -21.11
CA LYS J 225 -75.10 35.55 -21.28
C LYS J 225 -76.46 36.12 -20.90
N THR J 226 -76.49 37.06 -19.96
CA THR J 226 -77.76 37.53 -19.42
C THR J 226 -78.66 38.11 -20.50
N SER J 227 -78.12 38.94 -21.37
CA SER J 227 -78.91 39.64 -22.38
C SER J 227 -78.34 39.40 -23.78
N THR J 228 -79.25 39.34 -24.75
CA THR J 228 -78.84 39.23 -26.13
C THR J 228 -78.30 40.57 -26.64
N SER J 229 -79.02 41.65 -26.37
CA SER J 229 -78.55 42.98 -26.72
C SER J 229 -77.46 43.42 -25.76
N PRO J 230 -76.28 43.79 -26.23
CA PRO J 230 -75.18 44.14 -25.33
C PRO J 230 -75.46 45.42 -24.54
N ILE J 231 -74.96 45.44 -23.31
CA ILE J 231 -75.10 46.60 -22.43
C ILE J 231 -74.08 47.65 -22.84
N VAL J 232 -74.56 48.85 -23.16
CA VAL J 232 -73.70 49.92 -23.68
C VAL J 232 -73.53 51.01 -22.62
N LYS J 233 -72.38 51.66 -22.66
CA LYS J 233 -72.10 52.81 -21.80
C LYS J 233 -70.97 53.60 -22.46
N SER J 234 -71.30 54.79 -22.97
CA SER J 234 -70.37 55.58 -23.76
C SER J 234 -70.41 57.04 -23.34
N PHE J 235 -69.34 57.75 -23.66
CA PHE J 235 -69.23 59.19 -23.40
C PHE J 235 -68.73 59.89 -24.65
N ASN J 236 -69.15 61.15 -24.80
CA ASN J 236 -68.77 61.96 -25.96
C ASN J 236 -68.05 63.21 -25.47
N ARG J 237 -66.76 63.31 -25.82
CA ARG J 237 -65.92 64.47 -25.51
C ARG J 237 -66.18 65.65 -26.46
C1 NAG K . -25.14 -21.61 26.37
C2 NAG K . -26.23 -21.09 27.32
C3 NAG K . -26.96 -22.27 27.99
C4 NAG K . -27.39 -23.31 26.96
C5 NAG K . -26.25 -23.67 26.02
C6 NAG K . -26.70 -24.57 24.88
C7 NAG K . -26.04 -18.96 28.55
C8 NAG K . -25.29 -18.22 29.62
N2 NAG K . -25.63 -20.22 28.32
O3 NAG K . -28.10 -21.75 28.67
O4 NAG K . -27.80 -24.51 27.61
O5 NAG K . -25.72 -22.48 25.42
O6 NAG K . -25.94 -25.78 24.85
O7 NAG K . -26.95 -18.44 27.93
C1 NAG K . -29.16 -24.58 28.06
C2 NAG K . -29.57 -26.06 28.09
C3 NAG K . -30.91 -26.26 28.81
C4 NAG K . -30.94 -25.55 30.16
C5 NAG K . -30.58 -24.10 29.96
C6 NAG K . -30.51 -23.31 31.27
C7 NAG K . -28.66 -27.29 26.14
C8 NAG K . -28.93 -27.75 24.74
N2 NAG K . -29.64 -26.60 26.73
O3 NAG K . -31.10 -27.65 29.02
O4 NAG K . -32.24 -25.65 30.71
O5 NAG K . -29.29 -24.01 29.36
O6 NAG K . -29.43 -23.73 32.09
O7 NAG K . -27.61 -27.56 26.72
C1 BMA K . -32.21 -26.44 31.92
C2 BMA K . -33.56 -26.27 32.62
C3 BMA K . -33.54 -27.04 33.93
C4 BMA K . -33.12 -28.51 33.71
C5 BMA K . -31.80 -28.59 32.88
C6 BMA K . -31.37 -30.01 32.53
O2 BMA K . -34.60 -26.85 31.85
O3 BMA K . -34.80 -26.96 34.61
O4 BMA K . -32.97 -29.16 34.96
O5 BMA K . -31.95 -27.82 31.66
O6 BMA K . -32.39 -30.59 31.72
C1 NAG L . -41.57 -5.24 1.30
C2 NAG L . -42.47 -6.35 0.77
C3 NAG L . -43.92 -5.85 0.65
C4 NAG L . -44.40 -5.21 1.95
C5 NAG L . -43.39 -4.21 2.49
C6 NAG L . -43.72 -3.74 3.89
C7 NAG L . -41.16 -7.88 -0.63
C8 NAG L . -40.78 -8.25 -2.04
N2 NAG L . -42.00 -6.85 -0.51
O3 NAG L . -44.77 -6.93 0.31
O4 NAG L . -45.60 -4.48 1.70
O5 NAG L . -42.07 -4.78 2.56
O6 NAG L . -43.69 -4.81 4.81
O7 NAG L . -40.72 -8.50 0.33
C1 NAG L . -46.76 -5.04 2.33
C2 NAG L . -47.73 -3.91 2.63
C3 NAG L . -49.02 -4.47 3.22
C4 NAG L . -49.64 -5.46 2.24
C5 NAG L . -48.65 -6.58 1.96
C6 NAG L . -49.14 -7.55 0.88
C7 NAG L . -46.87 -1.68 3.17
C8 NAG L . -46.26 -0.81 4.23
N2 NAG L . -47.14 -2.94 3.54
O3 NAG L . -49.91 -3.40 3.51
O4 NAG L . -50.87 -5.98 2.74
O5 NAG L . -47.42 -6.03 1.48
O6 NAG L . -48.19 -8.57 0.62
O7 NAG L . -47.14 -1.26 2.05
C1 BMA L . -51.94 -5.25 2.11
C2 BMA L . -53.02 -6.26 1.62
C3 BMA L . -54.18 -5.47 0.98
C4 BMA L . -54.68 -4.33 1.91
C5 BMA L . -53.48 -3.45 2.37
C6 BMA L . -53.89 -2.35 3.36
O2 BMA L . -53.56 -7.00 2.70
O3 BMA L . -55.26 -6.34 0.59
O4 BMA L . -55.65 -3.53 1.23
O5 BMA L . -52.50 -4.30 3.00
O6 BMA L . -54.43 -2.96 4.51
C1 FUC L . -43.19 -4.35 6.09
C2 FUC L . -42.90 -5.59 6.97
C3 FUC L . -41.58 -6.28 6.54
C4 FUC L . -40.43 -5.27 6.52
C5 FUC L . -40.79 -4.11 5.58
C6 FUC L . -39.77 -2.99 5.59
O2 FUC L . -43.98 -6.53 6.96
O3 FUC L . -41.22 -7.31 7.45
O4 FUC L . -40.20 -4.77 7.84
O5 FUC L . -42.05 -3.49 5.92
C1 NAG M . -27.95 -14.15 24.50
C2 NAG M . -29.14 -13.54 23.72
C3 NAG M . -30.32 -13.25 24.67
C4 NAG M . -30.68 -14.49 25.47
C5 NAG M . -29.44 -15.00 26.21
C6 NAG M . -29.70 -16.28 26.98
C7 NAG M . -28.48 -12.29 21.71
C8 NAG M . -28.10 -10.95 21.16
N2 NAG M . -28.75 -12.33 23.03
O3 NAG M . -31.45 -12.84 23.91
O4 NAG M . -31.72 -14.22 26.40
O5 NAG M . -28.40 -15.29 25.26
O6 NAG M . -29.60 -17.42 26.15
O7 NAG M . -28.53 -13.29 21.00
C1 NAG N . -1.83 23.25 -5.37
C2 NAG N . -2.30 22.49 -6.61
C3 NAG N . -1.11 22.12 -7.50
C4 NAG N . -0.26 23.35 -7.81
C5 NAG N . 0.11 24.08 -6.52
C6 NAG N . 0.81 25.40 -6.77
C7 NAG N . -4.29 21.07 -6.72
C8 NAG N . -4.94 19.81 -6.25
N2 NAG N . -3.06 21.31 -6.25
O3 NAG N . -1.58 21.55 -8.71
O4 NAG N . 0.93 22.96 -8.48
O5 NAG N . -1.07 24.39 -5.75
O6 NAG N . 2.18 25.20 -7.11
O7 NAG N . -4.85 21.85 -7.49
C1 NAG O . -36.39 -11.73 4.00
C2 NAG O . -37.77 -11.61 4.65
C3 NAG O . -38.42 -12.98 4.71
C4 NAG O . -38.52 -13.58 3.31
C5 NAG O . -37.15 -13.64 2.65
C6 NAG O . -37.23 -14.08 1.21
C7 NAG O . -37.77 -9.72 6.22
C8 NAG O . -37.69 -9.31 7.66
N2 NAG O . -37.68 -11.04 5.98
O3 NAG O . -39.70 -12.87 5.32
O4 NAG O . -39.04 -14.91 3.37
O5 NAG O . -36.54 -12.34 2.67
O6 NAG O . -37.61 -15.44 1.11
O7 NAG O . -37.97 -8.91 5.33
#